data_1CJG
#
_entry.id   1CJG
#
_cell.length_a   1.000
_cell.length_b   1.000
_cell.length_c   1.000
_cell.angle_alpha   90.00
_cell.angle_beta   90.00
_cell.angle_gamma   90.00
#
_symmetry.space_group_name_H-M   'P 1'
#
loop_
_entity.id
_entity.type
_entity.pdbx_description
1 polymer "DNA (5'-D(*GP*AP*AP*TP*TP*GP*TP*GP*AP*GP*CP*GP*CP*TP*CP*AP*CP*AP*AP*TP*TP*C)-3')"
2 polymer 'PROTEIN (LAC REPRESSOR)'
#
loop_
_entity_poly.entity_id
_entity_poly.type
_entity_poly.pdbx_seq_one_letter_code
_entity_poly.pdbx_strand_id
1 'polydeoxyribonucleotide'
;(DG)(DA)(DA)(DT)(DT)(DG)(DT)(DG)(DA)(DG)(DC)(DG)(DC)(DT)(DC)(DA)(DC)(DA)(DA)(DT)
(DT)(DC)
;
C,D
2 'polypeptide(L)' MKPVTLYDVAEYAGVSYQTVSRVVNQASHVSAKTREKVEAAMAELNYIPNRVAQQLAGKQSL A,B
#
# COMPACT_ATOMS: atom_id res chain seq x y z
N MET C 1 11.83 -3.64 13.35
CA MET C 1 11.78 -2.92 14.63
C MET C 1 11.13 -1.58 14.48
N LYS C 2 11.89 -0.50 14.30
CA LYS C 2 11.36 0.81 14.05
C LYS C 2 11.48 1.05 12.58
N PRO C 3 10.49 0.99 11.74
CA PRO C 3 10.51 1.68 10.48
C PRO C 3 10.66 3.16 10.50
N VAL C 4 11.24 3.68 9.41
CA VAL C 4 11.55 5.05 9.11
C VAL C 4 10.95 5.26 7.77
N THR C 5 10.82 6.51 7.29
CA THR C 5 10.23 6.78 6.01
C THR C 5 11.18 7.56 5.16
N LEU C 6 10.97 7.51 3.83
CA LEU C 6 11.60 8.35 2.85
C LEU C 6 11.57 9.81 3.16
N TYR C 7 10.50 10.27 3.83
CA TYR C 7 10.30 11.61 4.26
C TYR C 7 11.19 11.97 5.40
N ASP C 8 11.39 11.06 6.36
CA ASP C 8 12.20 11.24 7.53
C ASP C 8 13.64 11.41 7.15
N VAL C 9 14.13 10.60 6.20
CA VAL C 9 15.43 10.69 5.62
C VAL C 9 15.64 11.96 4.85
N ALA C 10 14.63 12.34 4.05
CA ALA C 10 14.60 13.56 3.29
C ALA C 10 14.68 14.79 4.12
N GLU C 11 13.85 14.88 5.17
CA GLU C 11 13.83 15.95 6.14
C GLU C 11 15.12 16.10 6.87
N TYR C 12 15.76 15.00 7.29
CA TYR C 12 17.05 15.02 7.91
C TYR C 12 18.13 15.51 7.01
N ALA C 13 18.28 14.95 5.80
CA ALA C 13 19.32 15.33 4.91
C ALA C 13 19.11 16.68 4.30
N GLY C 14 17.88 17.19 4.35
CA GLY C 14 17.48 18.49 3.87
C GLY C 14 17.17 18.51 2.42
N VAL C 15 16.61 17.40 1.91
CA VAL C 15 16.33 17.17 0.52
C VAL C 15 14.89 16.83 0.31
N SER C 16 14.55 16.39 -0.92
CA SER C 16 13.25 15.93 -1.30
C SER C 16 13.19 14.45 -1.14
N TYR C 17 11.99 13.86 -1.11
CA TYR C 17 11.77 12.45 -0.98
C TYR C 17 12.10 11.72 -2.24
N GLN C 18 12.05 12.40 -3.40
CA GLN C 18 12.50 11.86 -4.64
C GLN C 18 13.98 11.90 -4.75
N THR C 19 14.64 12.83 -4.02
CA THR C 19 16.06 12.88 -3.91
C THR C 19 16.56 11.66 -3.19
N VAL C 20 15.86 11.29 -2.11
CA VAL C 20 16.07 10.09 -1.36
C VAL C 20 15.91 8.85 -2.15
N SER C 21 14.74 8.59 -2.76
CA SER C 21 14.51 7.38 -3.50
C SER C 21 15.41 7.09 -4.64
N ARG C 22 16.08 8.12 -5.22
CA ARG C 22 17.12 7.93 -6.17
C ARG C 22 18.27 7.14 -5.64
N VAL C 23 18.63 7.36 -4.37
CA VAL C 23 19.80 6.77 -3.76
C VAL C 23 19.48 5.38 -3.30
N VAL C 24 18.31 5.25 -2.67
CA VAL C 24 17.74 4.05 -2.13
C VAL C 24 17.37 3.04 -3.14
N ASN C 25 16.44 3.39 -4.06
CA ASN C 25 15.87 2.55 -5.06
C ASN C 25 16.37 2.77 -6.44
N GLN C 26 17.56 3.37 -6.61
CA GLN C 26 18.30 3.47 -7.83
C GLN C 26 17.67 4.17 -8.99
N ALA C 27 17.30 5.44 -8.83
CA ALA C 27 16.79 6.25 -9.90
C ALA C 27 17.90 6.96 -10.59
N SER C 28 17.57 7.89 -11.51
CA SER C 28 18.53 8.55 -12.34
C SER C 28 18.80 9.99 -12.06
N HIS C 29 17.80 10.86 -12.23
CA HIS C 29 18.01 12.28 -12.31
C HIS C 29 18.09 13.06 -11.05
N VAL C 30 19.23 12.94 -10.35
CA VAL C 30 19.57 13.75 -9.21
C VAL C 30 20.92 14.35 -9.47
N SER C 31 21.99 13.78 -8.89
CA SER C 31 23.36 14.21 -8.98
C SER C 31 24.17 13.29 -8.14
N ALA C 32 25.51 13.36 -8.22
CA ALA C 32 26.40 12.61 -7.37
C ALA C 32 26.66 13.35 -6.11
N LYS C 33 26.56 14.70 -6.15
CA LYS C 33 26.76 15.61 -5.07
C LYS C 33 25.84 15.37 -3.92
N THR C 34 24.53 15.43 -4.21
CA THR C 34 23.47 15.26 -3.27
C THR C 34 23.31 13.85 -2.82
N ARG C 35 23.64 12.86 -3.66
CA ARG C 35 23.60 11.46 -3.36
C ARG C 35 24.12 11.04 -2.04
N GLU C 36 25.38 11.42 -1.74
CA GLU C 36 26.08 11.19 -0.51
C GLU C 36 25.54 11.86 0.70
N LYS C 37 24.68 12.88 0.54
CA LYS C 37 24.07 13.58 1.64
C LYS C 37 22.89 12.79 2.10
N VAL C 38 22.19 12.16 1.15
CA VAL C 38 21.15 11.23 1.49
C VAL C 38 21.70 10.03 2.18
N GLU C 39 22.84 9.50 1.71
CA GLU C 39 23.46 8.35 2.29
C GLU C 39 23.78 8.50 3.74
N ALA C 40 24.04 9.74 4.17
CA ALA C 40 24.25 10.12 5.54
C ALA C 40 23.00 10.06 6.35
N ALA C 41 21.82 10.37 5.77
CA ALA C 41 20.57 10.32 6.46
C ALA C 41 20.07 8.95 6.77
N MET C 42 20.18 8.01 5.82
CA MET C 42 19.96 6.60 6.04
C MET C 42 20.71 6.01 7.18
N ALA C 43 21.93 6.52 7.41
CA ALA C 43 22.87 6.00 8.36
C ALA C 43 22.58 6.37 9.78
N GLU C 44 21.96 7.55 10.00
CA GLU C 44 21.63 8.06 11.30
C GLU C 44 20.40 7.43 11.88
N LEU C 45 19.26 7.69 11.21
CA LEU C 45 17.95 7.31 11.66
C LEU C 45 17.68 5.85 11.49
N ASN C 46 18.44 5.22 10.57
CA ASN C 46 18.41 3.84 10.19
C ASN C 46 17.22 3.56 9.34
N TYR C 47 17.20 4.06 8.09
CA TYR C 47 16.12 3.85 7.17
C TYR C 47 15.88 2.44 6.75
N ILE C 48 14.74 1.91 7.21
CA ILE C 48 14.12 0.69 6.79
C ILE C 48 12.95 1.24 6.05
N PRO C 49 12.89 1.21 4.76
CA PRO C 49 11.66 1.27 4.02
C PRO C 49 10.75 0.10 4.14
N ASN C 50 9.47 0.29 3.77
CA ASN C 50 8.46 -0.72 3.73
C ASN C 50 8.43 -1.36 2.39
N ARG C 51 8.54 -2.69 2.33
CA ARG C 51 8.46 -3.46 1.14
C ARG C 51 7.07 -3.48 0.58
N VAL C 52 6.07 -3.25 1.45
CA VAL C 52 4.67 -3.24 1.14
C VAL C 52 4.29 -2.04 0.35
N ALA C 53 4.79 -0.85 0.74
CA ALA C 53 4.67 0.41 0.07
C ALA C 53 5.27 0.38 -1.29
N GLN C 54 6.49 -0.20 -1.36
CA GLN C 54 7.25 -0.43 -2.56
C GLN C 54 6.61 -1.35 -3.52
N GLN C 55 5.73 -2.27 -3.03
CA GLN C 55 5.00 -3.16 -3.87
C GLN C 55 3.70 -2.59 -4.33
N LEU C 56 2.90 -1.99 -3.44
CA LEU C 56 1.61 -1.44 -3.77
C LEU C 56 1.65 -0.32 -4.74
N ALA C 57 2.56 0.63 -4.50
CA ALA C 57 2.79 1.78 -5.34
C ALA C 57 3.67 1.53 -6.51
N GLY C 58 4.48 0.45 -6.48
CA GLY C 58 5.45 0.07 -7.45
C GLY C 58 4.97 -0.30 -8.81
N LYS C 59 4.04 0.51 -9.34
CA LYS C 59 3.42 0.46 -10.64
C LYS C 59 2.76 -0.80 -11.06
N GLN C 60 1.59 -0.70 -11.71
CA GLN C 60 0.88 -1.84 -12.22
C GLN C 60 1.56 -2.47 -13.38
N SER C 61 1.26 -3.75 -13.68
CA SER C 61 1.91 -4.47 -14.73
C SER C 61 1.26 -4.18 -16.04
N LEU C 62 2.06 -3.96 -17.09
CA LEU C 62 1.62 -3.60 -18.40
C LEU C 62 1.45 -4.79 -19.32
N MET D 1 -3.53 -13.69 -11.55
CA MET D 1 -3.98 -13.56 -12.96
C MET D 1 -4.65 -12.26 -13.20
N LYS D 2 -5.96 -12.11 -12.92
CA LYS D 2 -6.69 -10.89 -13.03
C LYS D 2 -7.04 -10.52 -11.63
N PRO D 3 -6.45 -9.58 -10.95
CA PRO D 3 -7.09 -8.93 -9.84
C PRO D 3 -8.36 -8.19 -10.10
N VAL D 4 -9.19 -8.12 -9.03
CA VAL D 4 -10.45 -7.46 -8.93
C VAL D 4 -10.29 -6.62 -7.71
N THR D 5 -11.18 -5.64 -7.45
CA THR D 5 -11.12 -4.83 -6.28
C THR D 5 -12.41 -4.89 -5.55
N LEU D 6 -12.39 -4.52 -4.26
CA LEU D 6 -13.50 -4.28 -3.40
C LEU D 6 -14.58 -3.39 -3.95
N TYR D 7 -14.20 -2.42 -4.80
CA TYR D 7 -15.06 -1.50 -5.47
C TYR D 7 -15.79 -2.12 -6.61
N ASP D 8 -15.16 -3.10 -7.28
CA ASP D 8 -15.68 -3.82 -8.41
C ASP D 8 -16.76 -4.76 -7.95
N VAL D 9 -16.58 -5.43 -6.81
CA VAL D 9 -17.52 -6.25 -6.13
C VAL D 9 -18.69 -5.47 -5.61
N ALA D 10 -18.41 -4.32 -4.98
CA ALA D 10 -19.38 -3.41 -4.46
C ALA D 10 -20.31 -2.85 -5.48
N GLU D 11 -19.77 -2.34 -6.60
CA GLU D 11 -20.47 -1.89 -7.76
C GLU D 11 -21.36 -2.90 -8.38
N TYR D 12 -20.92 -4.17 -8.47
CA TYR D 12 -21.72 -5.25 -9.00
C TYR D 12 -22.85 -5.62 -8.11
N ALA D 13 -22.62 -5.79 -6.80
CA ALA D 13 -23.67 -6.17 -5.91
C ALA D 13 -24.60 -5.06 -5.59
N GLY D 14 -24.19 -3.80 -5.81
CA GLY D 14 -24.99 -2.62 -5.58
C GLY D 14 -24.91 -2.14 -4.18
N VAL D 15 -23.74 -2.36 -3.54
CA VAL D 15 -23.48 -2.03 -2.17
C VAL D 15 -22.31 -1.13 -2.03
N SER D 16 -21.89 -0.85 -0.79
CA SER D 16 -20.74 -0.06 -0.48
C SER D 16 -19.55 -0.95 -0.34
N TYR D 17 -18.32 -0.41 -0.37
CA TYR D 17 -17.11 -1.17 -0.25
C TYR D 17 -16.84 -1.64 1.14
N GLN D 18 -17.42 -0.95 2.13
CA GLN D 18 -17.39 -1.36 3.51
C GLN D 18 -18.39 -2.44 3.78
N THR D 19 -19.42 -2.56 2.93
CA THR D 19 -20.34 -3.66 2.94
C THR D 19 -19.65 -4.93 2.54
N VAL D 20 -18.88 -4.84 1.44
CA VAL D 20 -18.07 -5.88 0.90
C VAL D 20 -17.08 -6.43 1.87
N SER D 21 -16.18 -5.60 2.42
CA SER D 21 -15.15 -6.01 3.33
C SER D 21 -15.60 -6.59 4.62
N ARG D 22 -16.86 -6.36 5.03
CA ARG D 22 -17.43 -7.09 6.11
C ARG D 22 -17.55 -8.55 5.83
N VAL D 23 -17.84 -8.92 4.58
CA VAL D 23 -18.09 -10.29 4.22
C VAL D 23 -16.81 -11.01 4.03
N VAL D 24 -15.91 -10.35 3.27
CA VAL D 24 -14.58 -10.74 2.92
C VAL D 24 -13.66 -10.91 4.07
N ASN D 25 -13.36 -9.82 4.79
CA ASN D 25 -12.40 -9.76 5.86
C ASN D 25 -12.97 -9.72 7.23
N GLN D 26 -14.19 -10.23 7.43
CA GLN D 26 -14.84 -10.46 8.69
C GLN D 26 -15.00 -9.32 9.62
N ALA D 27 -15.82 -8.31 9.24
CA ALA D 27 -16.14 -7.20 10.07
C ALA D 27 -17.47 -7.40 10.73
N SER D 28 -18.00 -6.39 11.44
CA SER D 28 -19.23 -6.53 12.17
C SER D 28 -20.46 -5.97 11.57
N HIS D 29 -20.57 -4.63 11.59
CA HIS D 29 -21.83 -3.94 11.41
C HIS D 29 -22.36 -3.76 10.03
N VAL D 30 -22.97 -4.82 9.48
CA VAL D 30 -23.69 -4.79 8.25
C VAL D 30 -25.04 -5.38 8.49
N SER D 31 -25.24 -6.67 8.18
CA SER D 31 -26.44 -7.42 8.32
C SER D 31 -26.18 -8.77 7.73
N ALA D 32 -27.08 -9.75 7.97
CA ALA D 32 -27.02 -11.04 7.37
C ALA D 32 -27.65 -11.05 6.03
N LYS D 33 -28.61 -10.13 5.81
CA LYS D 33 -29.35 -9.89 4.60
C LYS D 33 -28.47 -9.56 3.45
N THR D 34 -27.71 -8.47 3.61
CA THR D 34 -26.84 -7.94 2.61
C THR D 34 -25.62 -8.76 2.38
N ARG D 35 -25.11 -9.48 3.40
CA ARG D 35 -24.01 -10.38 3.34
C ARG D 35 -23.99 -11.30 2.17
N GLU D 36 -25.11 -12.02 1.95
CA GLU D 36 -25.31 -12.93 0.87
C GLU D 36 -25.33 -12.34 -0.51
N LYS D 37 -25.53 -11.02 -0.65
CA LYS D 37 -25.58 -10.32 -1.90
C LYS D 37 -24.20 -10.02 -2.33
N VAL D 38 -23.32 -9.71 -1.36
CA VAL D 38 -21.92 -9.59 -1.60
C VAL D 38 -21.29 -10.88 -2.01
N GLU D 39 -21.70 -11.99 -1.37
CA GLU D 39 -21.22 -13.30 -1.69
C GLU D 39 -21.44 -13.70 -3.11
N ALA D 40 -22.49 -13.13 -3.73
CA ALA D 40 -22.78 -13.26 -5.12
C ALA D 40 -21.82 -12.49 -5.97
N ALA D 41 -21.40 -11.28 -5.59
CA ALA D 41 -20.49 -10.50 -6.36
C ALA D 41 -19.13 -11.08 -6.48
N MET D 42 -18.55 -11.57 -5.37
CA MET D 42 -17.34 -12.32 -5.30
C MET D 42 -17.23 -13.50 -6.21
N ALA D 43 -18.38 -14.11 -6.53
CA ALA D 43 -18.50 -15.32 -7.28
C ALA D 43 -18.45 -15.09 -8.75
N GLU D 44 -19.06 -13.98 -9.22
CA GLU D 44 -19.15 -13.63 -10.60
C GLU D 44 -17.84 -13.19 -11.16
N LEU D 45 -17.32 -12.07 -10.62
CA LEU D 45 -16.15 -11.41 -11.11
C LEU D 45 -14.90 -12.10 -10.69
N ASN D 46 -15.01 -12.87 -9.60
CA ASN D 46 -13.96 -13.65 -9.00
C ASN D 46 -13.00 -12.74 -8.30
N TYR D 47 -13.44 -12.16 -7.17
CA TYR D 47 -12.63 -11.28 -6.38
C TYR D 47 -11.42 -11.91 -5.77
N ILE D 48 -10.25 -11.43 -6.21
CA ILE D 48 -8.98 -11.68 -5.61
C ILE D 48 -8.69 -10.34 -5.02
N PRO D 49 -8.73 -10.10 -3.74
CA PRO D 49 -8.00 -9.03 -3.11
C PRO D 49 -6.51 -9.12 -3.08
N ASN D 50 -5.91 -7.95 -2.91
CA ASN D 50 -4.49 -7.74 -2.84
C ASN D 50 -4.06 -7.87 -1.42
N ARG D 51 -3.16 -8.82 -1.14
CA ARG D 51 -2.59 -8.98 0.17
C ARG D 51 -1.75 -7.81 0.57
N VAL D 52 -1.21 -7.08 -0.42
CA VAL D 52 -0.36 -5.95 -0.25
C VAL D 52 -1.08 -4.77 0.30
N ALA D 53 -2.28 -4.52 -0.28
CA ALA D 53 -3.24 -3.54 0.12
C ALA D 53 -3.83 -3.83 1.47
N GLN D 54 -3.99 -5.13 1.75
CA GLN D 54 -4.40 -5.58 3.05
C GLN D 54 -3.37 -5.38 4.10
N GLN D 55 -2.07 -5.31 3.74
CA GLN D 55 -1.03 -5.09 4.70
C GLN D 55 -0.69 -3.66 4.92
N LEU D 56 -0.58 -2.85 3.85
CA LEU D 56 -0.22 -1.47 3.92
C LEU D 56 -1.19 -0.65 4.70
N ALA D 57 -2.49 -0.76 4.34
CA ALA D 57 -3.55 -0.11 5.04
C ALA D 57 -4.04 -0.76 6.29
N GLY D 58 -3.74 -2.05 6.51
CA GLY D 58 -4.15 -2.87 7.60
C GLY D 58 -3.72 -2.50 8.98
N LYS D 59 -3.67 -1.18 9.24
CA LYS D 59 -3.30 -0.50 10.44
C LYS D 59 -1.93 -0.76 10.97
N GLN D 60 -1.28 0.27 11.54
CA GLN D 60 0.01 0.17 12.15
C GLN D 60 -0.08 -0.48 13.49
N SER D 61 1.03 -1.07 13.97
CA SER D 61 1.08 -1.71 15.25
C SER D 61 1.22 -0.74 16.37
N LEU D 62 0.38 -0.91 17.40
CA LEU D 62 0.31 -0.09 18.57
C LEU D 62 1.31 -0.52 19.64
N MET C 1 16.06 1.58 15.93
CA MET C 1 15.34 0.29 15.98
C MET C 1 13.94 0.29 15.47
N LYS C 2 13.24 1.44 15.44
CA LYS C 2 11.91 1.52 14.92
C LYS C 2 11.91 1.62 13.42
N PRO C 3 10.88 1.30 12.70
CA PRO C 3 10.64 1.81 11.38
C PRO C 3 10.98 3.22 11.03
N VAL C 4 11.40 3.42 9.77
CA VAL C 4 11.78 4.67 9.20
C VAL C 4 11.00 4.79 7.93
N THR C 5 10.95 5.98 7.29
CA THR C 5 10.30 6.17 6.04
C THR C 5 11.19 7.02 5.20
N LEU C 6 10.97 7.05 3.88
CA LEU C 6 11.60 7.93 2.93
C LEU C 6 11.50 9.38 3.25
N TYR C 7 10.41 9.79 3.93
CA TYR C 7 10.15 11.10 4.44
C TYR C 7 11.05 11.48 5.56
N ASP C 8 11.34 10.52 6.47
CA ASP C 8 12.12 10.72 7.65
C ASP C 8 13.55 10.96 7.29
N VAL C 9 14.04 10.23 6.27
CA VAL C 9 15.33 10.36 5.65
C VAL C 9 15.43 11.65 4.92
N ALA C 10 14.38 12.01 4.15
CA ALA C 10 14.25 13.24 3.44
C ALA C 10 14.33 14.46 4.30
N GLU C 11 13.47 14.53 5.34
CA GLU C 11 13.42 15.58 6.30
C GLU C 11 14.68 15.77 7.06
N TYR C 12 15.41 14.69 7.39
CA TYR C 12 16.70 14.74 8.00
C TYR C 12 17.73 15.32 7.10
N ALA C 13 17.85 14.84 5.84
CA ALA C 13 18.89 15.29 4.96
C ALA C 13 18.67 16.66 4.44
N GLY C 14 17.40 17.10 4.35
CA GLY C 14 16.99 18.40 3.92
C GLY C 14 16.49 18.44 2.52
N VAL C 15 15.92 17.32 2.04
CA VAL C 15 15.52 17.12 0.68
C VAL C 15 14.07 16.79 0.59
N SER C 16 13.61 16.38 -0.61
CA SER C 16 12.28 15.91 -0.85
C SER C 16 12.26 14.44 -0.71
N TYR C 17 11.07 13.85 -0.49
CA TYR C 17 10.86 12.43 -0.39
C TYR C 17 11.13 11.71 -1.66
N GLN C 18 10.86 12.34 -2.82
CA GLN C 18 11.19 11.81 -4.10
C GLN C 18 12.65 11.95 -4.41
N THR C 19 13.38 12.83 -3.71
CA THR C 19 14.80 12.94 -3.83
C THR C 19 15.45 11.70 -3.30
N VAL C 20 15.00 11.25 -2.11
CA VAL C 20 15.47 10.08 -1.44
C VAL C 20 15.40 8.82 -2.24
N SER C 21 14.21 8.41 -2.72
CA SER C 21 14.02 7.20 -3.45
C SER C 21 14.85 7.06 -4.68
N ARG C 22 15.14 8.19 -5.35
CA ARG C 22 16.02 8.26 -6.47
C ARG C 22 17.45 7.98 -6.14
N VAL C 23 17.85 8.05 -4.85
CA VAL C 23 19.16 7.70 -4.41
C VAL C 23 19.17 6.25 -4.06
N VAL C 24 18.25 5.88 -3.14
CA VAL C 24 18.01 4.58 -2.60
C VAL C 24 17.87 3.49 -3.60
N ASN C 25 17.02 3.68 -4.61
CA ASN C 25 16.75 2.73 -5.65
C ASN C 25 17.51 3.02 -6.90
N GLN C 26 18.51 3.92 -6.82
CA GLN C 26 19.45 4.24 -7.85
C GLN C 26 18.90 4.68 -9.16
N ALA C 27 18.38 5.92 -9.22
CA ALA C 27 17.91 6.55 -10.41
C ALA C 27 18.91 7.50 -10.95
N SER C 28 18.66 8.10 -12.12
CA SER C 28 19.61 8.94 -12.80
C SER C 28 19.89 10.29 -12.22
N HIS C 29 19.00 11.28 -12.42
CA HIS C 29 19.28 12.65 -12.13
C HIS C 29 19.34 13.10 -10.71
N VAL C 30 20.29 12.56 -9.93
CA VAL C 30 20.59 13.02 -8.60
C VAL C 30 22.07 13.17 -8.51
N SER C 31 22.56 14.42 -8.41
CA SER C 31 23.95 14.75 -8.29
C SER C 31 24.56 14.22 -7.03
N ALA C 32 25.84 13.83 -7.11
CA ALA C 32 26.62 13.24 -6.05
C ALA C 32 26.57 13.94 -4.74
N LYS C 33 26.64 15.28 -4.72
CA LYS C 33 26.53 16.13 -3.58
C LYS C 33 25.28 15.92 -2.80
N THR C 34 24.18 15.66 -3.50
CA THR C 34 22.90 15.33 -2.94
C THR C 34 22.88 13.93 -2.43
N ARG C 35 23.31 12.94 -3.22
CA ARG C 35 23.33 11.56 -2.82
C ARG C 35 24.06 11.32 -1.55
N GLU C 36 25.24 11.95 -1.40
CA GLU C 36 26.06 11.93 -0.23
C GLU C 36 25.45 12.44 1.02
N LYS C 37 24.39 13.26 0.92
CA LYS C 37 23.67 13.81 2.03
C LYS C 37 22.52 12.92 2.36
N VAL C 38 21.85 12.36 1.35
CA VAL C 38 20.81 11.38 1.59
C VAL C 38 21.33 10.10 2.13
N GLU C 39 22.48 9.61 1.62
CA GLU C 39 23.13 8.43 2.10
C GLU C 39 23.64 8.55 3.49
N ALA C 40 23.79 9.78 3.99
CA ALA C 40 24.07 10.08 5.36
C ALA C 40 22.84 9.97 6.19
N ALA C 41 21.65 10.32 5.65
CA ALA C 41 20.41 10.24 6.34
C ALA C 41 19.97 8.85 6.62
N MET C 42 20.08 7.96 5.62
CA MET C 42 19.95 6.54 5.77
C MET C 42 20.82 5.95 6.81
N ALA C 43 22.01 6.54 7.05
CA ALA C 43 23.01 6.01 7.92
C ALA C 43 22.82 6.36 9.36
N GLU C 44 22.17 7.51 9.65
CA GLU C 44 21.88 7.93 10.99
C GLU C 44 20.68 7.18 11.49
N LEU C 45 19.60 7.32 10.71
CA LEU C 45 18.29 6.82 11.00
C LEU C 45 18.10 5.37 10.74
N ASN C 46 19.03 4.71 10.03
CA ASN C 46 19.05 3.35 9.63
C ASN C 46 17.86 2.91 8.84
N TYR C 47 17.48 3.70 7.81
CA TYR C 47 16.37 3.51 6.94
C TYR C 47 16.06 2.11 6.55
N ILE C 48 14.88 1.65 7.00
CA ILE C 48 14.28 0.39 6.69
C ILE C 48 13.34 0.65 5.57
N PRO C 49 13.60 0.27 4.35
CA PRO C 49 12.55 0.10 3.39
C PRO C 49 11.32 -0.65 3.75
N ASN C 50 10.13 -0.10 3.44
CA ASN C 50 8.88 -0.80 3.53
C ASN C 50 8.65 -1.52 2.24
N ARG C 51 8.87 -2.84 2.17
CA ARG C 51 8.73 -3.59 0.96
C ARG C 51 7.33 -3.79 0.50
N VAL C 52 6.33 -3.50 1.35
CA VAL C 52 4.92 -3.53 1.06
C VAL C 52 4.53 -2.33 0.26
N ALA C 53 5.07 -1.16 0.64
CA ALA C 53 4.97 0.09 -0.06
C ALA C 53 5.59 0.06 -1.41
N GLN C 54 6.64 -0.77 -1.56
CA GLN C 54 7.27 -1.00 -2.82
C GLN C 54 6.52 -1.96 -3.69
N GLN C 55 5.58 -2.74 -3.12
CA GLN C 55 4.78 -3.65 -3.88
C GLN C 55 3.53 -3.01 -4.37
N LEU C 56 2.76 -2.35 -3.49
CA LEU C 56 1.49 -1.75 -3.79
C LEU C 56 1.56 -0.68 -4.81
N ALA C 57 2.42 0.33 -4.56
CA ALA C 57 2.67 1.40 -5.47
C ALA C 57 3.51 1.11 -6.65
N GLY C 58 4.08 -0.11 -6.75
CA GLY C 58 4.98 -0.59 -7.75
C GLY C 58 4.56 -0.65 -9.17
N LYS C 59 4.03 0.49 -9.68
CA LYS C 59 3.61 0.69 -11.03
C LYS C 59 4.73 0.81 -12.01
N GLN C 60 4.42 0.69 -13.31
CA GLN C 60 5.43 0.75 -14.32
C GLN C 60 5.48 2.08 -15.02
N SER C 61 6.64 2.76 -14.94
CA SER C 61 6.92 3.95 -15.67
C SER C 61 7.55 3.60 -16.97
N LEU C 62 8.81 3.16 -16.95
CA LEU C 62 9.58 2.73 -18.08
C LEU C 62 9.68 1.21 -18.09
N MET D 1 -9.93 -14.16 -14.63
CA MET D 1 -8.49 -14.42 -14.43
C MET D 1 -7.65 -13.27 -13.98
N LYS D 2 -8.07 -12.01 -14.20
CA LYS D 2 -7.35 -10.84 -13.82
C LYS D 2 -7.46 -10.61 -12.35
N PRO D 3 -6.79 -9.66 -11.74
CA PRO D 3 -7.20 -9.09 -10.49
C PRO D 3 -8.57 -8.49 -10.43
N VAL D 4 -9.07 -8.33 -9.20
CA VAL D 4 -10.35 -7.79 -8.84
C VAL D 4 -10.04 -6.88 -7.70
N THR D 5 -10.96 -5.99 -7.31
CA THR D 5 -10.81 -5.16 -6.16
C THR D 5 -12.10 -5.15 -5.42
N LEU D 6 -12.10 -4.72 -4.15
CA LEU D 6 -13.27 -4.48 -3.36
C LEU D 6 -14.26 -3.55 -3.95
N TYR D 7 -13.81 -2.60 -4.80
CA TYR D 7 -14.60 -1.68 -5.55
C TYR D 7 -15.37 -2.32 -6.65
N ASP D 8 -14.78 -3.34 -7.31
CA ASP D 8 -15.33 -4.06 -8.41
C ASP D 8 -16.46 -4.91 -7.95
N VAL D 9 -16.28 -5.57 -6.79
CA VAL D 9 -17.25 -6.35 -6.09
C VAL D 9 -18.36 -5.47 -5.61
N ALA D 10 -18.02 -4.34 -4.99
CA ALA D 10 -18.93 -3.33 -4.52
C ALA D 10 -19.86 -2.82 -5.58
N GLU D 11 -19.29 -2.34 -6.71
CA GLU D 11 -20.01 -1.83 -7.83
C GLU D 11 -20.89 -2.81 -8.52
N TYR D 12 -20.49 -4.09 -8.61
CA TYR D 12 -21.30 -5.16 -9.10
C TYR D 12 -22.52 -5.40 -8.28
N ALA D 13 -22.38 -5.55 -6.96
CA ALA D 13 -23.50 -5.90 -6.14
C ALA D 13 -24.42 -4.76 -5.89
N GLY D 14 -23.88 -3.53 -5.88
CA GLY D 14 -24.60 -2.31 -5.70
C GLY D 14 -24.53 -1.81 -4.30
N VAL D 15 -23.32 -1.86 -3.70
CA VAL D 15 -23.04 -1.47 -2.36
C VAL D 15 -21.91 -0.50 -2.37
N SER D 16 -21.28 -0.26 -1.20
CA SER D 16 -20.09 0.53 -1.07
C SER D 16 -18.93 -0.37 -0.90
N TYR D 17 -17.69 0.16 -1.00
CA TYR D 17 -16.46 -0.56 -0.86
C TYR D 17 -16.20 -0.99 0.55
N GLN D 18 -16.63 -0.15 1.52
CA GLN D 18 -16.57 -0.48 2.91
C GLN D 18 -17.59 -1.49 3.30
N THR D 19 -18.67 -1.65 2.51
CA THR D 19 -19.66 -2.66 2.69
C THR D 19 -19.10 -4.02 2.48
N VAL D 20 -18.39 -4.19 1.35
CA VAL D 20 -17.72 -5.39 0.94
C VAL D 20 -16.79 -6.00 1.94
N SER D 21 -15.75 -5.27 2.37
CA SER D 21 -14.75 -5.76 3.26
C SER D 21 -15.26 -6.23 4.58
N ARG D 22 -16.36 -5.64 5.08
CA ARG D 22 -17.05 -6.07 6.25
C ARG D 22 -17.73 -7.38 6.11
N VAL D 23 -17.94 -7.87 4.87
CA VAL D 23 -18.47 -9.18 4.61
C VAL D 23 -17.33 -10.14 4.53
N VAL D 24 -16.38 -9.84 3.63
CA VAL D 24 -15.18 -10.55 3.32
C VAL D 24 -14.33 -10.94 4.49
N ASN D 25 -13.97 -9.97 5.34
CA ASN D 25 -13.11 -10.18 6.46
C ASN D 25 -13.88 -10.49 7.70
N GLN D 26 -15.22 -10.49 7.60
CA GLN D 26 -16.18 -10.85 8.59
C GLN D 26 -16.26 -9.95 9.77
N ALA D 27 -16.90 -8.78 9.59
CA ALA D 27 -17.22 -7.84 10.61
C ALA D 27 -18.63 -8.00 11.08
N SER D 28 -19.11 -7.14 11.99
CA SER D 28 -20.39 -7.29 12.60
C SER D 28 -21.59 -6.82 11.85
N HIS D 29 -21.78 -5.49 11.75
CA HIS D 29 -22.99 -4.90 11.27
C HIS D 29 -23.23 -4.92 9.80
N VAL D 30 -23.39 -6.11 9.21
CA VAL D 30 -23.81 -6.27 7.85
C VAL D 30 -24.86 -7.33 7.85
N SER D 31 -26.13 -6.95 7.62
CA SER D 31 -27.25 -7.83 7.58
C SER D 31 -27.13 -8.85 6.48
N ALA D 32 -27.58 -10.09 6.75
CA ALA D 32 -27.53 -11.23 5.89
C ALA D 32 -27.90 -11.02 4.47
N LYS D 33 -28.99 -10.29 4.20
CA LYS D 33 -29.49 -9.94 2.92
C LYS D 33 -28.52 -9.21 2.06
N THR D 34 -27.71 -8.35 2.68
CA THR D 34 -26.64 -7.64 2.04
C THR D 34 -25.48 -8.57 1.80
N ARG D 35 -25.04 -9.33 2.80
CA ARG D 35 -23.93 -10.24 2.68
C ARG D 35 -24.07 -11.21 1.56
N GLU D 36 -25.28 -11.79 1.42
CA GLU D 36 -25.67 -12.67 0.36
C GLU D 36 -25.53 -12.11 -1.01
N LYS D 37 -25.55 -10.78 -1.18
CA LYS D 37 -25.44 -10.11 -2.43
C LYS D 37 -24.00 -9.80 -2.70
N VAL D 38 -23.24 -9.44 -1.65
CA VAL D 38 -21.84 -9.24 -1.75
C VAL D 38 -21.11 -10.51 -2.04
N GLU D 39 -21.48 -11.60 -1.36
CA GLU D 39 -20.93 -12.90 -1.56
C GLU D 39 -21.21 -13.42 -2.94
N ALA D 40 -22.30 -12.94 -3.57
CA ALA D 40 -22.59 -13.19 -4.94
C ALA D 40 -21.68 -12.44 -5.85
N ALA D 41 -21.24 -11.22 -5.47
CA ALA D 41 -20.33 -10.43 -6.25
C ALA D 41 -18.95 -10.98 -6.31
N MET D 42 -18.42 -11.50 -5.18
CA MET D 42 -17.22 -12.26 -5.11
C MET D 42 -17.23 -13.45 -6.01
N ALA D 43 -18.39 -14.09 -6.17
CA ALA D 43 -18.52 -15.34 -6.86
C ALA D 43 -18.53 -15.24 -8.35
N GLU D 44 -19.02 -14.13 -8.90
CA GLU D 44 -19.07 -13.89 -10.32
C GLU D 44 -17.74 -13.48 -10.84
N LEU D 45 -17.20 -12.45 -10.17
CA LEU D 45 -15.97 -11.80 -10.54
C LEU D 45 -14.75 -12.53 -10.09
N ASN D 46 -14.89 -13.44 -9.11
CA ASN D 46 -13.84 -14.18 -8.46
C ASN D 46 -12.85 -13.32 -7.76
N TYR D 47 -13.31 -12.49 -6.80
CA TYR D 47 -12.56 -11.56 -6.02
C TYR D 47 -11.32 -12.09 -5.39
N ILE D 48 -10.18 -11.54 -5.84
CA ILE D 48 -8.85 -11.76 -5.34
C ILE D 48 -8.65 -10.66 -4.36
N PRO D 49 -8.51 -10.87 -3.09
CA PRO D 49 -7.83 -9.98 -2.21
C PRO D 49 -6.41 -9.64 -2.56
N ASN D 50 -6.06 -8.34 -2.52
CA ASN D 50 -4.71 -7.89 -2.64
C ASN D 50 -4.14 -7.82 -1.27
N ARG D 51 -3.27 -8.78 -0.89
CA ARG D 51 -2.78 -8.91 0.44
C ARG D 51 -1.80 -7.85 0.84
N VAL D 52 -1.21 -7.15 -0.16
CA VAL D 52 -0.34 -6.03 0.00
C VAL D 52 -1.08 -4.84 0.52
N ALA D 53 -2.30 -4.62 0.01
CA ALA D 53 -3.26 -3.65 0.43
C ALA D 53 -3.76 -3.89 1.82
N GLN D 54 -3.88 -5.18 2.19
CA GLN D 54 -4.23 -5.55 3.53
C GLN D 54 -3.12 -5.35 4.51
N GLN D 55 -1.86 -5.28 4.02
CA GLN D 55 -0.72 -5.08 4.86
C GLN D 55 -0.46 -3.62 5.09
N LEU D 56 -0.34 -2.82 4.02
CA LEU D 56 0.00 -1.44 4.08
C LEU D 56 -0.91 -0.57 4.87
N ALA D 57 -2.22 -0.70 4.61
CA ALA D 57 -3.27 -0.05 5.31
C ALA D 57 -3.68 -0.67 6.61
N GLY D 58 -3.19 -1.88 6.92
CA GLY D 58 -3.57 -2.74 8.00
C GLY D 58 -3.38 -2.26 9.40
N LYS D 59 -3.88 -1.05 9.67
CA LYS D 59 -3.85 -0.40 10.95
C LYS D 59 -4.79 -0.97 11.96
N GLN D 60 -4.57 -0.62 13.24
CA GLN D 60 -5.36 -1.10 14.32
C GLN D 60 -6.45 -0.17 14.74
N SER D 61 -7.71 -0.64 14.72
CA SER D 61 -8.84 0.07 15.23
C SER D 61 -9.08 -0.43 16.62
N LEU D 62 -9.64 -1.65 16.75
CA LEU D 62 -9.85 -2.31 18.00
C LEU D 62 -8.74 -3.34 18.19
N MET C 1 15.16 -2.77 13.43
CA MET C 1 13.90 -3.19 14.11
C MET C 1 12.74 -2.30 13.80
N LYS C 2 12.83 -0.98 14.08
CA LYS C 2 11.80 -0.06 13.70
C LYS C 2 11.89 0.19 12.23
N PRO C 3 10.85 0.33 11.47
CA PRO C 3 10.90 1.06 10.24
C PRO C 3 11.16 2.53 10.31
N VAL C 4 11.56 3.08 9.14
CA VAL C 4 11.85 4.44 8.83
C VAL C 4 11.19 4.57 7.49
N THR C 5 11.00 5.79 6.96
CA THR C 5 10.39 5.99 5.69
C THR C 5 11.25 6.91 4.89
N LEU C 6 11.06 6.94 3.56
CA LEU C 6 11.65 7.87 2.64
C LEU C 6 11.53 9.29 3.03
N TYR C 7 10.41 9.69 3.65
CA TYR C 7 10.12 10.98 4.19
C TYR C 7 10.97 11.33 5.35
N ASP C 8 11.25 10.36 6.25
CA ASP C 8 12.03 10.60 7.43
C ASP C 8 13.46 10.82 7.13
N VAL C 9 14.01 10.09 6.14
CA VAL C 9 15.32 10.26 5.58
C VAL C 9 15.45 11.57 4.89
N ALA C 10 14.42 11.91 4.08
CA ALA C 10 14.27 13.15 3.40
C ALA C 10 14.28 14.36 4.28
N GLU C 11 13.40 14.41 5.30
CA GLU C 11 13.34 15.48 6.24
C GLU C 11 14.53 15.63 7.12
N TYR C 12 15.26 14.54 7.42
CA TYR C 12 16.50 14.59 8.12
C TYR C 12 17.58 15.20 7.30
N ALA C 13 17.80 14.74 6.04
CA ALA C 13 18.85 15.25 5.22
C ALA C 13 18.57 16.61 4.68
N GLY C 14 17.29 17.01 4.69
CA GLY C 14 16.81 18.28 4.26
C GLY C 14 16.58 18.31 2.78
N VAL C 15 15.93 17.25 2.26
CA VAL C 15 15.62 17.08 0.86
C VAL C 15 14.20 16.68 0.68
N SER C 16 13.78 16.53 -0.58
CA SER C 16 12.50 16.01 -0.96
C SER C 16 12.48 14.53 -0.89
N TYR C 17 11.28 13.93 -0.77
CA TYR C 17 11.09 12.51 -0.67
C TYR C 17 11.45 11.76 -1.90
N GLN C 18 11.27 12.38 -3.09
CA GLN C 18 11.67 11.78 -4.33
C GLN C 18 13.14 11.87 -4.54
N THR C 19 13.87 12.73 -3.79
CA THR C 19 15.29 12.85 -3.85
C THR C 19 15.94 11.63 -3.30
N VAL C 20 15.39 11.11 -2.19
CA VAL C 20 15.78 9.87 -1.58
C VAL C 20 15.62 8.68 -2.48
N SER C 21 14.41 8.42 -3.00
CA SER C 21 14.16 7.30 -3.84
C SER C 21 14.93 7.25 -5.13
N ARG C 22 15.34 8.41 -5.69
CA ARG C 22 16.20 8.53 -6.81
C ARG C 22 17.62 8.18 -6.54
N VAL C 23 18.04 8.02 -5.26
CA VAL C 23 19.34 7.50 -4.96
C VAL C 23 19.23 6.06 -4.61
N VAL C 24 18.29 5.74 -3.71
CA VAL C 24 18.02 4.47 -3.13
C VAL C 24 17.62 3.43 -4.11
N ASN C 25 16.55 3.65 -4.90
CA ASN C 25 16.01 2.70 -5.83
C ASN C 25 16.26 3.09 -7.25
N GLN C 26 15.78 4.28 -7.67
CA GLN C 26 15.79 4.73 -9.02
C GLN C 26 16.98 5.56 -9.35
N ALA C 27 18.17 4.96 -9.20
CA ALA C 27 19.45 5.56 -9.42
C ALA C 27 19.87 5.88 -10.82
N SER C 28 19.51 7.11 -11.24
CA SER C 28 19.96 7.73 -12.45
C SER C 28 19.72 9.19 -12.35
N HIS C 29 20.62 9.98 -12.96
CA HIS C 29 20.68 11.41 -12.83
C HIS C 29 20.85 11.85 -11.41
N VAL C 30 21.72 11.15 -10.66
CA VAL C 30 21.97 11.44 -9.28
C VAL C 30 22.88 12.61 -9.14
N SER C 31 22.52 13.56 -8.27
CA SER C 31 23.33 14.71 -7.99
C SER C 31 24.32 14.38 -6.93
N ALA C 32 25.61 14.47 -7.25
CA ALA C 32 26.72 14.09 -6.43
C ALA C 32 26.82 14.78 -5.12
N LYS C 33 26.51 16.09 -5.09
CA LYS C 33 26.46 16.92 -3.92
C LYS C 33 25.41 16.45 -2.97
N THR C 34 24.17 16.28 -3.47
CA THR C 34 23.01 15.80 -2.79
C THR C 34 23.14 14.42 -2.25
N ARG C 35 23.65 13.45 -3.05
CA ARG C 35 23.80 12.07 -2.73
C ARG C 35 24.31 11.76 -1.38
N GLU C 36 25.48 12.33 -1.02
CA GLU C 36 26.13 12.18 0.25
C GLU C 36 25.43 12.79 1.41
N LYS C 37 24.41 13.65 1.20
CA LYS C 37 23.67 14.24 2.26
C LYS C 37 22.54 13.33 2.64
N VAL C 38 21.89 12.73 1.63
CA VAL C 38 20.83 11.78 1.82
C VAL C 38 21.35 10.46 2.27
N GLU C 39 22.50 10.01 1.75
CA GLU C 39 23.13 8.79 2.17
C GLU C 39 23.56 8.83 3.59
N ALA C 40 23.78 10.03 4.15
CA ALA C 40 24.04 10.24 5.54
C ALA C 40 22.80 10.08 6.37
N ALA C 41 21.61 10.39 5.85
CA ALA C 41 20.37 10.21 6.54
C ALA C 41 19.99 8.79 6.77
N MET C 42 20.17 7.90 5.77
CA MET C 42 20.08 6.49 5.86
C MET C 42 20.87 5.87 6.97
N ALA C 43 22.03 6.51 7.27
CA ALA C 43 22.98 6.01 8.21
C ALA C 43 22.59 6.19 9.63
N GLU C 44 21.96 7.34 9.94
CA GLU C 44 21.54 7.71 11.26
C GLU C 44 20.35 6.97 11.77
N LEU C 45 19.24 7.12 11.01
CA LEU C 45 17.95 6.61 11.35
C LEU C 45 17.79 5.16 11.05
N ASN C 46 18.59 4.60 10.13
CA ASN C 46 18.59 3.25 9.66
C ASN C 46 17.43 2.96 8.78
N TYR C 47 17.41 3.58 7.59
CA TYR C 47 16.35 3.45 6.64
C TYR C 47 16.05 2.06 6.20
N ILE C 48 14.77 1.66 6.31
CA ILE C 48 14.24 0.41 5.88
C ILE C 48 13.57 0.70 4.58
N PRO C 49 13.98 0.25 3.44
CA PRO C 49 13.06 -0.02 2.36
C PRO C 49 11.94 -0.93 2.72
N ASN C 50 10.70 -0.41 2.73
CA ASN C 50 9.52 -1.18 3.01
C ASN C 50 9.09 -1.81 1.73
N ARG C 51 8.91 -3.15 1.71
CA ARG C 51 8.64 -3.90 0.53
C ARG C 51 7.23 -3.76 0.09
N VAL C 52 6.27 -3.74 1.02
CA VAL C 52 4.86 -3.58 0.85
C VAL C 52 4.53 -2.32 0.13
N ALA C 53 5.22 -1.24 0.53
CA ALA C 53 5.23 0.08 -0.04
C ALA C 53 5.71 0.12 -1.45
N GLN C 54 6.59 -0.82 -1.84
CA GLN C 54 7.04 -0.91 -3.19
C GLN C 54 6.15 -1.79 -4.00
N GLN C 55 5.31 -2.62 -3.35
CA GLN C 55 4.39 -3.48 -4.03
C GLN C 55 3.06 -2.91 -4.35
N LEU C 56 2.35 -2.22 -3.43
CA LEU C 56 1.04 -1.71 -3.66
C LEU C 56 0.97 -0.65 -4.70
N ALA C 57 1.95 0.26 -4.65
CA ALA C 57 2.28 1.27 -5.61
C ALA C 57 2.79 0.58 -6.84
N GLY C 58 4.06 0.15 -6.85
CA GLY C 58 4.72 -0.66 -7.82
C GLY C 58 4.67 -0.43 -9.29
N LYS C 59 4.09 0.69 -9.75
CA LYS C 59 3.87 1.05 -11.12
C LYS C 59 2.86 0.22 -11.83
N GLN C 60 1.85 0.91 -12.41
CA GLN C 60 0.76 0.33 -13.14
C GLN C 60 1.08 0.18 -14.59
N SER C 61 0.62 -0.91 -15.23
CA SER C 61 0.85 -1.13 -16.62
C SER C 61 -0.18 -0.47 -17.48
N LEU C 62 0.22 -0.15 -18.72
CA LEU C 62 -0.59 0.46 -19.72
C LEU C 62 -0.24 -0.19 -21.06
N MET D 1 -6.33 -15.94 -11.52
CA MET D 1 -5.22 -15.20 -12.17
C MET D 1 -5.26 -13.71 -12.06
N LYS D 2 -6.32 -13.01 -12.51
CA LYS D 2 -6.39 -11.59 -12.38
C LYS D 2 -6.76 -11.23 -10.99
N PRO D 3 -6.21 -10.25 -10.34
CA PRO D 3 -6.87 -9.58 -9.27
C PRO D 3 -8.13 -8.83 -9.55
N VAL D 4 -8.89 -8.60 -8.47
CA VAL D 4 -10.17 -7.95 -8.38
C VAL D 4 -10.00 -7.11 -7.16
N THR D 5 -10.85 -6.09 -6.91
CA THR D 5 -10.74 -5.28 -5.73
C THR D 5 -12.06 -5.23 -5.06
N LEU D 6 -12.08 -4.83 -3.77
CA LEU D 6 -13.25 -4.58 -2.99
C LEU D 6 -14.25 -3.66 -3.62
N TYR D 7 -13.77 -2.68 -4.39
CA TYR D 7 -14.52 -1.74 -5.15
C TYR D 7 -15.25 -2.36 -6.30
N ASP D 8 -14.61 -3.32 -7.00
CA ASP D 8 -15.13 -3.99 -8.15
C ASP D 8 -16.27 -4.88 -7.80
N VAL D 9 -16.16 -5.56 -6.64
CA VAL D 9 -17.15 -6.38 -6.02
C VAL D 9 -18.30 -5.56 -5.53
N ALA D 10 -17.97 -4.41 -4.92
CA ALA D 10 -18.89 -3.41 -4.47
C ALA D 10 -19.74 -2.83 -5.55
N GLU D 11 -19.15 -2.35 -6.67
CA GLU D 11 -19.87 -1.82 -7.79
C GLU D 11 -20.70 -2.82 -8.51
N TYR D 12 -20.26 -4.09 -8.60
CA TYR D 12 -21.04 -5.15 -9.16
C TYR D 12 -22.25 -5.49 -8.35
N ALA D 13 -22.11 -5.65 -7.03
CA ALA D 13 -23.21 -6.01 -6.19
C ALA D 13 -24.14 -4.88 -5.91
N GLY D 14 -23.67 -3.63 -6.09
CA GLY D 14 -24.43 -2.43 -5.95
C GLY D 14 -24.39 -1.89 -4.57
N VAL D 15 -23.23 -2.04 -3.91
CA VAL D 15 -22.99 -1.65 -2.55
C VAL D 15 -21.82 -0.74 -2.46
N SER D 16 -21.52 -0.31 -1.21
CA SER D 16 -20.37 0.46 -0.88
C SER D 16 -19.20 -0.43 -0.66
N TYR D 17 -17.96 0.11 -0.72
CA TYR D 17 -16.74 -0.64 -0.59
C TYR D 17 -16.48 -1.14 0.79
N GLN D 18 -16.90 -0.39 1.82
CA GLN D 18 -16.82 -0.84 3.18
C GLN D 18 -17.82 -1.90 3.49
N THR D 19 -18.89 -2.01 2.68
CA THR D 19 -19.89 -3.01 2.83
C THR D 19 -19.33 -4.37 2.55
N VAL D 20 -18.50 -4.49 1.50
CA VAL D 20 -17.79 -5.67 1.15
C VAL D 20 -16.85 -6.15 2.20
N SER D 21 -15.92 -5.30 2.68
CA SER D 21 -14.96 -5.68 3.67
C SER D 21 -15.50 -6.07 5.00
N ARG D 22 -16.71 -5.58 5.35
CA ARG D 22 -17.45 -5.96 6.52
C ARG D 22 -18.11 -7.29 6.40
N VAL D 23 -18.09 -7.94 5.23
CA VAL D 23 -18.55 -9.29 5.05
C VAL D 23 -17.36 -10.18 5.01
N VAL D 24 -16.39 -9.79 4.16
CA VAL D 24 -15.19 -10.50 3.82
C VAL D 24 -14.25 -10.68 4.95
N ASN D 25 -13.77 -9.57 5.55
CA ASN D 25 -12.82 -9.63 6.63
C ASN D 25 -13.44 -9.29 7.94
N GLN D 26 -14.01 -8.08 8.09
CA GLN D 26 -14.49 -7.56 9.33
C GLN D 26 -15.92 -7.90 9.60
N ALA D 27 -16.22 -9.21 9.60
CA ALA D 27 -17.52 -9.77 9.80
C ALA D 27 -18.15 -9.65 11.14
N SER D 28 -18.84 -8.52 11.36
CA SER D 28 -19.65 -8.26 12.51
C SER D 28 -20.61 -7.17 12.18
N HIS D 29 -21.84 -7.24 12.72
CA HIS D 29 -22.95 -6.41 12.36
C HIS D 29 -23.31 -6.53 10.92
N VAL D 30 -23.24 -7.76 10.36
CA VAL D 30 -23.55 -8.03 8.98
C VAL D 30 -25.01 -8.03 8.71
N SER D 31 -25.44 -7.30 7.65
CA SER D 31 -26.79 -7.28 7.19
C SER D 31 -27.03 -8.46 6.32
N ALA D 32 -27.93 -9.38 6.75
CA ALA D 32 -28.26 -10.60 6.09
C ALA D 32 -28.76 -10.51 4.69
N LYS D 33 -29.53 -9.46 4.37
CA LYS D 33 -30.05 -9.18 3.07
C LYS D 33 -28.98 -8.81 2.11
N THR D 34 -28.10 -7.88 2.54
CA THR D 34 -26.97 -7.39 1.81
C THR D 34 -25.92 -8.42 1.55
N ARG D 35 -25.57 -9.25 2.54
CA ARG D 35 -24.59 -10.28 2.50
C ARG D 35 -24.59 -11.13 1.26
N GLU D 36 -25.74 -11.72 0.92
CA GLU D 36 -25.91 -12.55 -0.24
C GLU D 36 -25.77 -11.88 -1.56
N LYS D 37 -25.83 -10.53 -1.62
CA LYS D 37 -25.69 -9.78 -2.82
C LYS D 37 -24.24 -9.57 -3.09
N VAL D 38 -23.48 -9.23 -2.03
CA VAL D 38 -22.05 -9.07 -2.11
C VAL D 38 -21.35 -10.37 -2.30
N GLU D 39 -21.80 -11.43 -1.61
CA GLU D 39 -21.23 -12.74 -1.76
C GLU D 39 -21.44 -13.30 -3.11
N ALA D 40 -22.43 -12.80 -3.86
CA ALA D 40 -22.64 -13.11 -5.25
C ALA D 40 -21.67 -12.40 -6.14
N ALA D 41 -21.18 -11.21 -5.78
CA ALA D 41 -20.21 -10.45 -6.54
C ALA D 41 -18.84 -11.04 -6.54
N MET D 42 -18.37 -11.52 -5.37
CA MET D 42 -17.19 -12.30 -5.19
C MET D 42 -17.11 -13.48 -6.10
N ALA D 43 -18.29 -14.07 -6.41
CA ALA D 43 -18.40 -15.28 -7.15
C ALA D 43 -18.22 -15.12 -8.62
N GLU D 44 -18.72 -14.01 -9.20
CA GLU D 44 -18.64 -13.74 -10.60
C GLU D 44 -17.27 -13.38 -11.03
N LEU D 45 -16.77 -12.30 -10.39
CA LEU D 45 -15.52 -11.67 -10.65
C LEU D 45 -14.31 -12.39 -10.16
N ASN D 46 -14.49 -13.28 -9.16
CA ASN D 46 -13.48 -14.04 -8.49
C ASN D 46 -12.62 -13.15 -7.66
N TYR D 47 -13.19 -12.54 -6.59
CA TYR D 47 -12.50 -11.64 -5.73
C TYR D 47 -11.29 -12.20 -5.07
N ILE D 48 -10.16 -11.48 -5.23
CA ILE D 48 -8.90 -11.76 -4.60
C ILE D 48 -8.81 -10.83 -3.44
N PRO D 49 -8.82 -11.19 -2.19
CA PRO D 49 -8.13 -10.47 -1.17
C PRO D 49 -6.69 -10.19 -1.44
N ASN D 50 -6.31 -8.93 -1.68
CA ASN D 50 -4.94 -8.55 -1.90
C ASN D 50 -4.31 -8.37 -0.55
N ARG D 51 -3.18 -9.06 -0.34
CA ARG D 51 -2.50 -9.09 0.93
C ARG D 51 -1.71 -7.87 1.20
N VAL D 52 -1.07 -7.27 0.17
CA VAL D 52 -0.31 -6.07 0.21
C VAL D 52 -1.13 -4.90 0.63
N ALA D 53 -2.37 -4.85 0.11
CA ALA D 53 -3.42 -3.96 0.45
C ALA D 53 -3.91 -4.04 1.85
N GLN D 54 -3.75 -5.22 2.49
CA GLN D 54 -4.09 -5.37 3.87
C GLN D 54 -2.92 -5.08 4.74
N GLN D 55 -1.68 -5.08 4.19
CA GLN D 55 -0.49 -4.83 4.94
C GLN D 55 -0.09 -3.40 5.03
N LEU D 56 -0.13 -2.61 3.94
CA LEU D 56 0.28 -1.24 3.96
C LEU D 56 -0.60 -0.36 4.77
N ALA D 57 -1.92 -0.57 4.64
CA ALA D 57 -2.97 -0.01 5.45
C ALA D 57 -2.90 -0.57 6.82
N GLY D 58 -3.31 -1.84 6.99
CA GLY D 58 -3.19 -2.64 8.16
C GLY D 58 -3.76 -2.30 9.49
N LYS D 59 -3.91 -0.99 9.78
CA LYS D 59 -4.23 -0.32 11.00
C LYS D 59 -3.01 0.12 11.73
N GLN D 60 -2.97 1.42 12.09
CA GLN D 60 -1.91 2.04 12.81
C GLN D 60 -2.15 1.96 14.28
N SER D 61 -1.11 1.66 15.08
CA SER D 61 -1.22 1.56 16.50
C SER D 61 -1.11 2.88 17.19
N LEU D 62 -1.73 2.97 18.38
CA LEU D 62 -1.73 4.13 19.22
C LEU D 62 -1.51 3.68 20.65
N MET C 1 11.24 0.35 19.01
CA MET C 1 10.86 0.32 17.57
C MET C 1 10.56 1.67 17.00
N LYS C 2 11.13 2.01 15.83
CA LYS C 2 10.88 3.24 15.15
C LYS C 2 10.96 2.92 13.69
N PRO C 3 9.93 2.60 12.96
CA PRO C 3 9.92 2.85 11.56
C PRO C 3 10.11 4.28 11.14
N VAL C 4 10.77 4.47 9.99
CA VAL C 4 11.12 5.71 9.37
C VAL C 4 10.45 5.69 8.04
N THR C 5 10.40 6.79 7.27
CA THR C 5 9.86 6.80 5.95
C THR C 5 10.81 7.54 5.06
N LEU C 6 10.67 7.36 3.73
CA LEU C 6 11.32 8.13 2.71
C LEU C 6 11.26 9.61 2.87
N TYR C 7 10.15 10.13 3.41
CA TYR C 7 9.92 11.51 3.71
C TYR C 7 10.76 12.01 4.84
N ASP C 8 10.98 11.18 5.88
CA ASP C 8 11.70 11.53 7.06
C ASP C 8 13.16 11.65 6.76
N VAL C 9 13.68 10.77 5.89
CA VAL C 9 14.99 10.77 5.33
C VAL C 9 15.19 11.96 4.45
N ALA C 10 14.19 12.22 3.59
CA ALA C 10 14.11 13.34 2.71
C ALA C 10 14.20 14.68 3.38
N GLU C 11 13.33 14.94 4.37
CA GLU C 11 13.34 16.16 5.14
C GLU C 11 14.57 16.39 5.93
N TYR C 12 15.19 15.33 6.48
CA TYR C 12 16.44 15.44 7.17
C TYR C 12 17.57 15.82 6.29
N ALA C 13 17.70 15.21 5.10
CA ALA C 13 18.77 15.51 4.20
C ALA C 13 18.54 16.79 3.49
N GLY C 14 17.27 17.21 3.38
CA GLY C 14 16.78 18.42 2.80
C GLY C 14 16.49 18.28 1.35
N VAL C 15 15.92 17.13 0.94
CA VAL C 15 15.64 16.79 -0.42
C VAL C 15 14.19 16.45 -0.56
N SER C 16 13.79 16.06 -1.79
CA SER C 16 12.49 15.57 -2.09
C SER C 16 12.42 14.10 -1.89
N TYR C 17 11.20 13.56 -1.68
CA TYR C 17 10.97 12.18 -1.38
C TYR C 17 11.44 11.18 -2.38
N GLN C 18 11.25 11.39 -3.70
CA GLN C 18 11.81 10.49 -4.66
C GLN C 18 13.27 10.66 -4.87
N THR C 19 13.89 11.72 -4.34
CA THR C 19 15.31 11.91 -4.41
C THR C 19 15.99 10.90 -3.56
N VAL C 20 15.38 10.56 -2.41
CA VAL C 20 15.78 9.47 -1.57
C VAL C 20 15.69 8.14 -2.23
N SER C 21 14.53 7.78 -2.83
CA SER C 21 14.32 6.54 -3.52
C SER C 21 15.22 6.24 -4.66
N ARG C 22 15.82 7.27 -5.28
CA ARG C 22 16.82 7.13 -6.30
C ARG C 22 18.13 6.68 -5.77
N VAL C 23 18.37 6.78 -4.45
CA VAL C 23 19.56 6.31 -3.80
C VAL C 23 19.34 4.93 -3.29
N VAL C 24 18.15 4.75 -2.69
CA VAL C 24 17.68 3.57 -2.04
C VAL C 24 17.41 2.43 -2.95
N ASN C 25 16.48 2.59 -3.92
CA ASN C 25 16.04 1.54 -4.79
C ASN C 25 16.47 1.70 -6.21
N GLN C 26 16.08 2.82 -6.84
CA GLN C 26 16.23 3.03 -8.25
C GLN C 26 17.45 3.83 -8.58
N ALA C 27 18.61 3.25 -8.24
CA ALA C 27 19.90 3.78 -8.50
C ALA C 27 20.29 3.84 -9.94
N SER C 28 20.34 5.07 -10.49
CA SER C 28 20.78 5.32 -11.83
C SER C 28 21.07 6.77 -11.94
N HIS C 29 20.04 7.64 -11.96
CA HIS C 29 20.21 9.06 -11.90
C HIS C 29 20.43 9.55 -10.51
N VAL C 30 21.49 9.05 -9.84
CA VAL C 30 21.92 9.52 -8.57
C VAL C 30 22.92 10.58 -8.80
N SER C 31 22.72 11.78 -8.22
CA SER C 31 23.55 12.92 -8.43
C SER C 31 24.92 12.88 -7.85
N ALA C 32 25.28 11.82 -7.10
CA ALA C 32 26.56 11.62 -6.48
C ALA C 32 26.89 12.50 -5.32
N LYS C 33 26.73 13.83 -5.51
CA LYS C 33 26.91 14.88 -4.56
C LYS C 33 25.87 14.78 -3.49
N THR C 34 24.60 14.77 -3.93
CA THR C 34 23.43 14.60 -3.12
C THR C 34 23.39 13.30 -2.39
N ARG C 35 23.94 12.23 -2.99
CA ARG C 35 24.00 10.90 -2.45
C ARG C 35 24.50 10.81 -1.05
N GLU C 36 25.62 11.49 -0.74
CA GLU C 36 26.20 11.59 0.56
C GLU C 36 25.34 12.19 1.62
N LYS C 37 24.33 12.99 1.23
CA LYS C 37 23.45 13.66 2.14
C LYS C 37 22.31 12.76 2.47
N VAL C 38 21.80 12.05 1.46
CA VAL C 38 20.76 11.08 1.63
C VAL C 38 21.23 9.87 2.37
N GLU C 39 22.41 9.34 2.01
CA GLU C 39 23.00 8.21 2.66
C GLU C 39 23.32 8.47 4.09
N ALA C 40 23.57 9.75 4.43
CA ALA C 40 23.69 10.22 5.77
C ALA C 40 22.37 10.30 6.47
N ALA C 41 21.26 10.54 5.76
CA ALA C 41 19.96 10.57 6.35
C ALA C 41 19.46 9.23 6.77
N MET C 42 19.65 8.19 5.93
CA MET C 42 19.45 6.82 6.27
C MET C 42 20.26 6.35 7.43
N ALA C 43 21.42 6.99 7.67
CA ALA C 43 22.36 6.62 8.67
C ALA C 43 21.99 7.08 10.02
N GLU C 44 21.49 8.33 10.14
CA GLU C 44 21.12 8.89 11.40
C GLU C 44 19.87 8.29 11.95
N LEU C 45 18.79 8.46 11.16
CA LEU C 45 17.45 8.08 11.48
C LEU C 45 17.23 6.61 11.45
N ASN C 46 18.12 5.87 10.75
CA ASN C 46 18.10 4.45 10.58
C ASN C 46 16.92 4.06 9.76
N TYR C 47 16.85 4.51 8.50
CA TYR C 47 15.77 4.23 7.59
C TYR C 47 15.47 2.78 7.41
N ILE C 48 14.25 2.38 7.82
CA ILE C 48 13.67 1.11 7.56
C ILE C 48 12.78 1.36 6.41
N PRO C 49 13.06 1.01 5.19
CA PRO C 49 12.03 0.86 4.20
C PRO C 49 11.03 -0.24 4.36
N ASN C 50 9.86 -0.07 3.74
CA ASN C 50 8.78 -0.99 3.63
C ASN C 50 8.82 -1.63 2.27
N ARG C 51 8.74 -2.97 2.22
CA ARG C 51 8.66 -3.70 0.99
C ARG C 51 7.28 -3.65 0.41
N VAL C 52 6.27 -3.67 1.30
CA VAL C 52 4.87 -3.60 1.05
C VAL C 52 4.42 -2.41 0.27
N ALA C 53 4.94 -1.23 0.63
CA ALA C 53 4.74 0.03 -0.03
C ALA C 53 5.27 0.03 -1.43
N GLN C 54 6.45 -0.59 -1.61
CA GLN C 54 7.12 -0.79 -2.85
C GLN C 54 6.39 -1.76 -3.71
N GLN C 55 5.58 -2.66 -3.11
CA GLN C 55 4.81 -3.63 -3.83
C GLN C 55 3.50 -3.07 -4.29
N LEU C 56 2.75 -2.45 -3.36
CA LEU C 56 1.44 -1.89 -3.62
C LEU C 56 1.45 -0.78 -4.61
N ALA C 57 2.33 0.22 -4.40
CA ALA C 57 2.46 1.35 -5.26
C ALA C 57 3.18 1.14 -6.55
N GLY C 58 3.88 0.00 -6.70
CA GLY C 58 4.68 -0.37 -7.82
C GLY C 58 3.95 -0.69 -9.08
N LYS C 59 3.04 0.21 -9.48
CA LYS C 59 2.24 0.11 -10.67
C LYS C 59 3.03 0.12 -11.94
N GLN C 60 2.58 -0.64 -12.95
CA GLN C 60 3.28 -0.77 -14.19
C GLN C 60 2.35 -0.68 -15.34
N SER C 61 2.92 -0.54 -16.55
CA SER C 61 2.18 -0.55 -17.78
C SER C 61 1.95 -1.94 -18.23
N LEU C 62 0.98 -2.14 -19.15
CA LEU C 62 0.55 -3.42 -19.62
C LEU C 62 0.39 -3.42 -21.13
N MET D 1 -5.78 -12.01 -17.60
CA MET D 1 -5.59 -11.36 -16.29
C MET D 1 -6.47 -10.18 -16.05
N LYS D 2 -7.17 -10.16 -14.89
CA LYS D 2 -8.04 -9.11 -14.47
C LYS D 2 -8.02 -9.14 -12.98
N PRO D 3 -7.21 -8.40 -12.29
CA PRO D 3 -7.52 -8.01 -10.94
C PRO D 3 -8.76 -7.20 -10.76
N VAL D 4 -9.40 -7.34 -9.58
CA VAL D 4 -10.63 -6.71 -9.20
C VAL D 4 -10.33 -6.05 -7.90
N THR D 5 -11.15 -5.08 -7.43
CA THR D 5 -10.94 -4.43 -6.17
C THR D 5 -12.20 -4.54 -5.38
N LEU D 6 -12.11 -4.32 -4.05
CA LEU D 6 -13.19 -4.19 -3.14
C LEU D 6 -14.28 -3.26 -3.57
N TYR D 7 -13.93 -2.17 -4.27
CA TYR D 7 -14.82 -1.20 -4.83
C TYR D 7 -15.62 -1.73 -5.96
N ASP D 8 -15.01 -2.58 -6.82
CA ASP D 8 -15.65 -3.12 -7.98
C ASP D 8 -16.70 -4.11 -7.60
N VAL D 9 -16.43 -4.90 -6.55
CA VAL D 9 -17.32 -5.81 -5.90
C VAL D 9 -18.42 -5.06 -5.22
N ALA D 10 -18.06 -3.98 -4.50
CA ALA D 10 -18.96 -3.07 -3.86
C ALA D 10 -19.97 -2.43 -4.74
N GLU D 11 -19.53 -1.77 -5.83
CA GLU D 11 -20.36 -1.14 -6.80
C GLU D 11 -21.26 -2.07 -7.55
N TYR D 12 -20.80 -3.29 -7.85
CA TYR D 12 -21.61 -4.30 -8.47
C TYR D 12 -22.73 -4.75 -7.60
N ALA D 13 -22.46 -5.06 -6.32
CA ALA D 13 -23.50 -5.55 -5.45
C ALA D 13 -24.42 -4.47 -5.02
N GLY D 14 -23.90 -3.23 -4.97
CA GLY D 14 -24.62 -2.04 -4.62
C GLY D 14 -24.44 -1.65 -3.19
N VAL D 15 -23.23 -1.82 -2.64
CA VAL D 15 -22.87 -1.56 -1.28
C VAL D 15 -21.71 -0.62 -1.17
N SER D 16 -21.26 -0.33 0.06
CA SER D 16 -20.08 0.41 0.34
C SER D 16 -18.88 -0.47 0.38
N TYR D 17 -17.67 0.07 0.16
CA TYR D 17 -16.44 -0.65 0.08
C TYR D 17 -16.06 -1.47 1.26
N GLN D 18 -16.21 -0.96 2.51
CA GLN D 18 -15.97 -1.76 3.67
C GLN D 18 -17.05 -2.75 3.96
N THR D 19 -18.23 -2.66 3.32
CA THR D 19 -19.27 -3.64 3.47
C THR D 19 -18.85 -4.94 2.88
N VAL D 20 -18.07 -4.88 1.78
CA VAL D 20 -17.40 -5.99 1.17
C VAL D 20 -16.40 -6.64 2.07
N SER D 21 -15.43 -5.86 2.61
CA SER D 21 -14.42 -6.34 3.49
C SER D 21 -14.87 -7.02 4.74
N ARG D 22 -16.09 -6.68 5.24
CA ARG D 22 -16.72 -7.34 6.34
C ARG D 22 -17.14 -8.73 6.04
N VAL D 23 -17.28 -9.10 4.75
CA VAL D 23 -17.62 -10.43 4.32
C VAL D 23 -16.37 -11.20 4.06
N VAL D 24 -15.45 -10.53 3.34
CA VAL D 24 -14.21 -11.04 2.82
C VAL D 24 -13.22 -11.37 3.89
N ASN D 25 -12.85 -10.40 4.73
CA ASN D 25 -11.86 -10.55 5.74
C ASN D 25 -12.45 -10.57 7.11
N GLN D 26 -13.03 -9.44 7.54
CA GLN D 26 -13.40 -9.24 8.91
C GLN D 26 -14.82 -9.59 9.20
N ALA D 27 -15.12 -10.89 9.03
CA ALA D 27 -16.39 -11.49 9.30
C ALA D 27 -16.82 -11.47 10.74
N SER D 28 -17.80 -10.62 11.07
CA SER D 28 -18.35 -10.51 12.38
C SER D 28 -19.69 -9.86 12.29
N HIS D 29 -19.71 -8.52 12.10
CA HIS D 29 -20.91 -7.80 11.80
C HIS D 29 -21.30 -7.90 10.36
N VAL D 30 -21.54 -9.14 9.89
CA VAL D 30 -22.06 -9.40 8.59
C VAL D 30 -23.54 -9.44 8.74
N SER D 31 -24.29 -8.68 7.93
CA SER D 31 -25.71 -8.56 8.02
C SER D 31 -26.49 -9.74 7.57
N ALA D 32 -25.86 -10.78 7.00
CA ALA D 32 -26.45 -11.99 6.51
C ALA D 32 -27.25 -11.86 5.26
N LYS D 33 -28.18 -10.89 5.22
CA LYS D 33 -29.01 -10.53 4.11
C LYS D 33 -28.20 -9.99 2.98
N THR D 34 -27.38 -8.98 3.32
CA THR D 34 -26.41 -8.35 2.47
C THR D 34 -25.34 -9.25 1.99
N ARG D 35 -24.90 -10.23 2.81
CA ARG D 35 -23.86 -11.16 2.52
C ARG D 35 -23.95 -11.84 1.19
N GLU D 36 -25.16 -12.35 0.84
CA GLU D 36 -25.46 -13.00 -0.40
C GLU D 36 -25.26 -12.18 -1.63
N LYS D 37 -25.30 -10.83 -1.50
CA LYS D 37 -25.18 -9.90 -2.58
C LYS D 37 -23.74 -9.61 -2.79
N VAL D 38 -22.96 -9.54 -1.69
CA VAL D 38 -21.54 -9.36 -1.75
C VAL D 38 -20.87 -10.60 -2.25
N GLU D 39 -21.26 -11.77 -1.71
CA GLU D 39 -20.73 -13.03 -2.12
C GLU D 39 -21.00 -13.35 -3.55
N ALA D 40 -22.12 -12.82 -4.08
CA ALA D 40 -22.43 -12.85 -5.47
C ALA D 40 -21.57 -11.93 -6.27
N ALA D 41 -21.12 -10.78 -5.70
CA ALA D 41 -20.26 -9.89 -6.40
C ALA D 41 -18.89 -10.45 -6.62
N MET D 42 -18.30 -11.09 -5.59
CA MET D 42 -17.11 -11.88 -5.68
C MET D 42 -17.17 -12.99 -6.68
N ALA D 43 -18.38 -13.51 -6.93
CA ALA D 43 -18.61 -14.65 -7.77
C ALA D 43 -18.65 -14.32 -9.22
N GLU D 44 -19.13 -13.12 -9.58
CA GLU D 44 -19.24 -12.69 -10.94
C GLU D 44 -17.96 -12.21 -11.54
N LEU D 45 -17.44 -11.14 -10.94
CA LEU D 45 -16.31 -10.42 -11.42
C LEU D 45 -15.02 -11.12 -11.10
N ASN D 46 -15.08 -12.08 -10.17
CA ASN D 46 -14.03 -12.93 -9.69
C ASN D 46 -13.05 -12.12 -8.90
N TYR D 47 -13.46 -11.64 -7.71
CA TYR D 47 -12.62 -10.87 -6.84
C TYR D 47 -11.36 -11.54 -6.41
N ILE D 48 -10.24 -10.96 -6.90
CA ILE D 48 -8.91 -11.26 -6.47
C ILE D 48 -8.60 -10.18 -5.50
N PRO D 49 -8.60 -10.36 -4.21
CA PRO D 49 -7.88 -9.49 -3.34
C PRO D 49 -6.38 -9.41 -3.40
N ASN D 50 -5.85 -8.31 -2.84
CA ASN D 50 -4.45 -8.05 -2.65
C ASN D 50 -4.15 -8.24 -1.20
N ARG D 51 -3.08 -8.98 -0.89
CA ARG D 51 -2.62 -9.17 0.46
C ARG D 51 -1.81 -8.00 0.91
N VAL D 52 -1.06 -7.39 -0.03
CA VAL D 52 -0.25 -6.22 0.11
C VAL D 52 -0.99 -5.04 0.63
N ALA D 53 -2.21 -4.81 0.11
CA ALA D 53 -3.16 -3.83 0.52
C ALA D 53 -3.70 -4.03 1.89
N GLN D 54 -3.73 -5.30 2.35
CA GLN D 54 -4.14 -5.66 3.67
C GLN D 54 -3.01 -5.48 4.62
N GLN D 55 -1.75 -5.49 4.12
CA GLN D 55 -0.59 -5.30 4.92
C GLN D 55 -0.25 -3.87 5.11
N LEU D 56 -0.19 -3.05 4.05
CA LEU D 56 0.16 -1.66 4.10
C LEU D 56 -0.73 -0.78 4.91
N ALA D 57 -2.04 -0.88 4.61
CA ALA D 57 -3.07 -0.17 5.31
C ALA D 57 -3.45 -0.71 6.65
N GLY D 58 -3.00 -1.92 7.02
CA GLY D 58 -3.30 -2.57 8.26
C GLY D 58 -2.62 -1.96 9.44
N LYS D 59 -2.86 -0.66 9.63
CA LYS D 59 -2.35 0.17 10.68
C LYS D 59 -3.01 -0.10 11.99
N GLN D 60 -2.25 -0.05 13.11
CA GLN D 60 -2.76 -0.42 14.40
C GLN D 60 -2.41 0.56 15.46
N SER D 61 -2.88 0.29 16.69
CA SER D 61 -2.56 1.04 17.87
C SER D 61 -1.36 0.42 18.52
N LEU D 62 -0.64 1.20 19.34
CA LEU D 62 0.60 0.79 19.94
C LEU D 62 0.70 1.20 21.40
N MET C 1 7.10 2.82 15.25
CA MET C 1 8.21 2.48 16.17
C MET C 1 9.38 1.91 15.44
N LYS C 2 9.30 0.70 14.87
CA LYS C 2 10.36 0.13 14.09
C LYS C 2 10.68 0.87 12.84
N PRO C 3 9.86 1.09 11.85
CA PRO C 3 10.36 1.35 10.54
C PRO C 3 10.68 2.80 10.44
N VAL C 4 11.38 3.24 9.38
CA VAL C 4 11.73 4.60 9.12
C VAL C 4 11.05 4.87 7.82
N THR C 5 10.82 6.12 7.38
CA THR C 5 10.21 6.40 6.12
C THR C 5 11.15 7.19 5.29
N LEU C 6 10.96 7.22 3.96
CA LEU C 6 11.68 8.03 3.03
C LEU C 6 11.70 9.49 3.33
N TYR C 7 10.66 9.99 4.03
CA TYR C 7 10.49 11.30 4.55
C TYR C 7 11.42 11.54 5.69
N ASP C 8 11.53 10.60 6.66
CA ASP C 8 12.34 10.77 7.82
C ASP C 8 13.80 10.84 7.54
N VAL C 9 14.23 10.19 6.46
CA VAL C 9 15.52 10.21 5.84
C VAL C 9 15.74 11.52 5.16
N ALA C 10 14.75 11.96 4.35
CA ALA C 10 14.76 13.22 3.67
C ALA C 10 14.90 14.42 4.55
N GLU C 11 14.04 14.58 5.57
CA GLU C 11 14.06 15.63 6.53
C GLU C 11 15.34 15.71 7.28
N TYR C 12 15.97 14.55 7.57
CA TYR C 12 17.25 14.48 8.20
C TYR C 12 18.39 14.94 7.35
N ALA C 13 18.47 14.52 6.07
CA ALA C 13 19.53 14.91 5.19
C ALA C 13 19.35 16.30 4.71
N GLY C 14 18.11 16.85 4.84
CA GLY C 14 17.76 18.19 4.51
C GLY C 14 17.22 18.35 3.14
N VAL C 15 16.70 17.26 2.54
CA VAL C 15 16.22 17.21 1.20
C VAL C 15 14.75 16.95 1.15
N SER C 16 14.22 16.76 -0.07
CA SER C 16 12.86 16.37 -0.30
C SER C 16 12.78 14.89 -0.39
N TYR C 17 11.61 14.27 -0.10
CA TYR C 17 11.40 12.87 -0.25
C TYR C 17 11.55 12.33 -1.64
N GLN C 18 11.24 13.16 -2.65
CA GLN C 18 11.39 12.83 -4.03
C GLN C 18 12.83 12.80 -4.44
N THR C 19 13.73 13.39 -3.62
CA THR C 19 15.14 13.40 -3.84
C THR C 19 15.75 12.13 -3.39
N VAL C 20 15.35 11.63 -2.21
CA VAL C 20 15.76 10.41 -1.59
C VAL C 20 15.60 9.15 -2.37
N SER C 21 14.41 8.90 -2.96
CA SER C 21 14.10 7.72 -3.69
C SER C 21 15.00 7.34 -4.81
N ARG C 22 15.62 8.34 -5.47
CA ARG C 22 16.61 8.19 -6.47
C ARG C 22 17.87 7.57 -5.96
N VAL C 23 18.14 7.71 -4.64
CA VAL C 23 19.30 7.13 -4.02
C VAL C 23 18.98 5.75 -3.58
N VAL C 24 17.82 5.59 -2.92
CA VAL C 24 17.29 4.38 -2.36
C VAL C 24 17.14 3.25 -3.32
N ASN C 25 16.36 3.41 -4.41
CA ASN C 25 16.22 2.38 -5.38
C ASN C 25 15.96 2.83 -6.78
N GLN C 26 15.47 4.06 -6.99
CA GLN C 26 15.16 4.58 -8.29
C GLN C 26 16.32 5.22 -8.95
N ALA C 27 17.42 4.45 -9.09
CA ALA C 27 18.68 4.84 -9.66
C ALA C 27 18.67 5.26 -11.09
N SER C 28 18.56 6.59 -11.30
CA SER C 28 18.53 7.20 -12.59
C SER C 28 19.29 8.49 -12.52
N HIS C 29 18.61 9.64 -12.34
CA HIS C 29 19.22 10.91 -12.14
C HIS C 29 19.48 11.17 -10.70
N VAL C 30 20.45 10.42 -10.16
CA VAL C 30 20.96 10.57 -8.83
C VAL C 30 21.97 11.66 -8.84
N SER C 31 21.76 12.77 -8.10
CA SER C 31 22.68 13.85 -8.03
C SER C 31 23.88 13.46 -7.25
N ALA C 32 25.08 13.59 -7.83
CA ALA C 32 26.30 13.14 -7.22
C ALA C 32 26.65 13.87 -5.98
N LYS C 33 26.24 15.15 -5.90
CA LYS C 33 26.34 16.01 -4.77
C LYS C 33 25.47 15.53 -3.66
N THR C 34 24.14 15.46 -3.90
CA THR C 34 23.13 15.08 -2.97
C THR C 34 23.15 13.66 -2.51
N ARG C 35 23.53 12.68 -3.38
CA ARG C 35 23.61 11.29 -3.07
C ARG C 35 24.23 10.94 -1.77
N GLU C 36 25.44 11.47 -1.52
CA GLU C 36 26.23 11.27 -0.35
C GLU C 36 25.67 11.79 0.92
N LYS C 37 24.61 12.62 0.85
CA LYS C 37 23.93 13.19 1.98
C LYS C 37 22.79 12.31 2.36
N VAL C 38 22.06 11.81 1.35
CA VAL C 38 20.97 10.90 1.57
C VAL C 38 21.45 9.56 2.03
N GLU C 39 22.53 9.04 1.42
CA GLU C 39 23.17 7.82 1.81
C GLU C 39 23.57 7.77 3.24
N ALA C 40 23.92 8.93 3.82
CA ALA C 40 24.18 9.09 5.22
C ALA C 40 22.94 9.07 6.04
N ALA C 41 21.82 9.66 5.59
CA ALA C 41 20.60 9.68 6.31
C ALA C 41 20.01 8.33 6.58
N MET C 42 19.90 7.48 5.55
CA MET C 42 19.53 6.11 5.72
C MET C 42 20.48 5.29 6.52
N ALA C 43 21.72 5.78 6.76
CA ALA C 43 22.70 5.13 7.57
C ALA C 43 22.60 5.46 9.02
N GLU C 44 22.35 6.73 9.37
CA GLU C 44 22.24 7.22 10.71
C GLU C 44 21.02 6.71 11.40
N LEU C 45 19.90 6.81 10.65
CA LEU C 45 18.59 6.49 11.10
C LEU C 45 18.23 5.05 10.98
N ASN C 46 18.96 4.34 10.11
CA ASN C 46 18.75 2.98 9.70
C ASN C 46 17.48 2.77 8.96
N TYR C 47 17.33 3.41 7.78
CA TYR C 47 16.15 3.35 6.96
C TYR C 47 15.75 1.98 6.52
N ILE C 48 14.51 1.61 6.86
CA ILE C 48 13.83 0.43 6.42
C ILE C 48 12.86 0.91 5.39
N PRO C 49 13.00 0.77 4.10
CA PRO C 49 11.88 0.68 3.20
C PRO C 49 11.14 -0.61 3.25
N ASN C 50 9.85 -0.62 2.84
CA ASN C 50 9.07 -1.82 2.81
C ASN C 50 8.43 -2.07 1.49
N ARG C 51 8.35 -3.35 1.07
CA ARG C 51 7.73 -3.76 -0.15
C ARG C 51 6.25 -3.88 -0.08
N VAL C 52 5.60 -2.92 0.61
CA VAL C 52 4.19 -2.72 0.69
C VAL C 52 3.95 -1.42 0.00
N ALA C 53 4.63 -0.37 0.51
CA ALA C 53 4.76 0.97 0.03
C ALA C 53 5.33 1.05 -1.34
N GLN C 54 6.25 0.12 -1.66
CA GLN C 54 6.82 -0.02 -2.96
C GLN C 54 5.96 -0.76 -3.93
N GLN C 55 4.78 -1.26 -3.54
CA GLN C 55 3.91 -1.97 -4.44
C GLN C 55 2.65 -1.22 -4.75
N LEU C 56 1.77 -0.95 -3.77
CA LEU C 56 0.45 -0.43 -3.95
C LEU C 56 0.32 0.79 -4.80
N ALA C 57 1.30 1.70 -4.64
CA ALA C 57 1.55 2.90 -5.36
C ALA C 57 1.58 2.77 -6.84
N GLY C 58 1.94 1.58 -7.34
CA GLY C 58 1.92 1.24 -8.73
C GLY C 58 3.26 1.18 -9.37
N LYS C 59 4.25 0.58 -8.68
CA LYS C 59 5.59 0.48 -9.19
C LYS C 59 5.77 -0.45 -10.35
N GLN C 60 6.58 0.00 -11.32
CA GLN C 60 6.90 -0.70 -12.53
C GLN C 60 8.03 -1.65 -12.34
N SER C 61 7.91 -2.86 -12.91
CA SER C 61 8.87 -3.92 -12.83
C SER C 61 9.19 -4.36 -11.45
N LEU C 62 10.39 -4.06 -10.91
CA LEU C 62 10.81 -4.44 -9.60
C LEU C 62 11.24 -3.22 -8.78
N MET D 1 -5.55 -6.39 -14.63
CA MET D 1 -5.88 -7.61 -15.39
C MET D 1 -6.26 -8.77 -14.54
N LYS D 2 -5.35 -9.32 -13.71
CA LYS D 2 -5.62 -10.45 -12.88
C LYS D 2 -6.25 -10.27 -11.54
N PRO D 3 -5.87 -9.41 -10.64
CA PRO D 3 -6.73 -8.91 -9.61
C PRO D 3 -8.05 -8.32 -9.95
N VAL D 4 -8.93 -8.29 -8.93
CA VAL D 4 -10.24 -7.72 -8.88
C VAL D 4 -10.16 -6.87 -7.66
N THR D 5 -11.02 -5.87 -7.48
CA THR D 5 -10.98 -5.00 -6.33
C THR D 5 -12.23 -5.13 -5.54
N LEU D 6 -12.21 -4.70 -4.27
CA LEU D 6 -13.36 -4.58 -3.43
C LEU D 6 -14.45 -3.73 -4.00
N TYR D 7 -14.09 -2.74 -4.84
CA TYR D 7 -14.97 -1.89 -5.55
C TYR D 7 -15.67 -2.60 -6.65
N ASP D 8 -14.96 -3.48 -7.39
CA ASP D 8 -15.46 -4.17 -8.53
C ASP D 8 -16.49 -5.19 -8.15
N VAL D 9 -16.32 -5.76 -6.94
CA VAL D 9 -17.22 -6.63 -6.24
C VAL D 9 -18.41 -5.86 -5.78
N ALA D 10 -18.16 -4.68 -5.18
CA ALA D 10 -19.16 -3.75 -4.75
C ALA D 10 -20.12 -3.31 -5.80
N GLU D 11 -19.61 -2.78 -6.93
CA GLU D 11 -20.34 -2.31 -8.06
C GLU D 11 -21.18 -3.35 -8.72
N TYR D 12 -20.72 -4.62 -8.74
CA TYR D 12 -21.47 -5.72 -9.25
C TYR D 12 -22.58 -6.14 -8.36
N ALA D 13 -22.37 -6.23 -7.04
CA ALA D 13 -23.41 -6.63 -6.16
C ALA D 13 -24.42 -5.55 -5.93
N GLY D 14 -24.04 -4.30 -6.25
CA GLY D 14 -24.85 -3.13 -6.16
C GLY D 14 -24.75 -2.44 -4.86
N VAL D 15 -23.58 -2.49 -4.20
CA VAL D 15 -23.37 -1.93 -2.90
C VAL D 15 -22.21 -1.00 -2.89
N SER D 16 -21.88 -0.45 -1.71
CA SER D 16 -20.72 0.36 -1.52
C SER D 16 -19.56 -0.51 -1.17
N TYR D 17 -18.31 -0.06 -1.41
CA TYR D 17 -17.12 -0.76 -1.06
C TYR D 17 -16.92 -0.98 0.40
N GLN D 18 -17.49 -0.07 1.22
CA GLN D 18 -17.53 -0.13 2.65
C GLN D 18 -18.45 -1.20 3.14
N THR D 19 -19.39 -1.67 2.30
CA THR D 19 -20.32 -2.70 2.61
C THR D 19 -19.66 -4.02 2.45
N VAL D 20 -18.91 -4.19 1.34
CA VAL D 20 -18.15 -5.36 0.99
C VAL D 20 -17.16 -5.86 1.98
N SER D 21 -16.28 -4.99 2.52
CA SER D 21 -15.25 -5.40 3.43
C SER D 21 -15.65 -6.13 4.66
N ARG D 22 -16.85 -5.87 5.20
CA ARG D 22 -17.41 -6.59 6.30
C ARG D 22 -17.65 -8.03 5.98
N VAL D 23 -17.87 -8.36 4.70
CA VAL D 23 -18.11 -9.68 4.24
C VAL D 23 -16.83 -10.39 3.97
N VAL D 24 -15.89 -9.69 3.31
CA VAL D 24 -14.58 -10.14 2.98
C VAL D 24 -13.75 -10.57 4.14
N ASN D 25 -13.38 -9.68 5.07
CA ASN D 25 -12.60 -10.07 6.21
C ASN D 25 -12.82 -9.26 7.44
N GLN D 26 -13.60 -8.17 7.41
CA GLN D 26 -13.90 -7.36 8.55
C GLN D 26 -15.17 -7.77 9.22
N ALA D 27 -15.25 -9.06 9.59
CA ALA D 27 -16.36 -9.72 10.21
C ALA D 27 -16.79 -9.20 11.54
N SER D 28 -17.69 -8.19 11.48
CA SER D 28 -18.25 -7.53 12.62
C SER D 28 -19.71 -7.35 12.42
N HIS D 29 -20.19 -6.18 11.98
CA HIS D 29 -21.58 -5.98 11.67
C HIS D 29 -21.86 -6.27 10.23
N VAL D 30 -21.83 -7.57 9.91
CA VAL D 30 -22.15 -8.11 8.61
C VAL D 30 -23.63 -8.27 8.51
N SER D 31 -24.29 -7.49 7.63
CA SER D 31 -25.71 -7.56 7.45
C SER D 31 -26.09 -8.83 6.77
N ALA D 32 -27.03 -9.61 7.34
CA ALA D 32 -27.48 -10.86 6.82
C ALA D 32 -28.16 -10.74 5.50
N LYS D 33 -28.92 -9.65 5.26
CA LYS D 33 -29.54 -9.34 4.01
C LYS D 33 -28.55 -9.15 2.92
N THR D 34 -27.57 -8.26 3.12
CA THR D 34 -26.52 -7.92 2.22
C THR D 34 -25.45 -8.94 2.00
N ARG D 35 -24.95 -9.63 3.04
CA ARG D 35 -23.92 -10.62 2.98
C ARG D 35 -23.95 -11.57 1.83
N GLU D 36 -25.10 -12.22 1.60
CA GLU D 36 -25.37 -13.16 0.55
C GLU D 36 -25.23 -12.63 -0.83
N LYS D 37 -25.29 -11.29 -1.02
CA LYS D 37 -25.18 -10.65 -2.28
C LYS D 37 -23.76 -10.36 -2.58
N VAL D 38 -23.01 -9.92 -1.55
CA VAL D 38 -21.61 -9.66 -1.67
C VAL D 38 -20.81 -10.90 -1.79
N GLU D 39 -21.16 -11.94 -1.01
CA GLU D 39 -20.57 -13.24 -1.11
C GLU D 39 -20.70 -13.84 -2.46
N ALA D 40 -21.76 -13.46 -3.20
CA ALA D 40 -21.94 -13.80 -4.58
C ALA D 40 -21.06 -13.03 -5.48
N ALA D 41 -20.86 -11.71 -5.28
CA ALA D 41 -20.05 -10.91 -6.14
C ALA D 41 -18.62 -11.32 -6.22
N MET D 42 -17.98 -11.60 -5.07
CA MET D 42 -16.66 -12.14 -5.04
C MET D 42 -16.55 -13.51 -5.62
N ALA D 43 -17.66 -14.25 -5.78
CA ALA D 43 -17.67 -15.56 -6.33
C ALA D 43 -17.70 -15.50 -7.82
N GLU D 44 -18.56 -14.64 -8.40
CA GLU D 44 -18.73 -14.53 -9.82
C GLU D 44 -17.51 -14.02 -10.52
N LEU D 45 -16.96 -12.93 -9.97
CA LEU D 45 -15.83 -12.21 -10.45
C LEU D 45 -14.50 -12.78 -10.07
N ASN D 46 -14.51 -13.65 -9.06
CA ASN D 46 -13.41 -14.31 -8.42
C ASN D 46 -12.46 -13.35 -7.78
N TYR D 47 -12.97 -12.54 -6.83
CA TYR D 47 -12.21 -11.55 -6.12
C TYR D 47 -10.97 -12.03 -5.44
N ILE D 48 -9.87 -11.31 -5.71
CA ILE D 48 -8.60 -11.50 -5.08
C ILE D 48 -8.38 -10.28 -4.26
N PRO D 49 -8.45 -10.25 -2.96
CA PRO D 49 -7.70 -9.31 -2.18
C PRO D 49 -6.24 -9.57 -2.11
N ASN D 50 -5.43 -8.52 -1.87
CA ASN D 50 -4.01 -8.66 -1.75
C ASN D 50 -3.53 -8.08 -0.46
N ARG D 51 -2.56 -8.74 0.18
CA ARG D 51 -1.97 -8.29 1.41
C ARG D 51 -0.92 -7.25 1.28
N VAL D 52 -1.23 -6.25 0.43
CA VAL D 52 -0.53 -5.02 0.19
C VAL D 52 -1.48 -3.95 0.63
N ALA D 53 -2.68 -3.99 0.04
CA ALA D 53 -3.83 -3.17 0.27
C ALA D 53 -4.36 -3.30 1.65
N GLN D 54 -4.28 -4.54 2.18
CA GLN D 54 -4.62 -4.79 3.55
C GLN D 54 -3.57 -4.39 4.53
N GLN D 55 -2.41 -3.85 4.11
CA GLN D 55 -1.35 -3.47 4.98
C GLN D 55 -1.07 -2.01 5.06
N LEU D 56 -0.76 -1.32 3.94
CA LEU D 56 -0.36 0.05 3.90
C LEU D 56 -1.29 1.02 4.56
N ALA D 57 -2.60 0.81 4.30
CA ALA D 57 -3.76 1.45 4.83
C ALA D 57 -3.89 1.62 6.30
N GLY D 58 -3.14 0.83 7.11
CA GLY D 58 -3.04 1.00 8.52
C GLY D 58 -3.86 0.06 9.34
N LYS D 59 -4.08 -1.16 8.81
CA LYS D 59 -4.84 -2.19 9.45
C LYS D 59 -4.32 -2.64 10.78
N GLN D 60 -5.25 -2.97 11.70
CA GLN D 60 -4.94 -3.50 12.99
C GLN D 60 -4.82 -4.98 12.95
N SER D 61 -4.08 -5.57 13.90
CA SER D 61 -3.82 -6.96 14.07
C SER D 61 -3.48 -7.73 12.84
N LEU D 62 -4.41 -8.57 12.34
CA LEU D 62 -4.27 -9.34 11.14
C LEU D 62 -5.41 -9.01 10.18
N MET C 1 8.32 3.27 17.66
CA MET C 1 8.89 3.62 16.34
C MET C 1 9.82 2.58 15.83
N LYS C 2 9.71 2.12 14.58
CA LYS C 2 10.60 1.11 14.06
C LYS C 2 10.77 1.19 12.58
N PRO C 3 9.87 1.02 11.66
CA PRO C 3 10.00 1.66 10.38
C PRO C 3 10.10 3.14 10.32
N VAL C 4 10.98 3.60 9.41
CA VAL C 4 11.29 4.95 9.05
C VAL C 4 10.76 5.06 7.66
N THR C 5 10.49 6.28 7.15
CA THR C 5 9.95 6.44 5.83
C THR C 5 10.89 7.26 5.01
N LEU C 6 10.75 7.21 3.67
CA LEU C 6 11.44 7.98 2.68
C LEU C 6 11.32 9.45 2.89
N TYR C 7 10.20 9.89 3.49
CA TYR C 7 9.92 11.24 3.90
C TYR C 7 10.74 11.63 5.07
N ASP C 8 10.94 10.74 6.06
CA ASP C 8 11.70 11.00 7.24
C ASP C 8 13.14 11.20 6.94
N VAL C 9 13.69 10.43 5.98
CA VAL C 9 14.99 10.54 5.41
C VAL C 9 15.15 11.79 4.61
N ALA C 10 14.17 12.09 3.75
CA ALA C 10 14.06 13.28 2.96
C ALA C 10 14.08 14.54 3.74
N GLU C 11 13.22 14.68 4.77
CA GLU C 11 13.17 15.81 5.65
C GLU C 11 14.46 16.04 6.37
N TYR C 12 15.09 14.97 6.90
CA TYR C 12 16.33 15.06 7.60
C TYR C 12 17.46 15.57 6.77
N ALA C 13 17.66 15.03 5.56
CA ALA C 13 18.73 15.45 4.69
C ALA C 13 18.48 16.75 4.01
N GLY C 14 17.21 17.19 3.92
CA GLY C 14 16.80 18.39 3.28
C GLY C 14 16.54 18.25 1.82
N VAL C 15 15.95 17.12 1.39
CA VAL C 15 15.73 16.76 0.02
C VAL C 15 14.32 16.34 -0.21
N SER C 16 14.00 15.92 -1.45
CA SER C 16 12.71 15.42 -1.82
C SER C 16 12.62 13.95 -1.57
N TYR C 17 11.39 13.40 -1.58
CA TYR C 17 11.11 12.00 -1.45
C TYR C 17 11.55 11.24 -2.65
N GLN C 18 11.46 11.83 -3.85
CA GLN C 18 12.02 11.28 -5.04
C GLN C 18 13.43 11.70 -5.27
N THR C 19 14.10 12.26 -4.24
CA THR C 19 15.52 12.43 -4.23
C THR C 19 16.04 11.20 -3.59
N VAL C 20 15.50 10.83 -2.42
CA VAL C 20 15.79 9.65 -1.65
C VAL C 20 15.74 8.37 -2.40
N SER C 21 14.60 7.98 -2.99
CA SER C 21 14.42 6.75 -3.70
C SER C 21 15.39 6.46 -4.79
N ARG C 22 15.84 7.50 -5.51
CA ARG C 22 16.83 7.39 -6.55
C ARG C 22 18.17 7.06 -5.99
N VAL C 23 18.44 7.31 -4.70
CA VAL C 23 19.69 7.04 -4.08
C VAL C 23 19.65 5.67 -3.47
N VAL C 24 18.55 5.39 -2.76
CA VAL C 24 18.25 4.17 -2.08
C VAL C 24 18.32 2.97 -2.97
N ASN C 25 17.61 3.05 -4.11
CA ASN C 25 17.57 2.01 -5.10
C ASN C 25 18.67 2.12 -6.10
N GLN C 26 19.60 3.07 -5.93
CA GLN C 26 20.69 3.35 -6.81
C GLN C 26 20.36 3.46 -8.26
N ALA C 27 19.63 4.52 -8.63
CA ALA C 27 19.18 4.82 -9.95
C ALA C 27 20.15 5.66 -10.73
N SER C 28 19.75 6.19 -11.90
CA SER C 28 20.61 6.96 -12.75
C SER C 28 20.96 8.33 -12.25
N HIS C 29 19.96 9.22 -12.11
CA HIS C 29 20.18 10.59 -11.76
C HIS C 29 20.44 10.84 -10.32
N VAL C 30 21.63 10.40 -9.86
CA VAL C 30 22.13 10.61 -8.53
C VAL C 30 23.17 11.68 -8.61
N SER C 31 22.91 12.82 -7.94
CA SER C 31 23.86 13.89 -7.84
C SER C 31 24.88 13.58 -6.80
N ALA C 32 26.17 13.67 -7.14
CA ALA C 32 27.25 13.35 -6.26
C ALA C 32 27.33 14.17 -5.03
N LYS C 33 26.94 15.46 -5.10
CA LYS C 33 26.89 16.35 -3.99
C LYS C 33 25.89 15.90 -2.99
N THR C 34 24.65 15.76 -3.48
CA THR C 34 23.46 15.39 -2.78
C THR C 34 23.51 14.01 -2.21
N ARG C 35 24.00 12.99 -2.93
CA ARG C 35 24.07 11.63 -2.48
C ARG C 35 24.48 11.37 -1.08
N GLU C 36 25.58 11.99 -0.62
CA GLU C 36 26.11 11.86 0.71
C GLU C 36 25.25 12.40 1.80
N LYS C 37 24.29 13.28 1.48
CA LYS C 37 23.36 13.86 2.42
C LYS C 37 22.26 12.89 2.65
N VAL C 38 21.80 12.24 1.57
CA VAL C 38 20.80 11.22 1.57
C VAL C 38 21.31 9.97 2.21
N GLU C 39 22.52 9.52 1.80
CA GLU C 39 23.12 8.34 2.34
C GLU C 39 23.44 8.47 3.79
N ALA C 40 23.65 9.70 4.29
CA ALA C 40 23.75 10.00 5.69
C ALA C 40 22.42 9.94 6.37
N ALA C 41 21.31 10.33 5.72
CA ALA C 41 20.03 10.31 6.35
C ALA C 41 19.56 8.94 6.69
N MET C 42 19.70 7.97 5.77
CA MET C 42 19.49 6.57 5.99
C MET C 42 20.23 6.04 7.17
N ALA C 43 21.46 6.54 7.39
CA ALA C 43 22.40 6.05 8.35
C ALA C 43 22.11 6.50 9.74
N GLU C 44 21.61 7.74 9.89
CA GLU C 44 21.25 8.26 11.17
C GLU C 44 20.04 7.59 11.73
N LEU C 45 18.95 7.76 10.97
CA LEU C 45 17.64 7.29 11.27
C LEU C 45 17.47 5.81 11.23
N ASN C 46 18.27 5.11 10.41
CA ASN C 46 18.22 3.71 10.13
C ASN C 46 17.00 3.44 9.32
N TYR C 47 16.97 3.94 8.08
CA TYR C 47 15.89 3.79 7.15
C TYR C 47 15.61 2.38 6.74
N ILE C 48 14.31 2.04 6.73
CA ILE C 48 13.80 0.77 6.34
C ILE C 48 13.18 0.99 5.00
N PRO C 49 13.61 0.43 3.91
CA PRO C 49 12.75 0.14 2.80
C PRO C 49 11.55 -0.67 3.15
N ASN C 50 10.33 -0.08 3.15
CA ASN C 50 9.11 -0.79 3.36
C ASN C 50 8.68 -1.40 2.07
N ARG C 51 8.79 -2.73 1.92
CA ARG C 51 8.54 -3.43 0.71
C ARG C 51 7.10 -3.55 0.35
N VAL C 52 6.17 -3.27 1.28
CA VAL C 52 4.75 -3.25 1.07
C VAL C 52 4.33 -2.06 0.26
N ALA C 53 4.89 -0.88 0.60
CA ALA C 53 4.76 0.37 -0.08
C ALA C 53 5.21 0.33 -1.50
N GLN C 54 6.39 -0.29 -1.68
CA GLN C 54 7.02 -0.62 -2.93
C GLN C 54 6.21 -1.51 -3.79
N GLN C 55 5.37 -2.38 -3.19
CA GLN C 55 4.51 -3.27 -3.90
C GLN C 55 3.19 -2.69 -4.25
N LEU C 56 2.48 -2.05 -3.31
CA LEU C 56 1.18 -1.50 -3.55
C LEU C 56 1.14 -0.37 -4.52
N ALA C 57 2.17 0.48 -4.48
CA ALA C 57 2.34 1.55 -5.41
C ALA C 57 2.75 1.00 -6.74
N GLY C 58 3.97 0.45 -6.80
CA GLY C 58 4.67 -0.21 -7.86
C GLY C 58 4.24 -0.05 -9.29
N LYS C 59 3.89 1.19 -9.69
CA LYS C 59 3.32 1.50 -10.97
C LYS C 59 4.20 1.33 -12.15
N GLN C 60 3.60 0.99 -13.31
CA GLN C 60 4.25 0.83 -14.57
C GLN C 60 3.59 1.75 -15.54
N SER C 61 4.22 2.02 -16.70
CA SER C 61 3.67 2.85 -17.72
C SER C 61 4.11 2.37 -19.05
N LEU C 62 5.07 3.03 -19.72
CA LEU C 62 5.60 2.64 -20.99
C LEU C 62 6.85 1.80 -20.80
N MET D 1 -6.37 -7.70 -17.17
CA MET D 1 -7.16 -7.68 -15.91
C MET D 1 -7.04 -8.94 -15.13
N LYS D 2 -6.65 -8.87 -13.85
CA LYS D 2 -6.43 -10.04 -13.05
C LYS D 2 -6.70 -9.83 -11.59
N PRO D 3 -6.08 -9.02 -10.79
CA PRO D 3 -6.75 -8.47 -9.65
C PRO D 3 -7.96 -7.64 -9.88
N VAL D 4 -8.97 -7.87 -9.02
CA VAL D 4 -10.23 -7.21 -8.86
C VAL D 4 -10.04 -6.44 -7.59
N THR D 5 -10.87 -5.42 -7.29
CA THR D 5 -10.76 -4.61 -6.13
C THR D 5 -12.04 -4.66 -5.37
N LEU D 6 -12.01 -4.34 -4.06
CA LEU D 6 -13.15 -4.23 -3.21
C LEU D 6 -14.22 -3.29 -3.67
N TYR D 7 -13.81 -2.27 -4.46
CA TYR D 7 -14.63 -1.30 -5.11
C TYR D 7 -15.38 -1.90 -6.25
N ASP D 8 -14.76 -2.83 -6.99
CA ASP D 8 -15.33 -3.50 -8.12
C ASP D 8 -16.42 -4.42 -7.70
N VAL D 9 -16.23 -5.12 -6.58
CA VAL D 9 -17.20 -5.94 -5.90
C VAL D 9 -18.30 -5.12 -5.34
N ALA D 10 -17.98 -4.02 -4.63
CA ALA D 10 -18.90 -3.07 -4.09
C ALA D 10 -19.84 -2.46 -5.07
N GLU D 11 -19.35 -1.93 -6.20
CA GLU D 11 -20.11 -1.42 -7.30
C GLU D 11 -21.04 -2.40 -7.93
N TYR D 12 -20.59 -3.65 -8.14
CA TYR D 12 -21.40 -4.70 -8.69
C TYR D 12 -22.51 -5.11 -7.79
N ALA D 13 -22.23 -5.34 -6.50
CA ALA D 13 -23.21 -5.77 -5.56
C ALA D 13 -24.15 -4.70 -5.15
N GLY D 14 -23.75 -3.42 -5.27
CA GLY D 14 -24.53 -2.26 -4.99
C GLY D 14 -24.39 -1.75 -3.59
N VAL D 15 -23.20 -1.93 -3.01
CA VAL D 15 -22.92 -1.71 -1.62
C VAL D 15 -21.75 -0.80 -1.42
N SER D 16 -21.25 -0.68 -0.18
CA SER D 16 -20.10 0.10 0.15
C SER D 16 -18.89 -0.78 0.21
N TYR D 17 -17.69 -0.18 0.15
CA TYR D 17 -16.44 -0.86 0.27
C TYR D 17 -16.23 -1.43 1.63
N GLN D 18 -16.76 -0.79 2.69
CA GLN D 18 -16.78 -1.38 4.00
C GLN D 18 -17.99 -2.20 4.26
N THR D 19 -18.85 -2.43 3.25
CA THR D 19 -19.86 -3.44 3.34
C THR D 19 -19.17 -4.70 2.93
N VAL D 20 -18.44 -4.65 1.80
CA VAL D 20 -17.65 -5.72 1.27
C VAL D 20 -16.70 -6.39 2.22
N SER D 21 -15.70 -5.69 2.76
CA SER D 21 -14.70 -6.27 3.61
C SER D 21 -15.17 -6.98 4.84
N ARG D 22 -16.28 -6.49 5.42
CA ARG D 22 -16.92 -7.13 6.54
C ARG D 22 -17.50 -8.44 6.16
N VAL D 23 -17.81 -8.69 4.88
CA VAL D 23 -18.33 -9.94 4.42
C VAL D 23 -17.20 -10.87 4.09
N VAL D 24 -16.24 -10.35 3.31
CA VAL D 24 -15.03 -10.97 2.87
C VAL D 24 -14.23 -11.63 3.94
N ASN D 25 -13.89 -10.88 5.01
CA ASN D 25 -13.14 -11.34 6.13
C ASN D 25 -14.00 -11.99 7.18
N GLN D 26 -15.33 -11.86 7.07
CA GLN D 26 -16.32 -12.38 7.97
C GLN D 26 -16.28 -11.78 9.33
N ALA D 27 -16.70 -10.51 9.40
CA ALA D 27 -16.74 -9.72 10.59
C ALA D 27 -18.03 -9.87 11.33
N SER D 28 -18.37 -8.94 12.23
CA SER D 28 -19.56 -9.03 13.03
C SER D 28 -20.81 -8.60 12.32
N HIS D 29 -20.84 -7.35 11.84
CA HIS D 29 -22.00 -6.75 11.25
C HIS D 29 -22.20 -7.09 9.81
N VAL D 30 -22.56 -8.37 9.58
CA VAL D 30 -22.91 -8.89 8.29
C VAL D 30 -24.40 -8.99 8.25
N SER D 31 -25.03 -8.22 7.35
CA SER D 31 -26.45 -8.23 7.12
C SER D 31 -26.83 -9.41 6.30
N ALA D 32 -27.73 -10.27 6.79
CA ALA D 32 -28.11 -11.47 6.11
C ALA D 32 -28.69 -11.32 4.75
N LYS D 33 -29.36 -10.18 4.52
CA LYS D 33 -29.92 -9.78 3.27
C LYS D 33 -28.85 -9.43 2.29
N THR D 34 -27.97 -8.50 2.69
CA THR D 34 -26.89 -7.98 1.90
C THR D 34 -25.80 -8.95 1.64
N ARG D 35 -25.46 -9.86 2.56
CA ARG D 35 -24.43 -10.85 2.44
C ARG D 35 -24.30 -11.53 1.12
N GLU D 36 -25.42 -12.10 0.62
CA GLU D 36 -25.51 -12.77 -0.64
C GLU D 36 -25.32 -11.98 -1.88
N LYS D 37 -25.41 -10.63 -1.80
CA LYS D 37 -25.21 -9.74 -2.90
C LYS D 37 -23.74 -9.52 -3.03
N VAL D 38 -23.06 -9.38 -1.88
CA VAL D 38 -21.63 -9.30 -1.82
C VAL D 38 -20.97 -10.60 -2.14
N GLU D 39 -21.42 -11.72 -1.54
CA GLU D 39 -20.87 -13.00 -1.79
C GLU D 39 -21.06 -13.42 -3.22
N ALA D 40 -22.12 -12.91 -3.86
CA ALA D 40 -22.30 -13.06 -5.28
C ALA D 40 -21.34 -12.21 -6.05
N ALA D 41 -21.01 -10.99 -5.63
CA ALA D 41 -20.12 -10.15 -6.37
C ALA D 41 -18.73 -10.69 -6.50
N MET D 42 -18.17 -11.24 -5.42
CA MET D 42 -16.96 -12.01 -5.40
C MET D 42 -16.94 -13.16 -6.34
N ALA D 43 -18.13 -13.75 -6.63
CA ALA D 43 -18.29 -14.96 -7.37
C ALA D 43 -18.37 -14.76 -8.84
N GLU D 44 -18.90 -13.59 -9.27
CA GLU D 44 -19.04 -13.21 -10.63
C GLU D 44 -17.70 -12.81 -11.17
N LEU D 45 -17.15 -11.79 -10.48
CA LEU D 45 -15.93 -11.11 -10.79
C LEU D 45 -14.68 -11.85 -10.44
N ASN D 46 -14.75 -12.79 -9.49
CA ASN D 46 -13.63 -13.51 -8.94
C ASN D 46 -12.69 -12.58 -8.24
N TYR D 47 -13.18 -11.96 -7.16
CA TYR D 47 -12.44 -11.05 -6.33
C TYR D 47 -11.24 -11.63 -5.66
N ILE D 48 -10.11 -10.90 -5.76
CA ILE D 48 -8.86 -11.25 -5.16
C ILE D 48 -8.73 -10.42 -3.92
N PRO D 49 -8.67 -10.91 -2.72
CA PRO D 49 -7.95 -10.21 -1.69
C PRO D 49 -6.54 -9.85 -1.98
N ASN D 50 -6.23 -8.56 -2.20
CA ASN D 50 -4.90 -8.10 -2.43
C ASN D 50 -4.26 -7.94 -1.09
N ARG D 51 -3.25 -8.76 -0.75
CA ARG D 51 -2.67 -8.81 0.55
C ARG D 51 -1.70 -7.70 0.79
N VAL D 52 -1.30 -6.96 -0.26
CA VAL D 52 -0.43 -5.83 -0.16
C VAL D 52 -1.13 -4.64 0.39
N ALA D 53 -2.37 -4.44 -0.10
CA ALA D 53 -3.36 -3.50 0.33
C ALA D 53 -3.83 -3.76 1.73
N GLN D 54 -3.80 -5.04 2.13
CA GLN D 54 -4.10 -5.45 3.46
C GLN D 54 -3.02 -5.11 4.43
N GLN D 55 -1.77 -4.99 3.94
CA GLN D 55 -0.62 -4.67 4.74
C GLN D 55 -0.30 -3.22 4.84
N LEU D 56 -0.32 -2.43 3.75
CA LEU D 56 0.07 -1.05 3.78
C LEU D 56 -0.79 -0.16 4.60
N ALA D 57 -2.11 -0.32 4.42
CA ALA D 57 -3.12 0.32 5.21
C ALA D 57 -3.10 -0.18 6.62
N GLY D 58 -3.50 -1.44 6.85
CA GLY D 58 -3.52 -2.21 8.05
C GLY D 58 -3.38 -1.52 9.37
N LYS D 59 -4.24 -0.50 9.58
CA LYS D 59 -4.16 0.40 10.68
C LYS D 59 -4.73 -0.12 11.95
N GLN D 60 -4.18 0.36 13.09
CA GLN D 60 -4.61 0.04 14.41
C GLN D 60 -4.95 1.31 15.12
N SER D 61 -5.72 1.24 16.21
CA SER D 61 -6.11 2.43 16.93
C SER D 61 -6.07 2.10 18.39
N LEU D 62 -7.22 1.86 19.02
CA LEU D 62 -7.33 1.46 20.39
C LEU D 62 -7.34 -0.05 20.43
N MET C 1 14.47 -4.83 13.45
CA MET C 1 13.37 -3.99 13.96
C MET C 1 13.42 -2.56 13.53
N LYS C 2 12.41 -1.75 13.86
CA LYS C 2 12.26 -0.38 13.43
C LYS C 2 12.36 -0.10 11.98
N PRO C 3 11.38 -0.40 11.17
CA PRO C 3 11.11 0.33 9.97
C PRO C 3 11.14 1.82 10.00
N VAL C 4 11.70 2.44 8.94
CA VAL C 4 11.89 3.83 8.68
C VAL C 4 11.19 4.08 7.39
N THR C 5 10.99 5.34 6.94
CA THR C 5 10.30 5.60 5.72
C THR C 5 11.10 6.59 4.94
N LEU C 6 10.86 6.67 3.62
CA LEU C 6 11.42 7.65 2.75
C LEU C 6 11.27 9.08 3.15
N TYR C 7 10.16 9.41 3.85
CA TYR C 7 9.85 10.69 4.39
C TYR C 7 10.67 11.00 5.60
N ASP C 8 11.05 9.97 6.37
CA ASP C 8 11.83 10.06 7.56
C ASP C 8 13.25 10.41 7.22
N VAL C 9 13.76 9.79 6.15
CA VAL C 9 15.04 10.01 5.53
C VAL C 9 15.11 11.37 4.92
N ALA C 10 14.07 11.74 4.16
CA ALA C 10 13.92 13.02 3.54
C ALA C 10 13.92 14.18 4.48
N GLU C 11 13.12 14.11 5.56
CA GLU C 11 13.04 15.09 6.60
C GLU C 11 14.33 15.30 7.31
N TYR C 12 15.04 14.21 7.67
CA TYR C 12 16.33 14.26 8.27
C TYR C 12 17.36 14.88 7.38
N ALA C 13 17.48 14.47 6.10
CA ALA C 13 18.48 14.96 5.22
C ALA C 13 18.20 16.34 4.73
N GLY C 14 16.98 16.85 4.91
CA GLY C 14 16.55 18.16 4.55
C GLY C 14 16.20 18.28 3.10
N VAL C 15 15.70 17.18 2.52
CA VAL C 15 15.38 17.05 1.13
C VAL C 15 13.96 16.64 0.98
N SER C 16 13.57 16.26 -0.25
CA SER C 16 12.26 15.74 -0.54
C SER C 16 12.28 14.26 -0.68
N TYR C 17 11.11 13.59 -0.69
CA TYR C 17 10.99 12.18 -0.89
C TYR C 17 11.35 11.75 -2.27
N GLN C 18 11.11 12.63 -3.26
CA GLN C 18 11.53 12.52 -4.62
C GLN C 18 13.02 12.50 -4.74
N THR C 19 13.71 13.33 -3.95
CA THR C 19 15.14 13.39 -3.89
C THR C 19 15.70 12.14 -3.31
N VAL C 20 15.09 11.60 -2.25
CA VAL C 20 15.47 10.36 -1.64
C VAL C 20 15.42 9.16 -2.52
N SER C 21 14.26 8.85 -3.14
CA SER C 21 14.10 7.71 -3.99
C SER C 21 15.06 7.59 -5.13
N ARG C 22 15.49 8.74 -5.68
CA ARG C 22 16.51 8.87 -6.67
C ARG C 22 17.80 8.22 -6.28
N VAL C 23 18.16 8.27 -4.98
CA VAL C 23 19.38 7.75 -4.45
C VAL C 23 19.19 6.31 -4.07
N VAL C 24 18.08 6.02 -3.38
CA VAL C 24 17.65 4.74 -2.91
C VAL C 24 17.57 3.70 -3.97
N ASN C 25 16.96 4.02 -5.12
CA ASN C 25 16.85 3.15 -6.25
C ASN C 25 17.96 3.26 -7.23
N GLN C 26 18.95 4.15 -6.98
CA GLN C 26 20.12 4.38 -7.76
C GLN C 26 19.88 4.66 -9.21
N ALA C 27 19.21 5.78 -9.50
CA ALA C 27 18.92 6.21 -10.84
C ALA C 27 20.13 6.75 -11.52
N SER C 28 19.98 7.28 -12.75
CA SER C 28 21.08 7.87 -13.46
C SER C 28 21.29 9.27 -13.00
N HIS C 29 20.22 10.09 -13.05
CA HIS C 29 20.21 11.46 -12.65
C HIS C 29 20.15 11.63 -11.16
N VAL C 30 21.25 11.29 -10.47
CA VAL C 30 21.43 11.52 -9.07
C VAL C 30 22.38 12.66 -8.93
N SER C 31 21.99 13.71 -8.18
CA SER C 31 22.83 14.85 -7.92
C SER C 31 23.91 14.47 -6.96
N ALA C 32 25.18 14.60 -7.37
CA ALA C 32 26.34 14.25 -6.61
C ALA C 32 26.51 15.05 -5.36
N LYS C 33 26.04 16.30 -5.36
CA LYS C 33 26.03 17.15 -4.20
C LYS C 33 25.11 16.63 -3.16
N THR C 34 23.83 16.42 -3.54
CA THR C 34 22.76 15.94 -2.73
C THR C 34 22.89 14.55 -2.23
N ARG C 35 23.43 13.61 -3.04
CA ARG C 35 23.60 12.24 -2.71
C ARG C 35 24.12 11.92 -1.36
N GLU C 36 25.22 12.57 -0.94
CA GLU C 36 25.86 12.44 0.33
C GLU C 36 25.04 12.85 1.51
N LYS C 37 23.99 13.65 1.31
CA LYS C 37 23.12 14.12 2.34
C LYS C 37 22.09 13.08 2.60
N VAL C 38 21.54 12.50 1.51
CA VAL C 38 20.59 11.43 1.56
C VAL C 38 21.21 10.18 2.06
N GLU C 39 22.40 9.81 1.56
CA GLU C 39 23.11 8.64 1.99
C GLU C 39 23.42 8.66 3.44
N ALA C 40 23.58 9.87 4.02
CA ALA C 40 23.72 10.04 5.43
C ALA C 40 22.45 9.80 6.17
N ALA C 41 21.28 10.17 5.64
CA ALA C 41 20.03 9.92 6.28
C ALA C 41 19.66 8.49 6.41
N MET C 42 19.89 7.68 5.36
CA MET C 42 19.81 6.26 5.38
C MET C 42 20.68 5.60 6.39
N ALA C 43 21.80 6.24 6.77
CA ALA C 43 22.79 5.69 7.65
C ALA C 43 22.48 5.91 9.08
N GLU C 44 22.01 7.11 9.45
CA GLU C 44 21.69 7.49 10.79
C GLU C 44 20.52 6.76 11.33
N LEU C 45 19.43 6.83 10.54
CA LEU C 45 18.15 6.29 10.84
C LEU C 45 18.05 4.82 10.55
N ASN C 46 18.89 4.32 9.65
CA ASN C 46 18.95 2.97 9.17
C ASN C 46 17.75 2.67 8.34
N TYR C 47 17.59 3.36 7.20
CA TYR C 47 16.46 3.19 6.34
C TYR C 47 16.27 1.81 5.79
N ILE C 48 15.07 1.26 6.04
CA ILE C 48 14.53 0.06 5.46
C ILE C 48 13.52 0.56 4.49
N PRO C 49 13.70 0.58 3.21
CA PRO C 49 12.58 0.53 2.30
C PRO C 49 11.76 -0.71 2.34
N ASN C 50 10.49 -0.59 2.76
CA ASN C 50 9.57 -1.68 2.91
C ASN C 50 9.04 -2.18 1.61
N ARG C 51 8.90 -3.51 1.47
CA ARG C 51 8.47 -4.16 0.27
C ARG C 51 7.02 -3.99 -0.01
N VAL C 52 6.18 -3.81 1.02
CA VAL C 52 4.79 -3.53 0.90
C VAL C 52 4.50 -2.24 0.22
N ALA C 53 5.31 -1.23 0.55
CA ALA C 53 5.36 0.08 -0.01
C ALA C 53 5.84 0.10 -1.43
N GLN C 54 6.61 -0.93 -1.79
CA GLN C 54 7.04 -1.14 -3.15
C GLN C 54 5.98 -1.80 -3.96
N GLN C 55 5.17 -2.67 -3.33
CA GLN C 55 4.22 -3.50 -4.00
C GLN C 55 2.87 -2.94 -4.25
N LEU C 56 2.26 -2.13 -3.38
CA LEU C 56 0.96 -1.59 -3.60
C LEU C 56 0.95 -0.55 -4.67
N ALA C 57 1.98 0.32 -4.62
CA ALA C 57 2.39 1.23 -5.65
C ALA C 57 2.75 0.45 -6.86
N GLY C 58 3.71 -0.48 -6.69
CA GLY C 58 3.93 -1.55 -7.62
C GLY C 58 5.07 -1.55 -8.57
N LYS C 59 5.26 -0.45 -9.31
CA LYS C 59 6.10 -0.47 -10.46
C LYS C 59 7.51 0.02 -10.33
N GLN C 60 8.23 0.08 -11.46
CA GLN C 60 9.56 0.60 -11.54
C GLN C 60 9.82 1.07 -12.94
N SER C 61 10.00 2.39 -13.10
CA SER C 61 10.28 3.07 -14.33
C SER C 61 11.73 3.20 -14.61
N LEU C 62 12.07 4.02 -15.62
CA LEU C 62 13.40 4.33 -16.09
C LEU C 62 14.17 3.16 -16.68
N MET D 1 -4.49 -16.57 -11.12
CA MET D 1 -4.30 -15.27 -11.80
C MET D 1 -5.49 -14.38 -11.78
N LYS D 2 -5.35 -13.10 -12.15
CA LYS D 2 -6.32 -12.05 -12.08
C LYS D 2 -6.73 -11.71 -10.68
N PRO D 3 -6.02 -10.88 -9.98
CA PRO D 3 -6.58 -10.05 -8.95
C PRO D 3 -7.80 -9.27 -9.27
N VAL D 4 -8.58 -8.98 -8.21
CA VAL D 4 -9.81 -8.26 -8.20
C VAL D 4 -9.65 -7.35 -7.02
N THR D 5 -10.47 -6.30 -6.84
CA THR D 5 -10.37 -5.41 -5.72
C THR D 5 -11.71 -5.28 -5.07
N LEU D 6 -11.75 -4.83 -3.80
CA LEU D 6 -12.93 -4.48 -3.08
C LEU D 6 -13.87 -3.55 -3.77
N TYR D 7 -13.34 -2.64 -4.60
CA TYR D 7 -14.08 -1.72 -5.41
C TYR D 7 -14.77 -2.39 -6.54
N ASP D 8 -14.15 -3.43 -7.14
CA ASP D 8 -14.66 -4.16 -8.26
C ASP D 8 -15.83 -4.99 -7.84
N VAL D 9 -15.77 -5.59 -6.64
CA VAL D 9 -16.79 -6.32 -5.96
C VAL D 9 -17.93 -5.44 -5.60
N ALA D 10 -17.63 -4.28 -4.99
CA ALA D 10 -18.60 -3.27 -4.63
C ALA D 10 -19.41 -2.74 -5.76
N GLU D 11 -18.76 -2.38 -6.89
CA GLU D 11 -19.38 -1.89 -8.08
C GLU D 11 -20.31 -2.87 -8.71
N TYR D 12 -19.90 -4.14 -8.80
CA TYR D 12 -20.71 -5.22 -9.27
C TYR D 12 -21.91 -5.47 -8.43
N ALA D 13 -21.75 -5.58 -7.11
CA ALA D 13 -22.82 -5.88 -6.20
C ALA D 13 -23.74 -4.73 -5.97
N GLY D 14 -23.35 -3.53 -6.43
CA GLY D 14 -24.11 -2.32 -6.34
C GLY D 14 -24.11 -1.70 -4.99
N VAL D 15 -23.03 -1.95 -4.22
CA VAL D 15 -22.86 -1.51 -2.87
C VAL D 15 -21.72 -0.56 -2.76
N SER D 16 -21.09 -0.49 -1.58
CA SER D 16 -19.92 0.30 -1.29
C SER D 16 -18.81 -0.60 -0.85
N TYR D 17 -17.57 -0.09 -0.83
CA TYR D 17 -16.42 -0.80 -0.38
C TYR D 17 -16.44 -1.07 1.09
N GLN D 18 -17.09 -0.18 1.85
CA GLN D 18 -17.39 -0.31 3.25
C GLN D 18 -18.32 -1.43 3.51
N THR D 19 -19.34 -1.61 2.64
CA THR D 19 -20.26 -2.70 2.69
C THR D 19 -19.59 -4.00 2.42
N VAL D 20 -18.70 -4.04 1.40
CA VAL D 20 -17.93 -5.19 1.05
C VAL D 20 -17.07 -5.74 2.13
N SER D 21 -16.14 -4.95 2.70
CA SER D 21 -15.25 -5.43 3.70
C SER D 21 -15.85 -5.99 4.94
N ARG D 22 -17.05 -5.50 5.30
CA ARG D 22 -17.90 -6.01 6.33
C ARG D 22 -18.20 -7.47 6.18
N VAL D 23 -18.35 -7.92 4.93
CA VAL D 23 -18.66 -9.28 4.60
C VAL D 23 -17.42 -10.08 4.46
N VAL D 24 -16.42 -9.55 3.74
CA VAL D 24 -15.16 -10.14 3.44
C VAL D 24 -14.38 -10.57 4.64
N ASN D 25 -14.25 -9.68 5.64
CA ASN D 25 -13.57 -9.97 6.86
C ASN D 25 -14.43 -10.67 7.87
N GLN D 26 -15.75 -10.66 7.65
CA GLN D 26 -16.75 -11.27 8.47
C GLN D 26 -16.89 -10.65 9.81
N ALA D 27 -17.43 -9.42 9.86
CA ALA D 27 -17.70 -8.70 11.06
C ALA D 27 -18.91 -9.22 11.77
N SER D 28 -19.39 -8.52 12.81
CA SER D 28 -20.57 -8.90 13.53
C SER D 28 -21.77 -8.27 12.91
N HIS D 29 -21.73 -6.95 12.72
CA HIS D 29 -22.77 -6.20 12.10
C HIS D 29 -22.75 -6.30 10.61
N VAL D 30 -23.17 -7.47 10.07
CA VAL D 30 -23.32 -7.70 8.67
C VAL D 30 -24.77 -7.72 8.36
N SER D 31 -25.24 -6.95 7.36
CA SER D 31 -26.61 -6.91 6.99
C SER D 31 -26.97 -8.14 6.23
N ALA D 32 -27.93 -8.93 6.74
CA ALA D 32 -28.34 -10.17 6.17
C ALA D 32 -28.93 -10.08 4.81
N LYS D 33 -29.57 -8.94 4.49
CA LYS D 33 -30.11 -8.63 3.20
C LYS D 33 -29.04 -8.47 2.20
N THR D 34 -28.12 -7.53 2.51
CA THR D 34 -26.99 -7.14 1.72
C THR D 34 -25.94 -8.17 1.51
N ARG D 35 -25.64 -9.03 2.49
CA ARG D 35 -24.64 -10.05 2.44
C ARG D 35 -24.60 -10.87 1.19
N GLU D 36 -25.75 -11.44 0.77
CA GLU D 36 -25.90 -12.23 -0.42
C GLU D 36 -25.63 -11.54 -1.72
N LYS D 37 -25.59 -10.20 -1.73
CA LYS D 37 -25.31 -9.41 -2.89
C LYS D 37 -23.84 -9.29 -3.00
N VAL D 38 -23.15 -9.04 -1.87
CA VAL D 38 -21.73 -9.00 -1.81
C VAL D 38 -21.09 -10.33 -2.03
N GLU D 39 -21.61 -11.38 -1.38
CA GLU D 39 -21.14 -12.72 -1.50
C GLU D 39 -21.22 -13.19 -2.92
N ALA D 40 -22.21 -12.71 -3.67
CA ALA D 40 -22.31 -12.95 -5.08
C ALA D 40 -21.25 -12.25 -5.86
N ALA D 41 -20.86 -11.01 -5.51
CA ALA D 41 -19.84 -10.32 -6.23
C ALA D 41 -18.48 -10.94 -6.12
N MET D 42 -18.09 -11.42 -4.93
CA MET D 42 -16.92 -12.21 -4.73
C MET D 42 -16.88 -13.45 -5.55
N ALA D 43 -18.06 -14.02 -5.86
CA ALA D 43 -18.20 -15.28 -6.54
C ALA D 43 -18.09 -15.16 -8.02
N GLU D 44 -18.67 -14.09 -8.60
CA GLU D 44 -18.66 -13.86 -10.01
C GLU D 44 -17.30 -13.51 -10.52
N LEU D 45 -16.71 -12.51 -9.86
CA LEU D 45 -15.45 -11.91 -10.21
C LEU D 45 -14.28 -12.68 -9.70
N ASN D 46 -14.50 -13.48 -8.64
CA ASN D 46 -13.54 -14.28 -7.95
C ASN D 46 -12.60 -13.39 -7.20
N TYR D 47 -13.11 -12.68 -6.17
CA TYR D 47 -12.33 -11.77 -5.39
C TYR D 47 -11.21 -12.39 -4.63
N ILE D 48 -10.02 -11.82 -4.86
CA ILE D 48 -8.80 -12.03 -4.14
C ILE D 48 -8.65 -10.77 -3.36
N PRO D 49 -8.89 -10.69 -2.09
CA PRO D 49 -8.25 -9.71 -1.27
C PRO D 49 -6.77 -9.84 -1.13
N ASN D 50 -6.00 -8.87 -1.66
CA ASN D 50 -4.57 -8.88 -1.65
C ASN D 50 -3.95 -8.55 -0.33
N ARG D 51 -2.85 -9.24 0.01
CA ARG D 51 -2.15 -9.08 1.25
C ARG D 51 -1.41 -7.79 1.37
N VAL D 52 -0.90 -7.24 0.26
CA VAL D 52 -0.26 -5.96 0.19
C VAL D 52 -1.13 -4.83 0.63
N ALA D 53 -2.41 -4.89 0.19
CA ALA D 53 -3.49 -4.03 0.52
C ALA D 53 -3.92 -4.13 1.94
N GLN D 54 -3.66 -5.30 2.56
CA GLN D 54 -3.88 -5.52 3.95
C GLN D 54 -2.77 -4.96 4.79
N GLN D 55 -1.53 -5.00 4.27
CA GLN D 55 -0.34 -4.65 4.97
C GLN D 55 0.08 -3.22 5.04
N LEU D 56 -0.08 -2.39 3.99
CA LEU D 56 0.33 -1.02 4.03
C LEU D 56 -0.55 -0.20 4.92
N ALA D 57 -1.86 -0.41 4.74
CA ALA D 57 -2.94 0.00 5.58
C ALA D 57 -2.74 -0.50 6.97
N GLY D 58 -2.51 -1.83 7.05
CA GLY D 58 -1.93 -2.49 8.17
C GLY D 58 -2.77 -3.25 9.14
N LYS D 59 -3.80 -2.60 9.72
CA LYS D 59 -4.43 -3.08 10.92
C LYS D 59 -5.72 -3.80 10.80
N GLN D 60 -6.27 -4.20 11.95
CA GLN D 60 -7.55 -4.83 12.08
C GLN D 60 -8.21 -4.41 13.35
N SER D 61 -9.36 -3.73 13.25
CA SER D 61 -10.17 -3.30 14.35
C SER D 61 -11.22 -4.31 14.63
N LEU D 62 -12.16 -4.03 15.56
CA LEU D 62 -13.22 -4.88 15.98
C LEU D 62 -12.78 -6.22 16.54
N MET C 1 13.93 -3.41 15.03
CA MET C 1 13.87 -2.04 14.46
C MET C 1 12.49 -1.56 14.21
N LYS C 2 12.26 -0.23 14.21
CA LYS C 2 11.01 0.36 13.86
C LYS C 2 11.03 0.66 12.41
N PRO C 3 9.98 0.64 11.64
CA PRO C 3 9.92 1.37 10.40
C PRO C 3 10.20 2.83 10.42
N VAL C 4 10.63 3.33 9.24
CA VAL C 4 11.03 4.66 8.94
C VAL C 4 10.45 4.85 7.58
N THR C 5 10.31 6.09 7.07
CA THR C 5 9.78 6.33 5.76
C THR C 5 10.71 7.17 4.98
N LEU C 6 10.56 7.18 3.65
CA LEU C 6 11.23 8.03 2.71
C LEU C 6 11.17 9.49 3.02
N TYR C 7 10.08 9.94 3.65
CA TYR C 7 9.86 11.29 4.10
C TYR C 7 10.68 11.62 5.29
N ASP C 8 10.86 10.67 6.22
CA ASP C 8 11.61 10.83 7.43
C ASP C 8 13.07 10.97 7.16
N VAL C 9 13.58 10.20 6.18
CA VAL C 9 14.92 10.26 5.67
C VAL C 9 15.15 11.52 4.91
N ALA C 10 14.17 11.86 4.06
CA ALA C 10 14.15 13.07 3.29
C ALA C 10 14.21 14.31 4.11
N GLU C 11 13.34 14.44 5.13
CA GLU C 11 13.32 15.54 6.05
C GLU C 11 14.58 15.67 6.85
N TYR C 12 15.16 14.55 7.30
CA TYR C 12 16.40 14.55 8.02
C TYR C 12 17.55 15.03 7.20
N ALA C 13 17.75 14.53 5.97
CA ALA C 13 18.86 14.95 5.16
C ALA C 13 18.64 16.30 4.54
N GLY C 14 17.40 16.80 4.56
CA GLY C 14 17.03 18.09 4.06
C GLY C 14 16.73 18.10 2.59
N VAL C 15 16.12 17.02 2.09
CA VAL C 15 15.84 16.81 0.70
C VAL C 15 14.40 16.47 0.48
N SER C 16 14.06 16.07 -0.76
CA SER C 16 12.76 15.58 -1.12
C SER C 16 12.75 14.10 -1.13
N TYR C 17 11.55 13.49 -1.21
CA TYR C 17 11.34 12.07 -1.26
C TYR C 17 11.71 11.50 -2.58
N GLN C 18 11.65 12.32 -3.64
CA GLN C 18 12.14 12.01 -4.95
C GLN C 18 13.61 11.89 -4.98
N THR C 19 14.30 12.78 -4.24
CA THR C 19 15.71 12.82 -4.03
C THR C 19 16.20 11.59 -3.37
N VAL C 20 15.46 11.12 -2.33
CA VAL C 20 15.66 9.88 -1.64
C VAL C 20 15.63 8.66 -2.50
N SER C 21 14.53 8.35 -3.19
CA SER C 21 14.36 7.18 -4.00
C SER C 21 15.43 6.92 -5.01
N ARG C 22 16.02 7.95 -5.61
CA ARG C 22 17.13 7.83 -6.50
C ARG C 22 18.36 7.24 -5.88
N VAL C 23 18.50 7.31 -4.55
CA VAL C 23 19.63 6.75 -3.87
C VAL C 23 19.33 5.34 -3.49
N VAL C 24 18.17 5.16 -2.83
CA VAL C 24 17.60 3.94 -2.34
C VAL C 24 17.48 2.86 -3.36
N ASN C 25 16.90 3.17 -4.54
CA ASN C 25 16.75 2.25 -5.64
C ASN C 25 17.73 2.44 -6.74
N GLN C 26 18.64 3.44 -6.66
CA GLN C 26 19.62 3.74 -7.66
C GLN C 26 19.10 4.15 -9.00
N ALA C 27 18.26 5.21 -9.03
CA ALA C 27 17.73 5.78 -10.23
C ALA C 27 18.71 6.70 -10.87
N SER C 28 18.27 7.55 -11.83
CA SER C 28 19.12 8.51 -12.46
C SER C 28 18.78 9.91 -12.13
N HIS C 29 17.65 10.42 -12.66
CA HIS C 29 17.33 11.82 -12.65
C HIS C 29 16.93 12.49 -11.37
N VAL C 30 17.96 12.87 -10.60
CA VAL C 30 17.90 13.74 -9.47
C VAL C 30 19.00 14.72 -9.66
N SER C 31 20.24 14.30 -9.32
CA SER C 31 21.46 15.04 -9.41
C SER C 31 22.44 14.03 -8.91
N ALA C 32 23.72 14.34 -8.63
CA ALA C 32 24.66 13.38 -8.17
C ALA C 32 25.31 13.71 -6.86
N LYS C 33 25.49 15.01 -6.55
CA LYS C 33 26.06 15.46 -5.32
C LYS C 33 25.22 15.19 -4.12
N THR C 34 23.93 15.62 -4.15
CA THR C 34 22.93 15.41 -3.15
C THR C 34 22.77 14.01 -2.66
N ARG C 35 22.85 12.99 -3.54
CA ARG C 35 22.93 11.60 -3.23
C ARG C 35 23.60 11.19 -1.95
N GLU C 36 24.83 11.66 -1.72
CA GLU C 36 25.65 11.40 -0.59
C GLU C 36 25.17 11.88 0.73
N LYS C 37 24.28 12.89 0.71
CA LYS C 37 23.68 13.51 1.86
C LYS C 37 22.52 12.69 2.31
N VAL C 38 21.79 12.12 1.34
CA VAL C 38 20.75 11.18 1.62
C VAL C 38 21.27 9.90 2.16
N GLU C 39 22.40 9.40 1.63
CA GLU C 39 23.02 8.19 2.10
C GLU C 39 23.28 8.17 3.56
N ALA C 40 23.53 9.34 4.16
CA ALA C 40 23.69 9.53 5.57
C ALA C 40 22.41 9.38 6.34
N ALA C 41 21.27 9.91 5.86
CA ALA C 41 20.03 9.85 6.57
C ALA C 41 19.49 8.49 6.81
N MET C 42 19.63 7.57 5.83
CA MET C 42 19.33 6.17 5.97
C MET C 42 20.00 5.49 7.11
N ALA C 43 21.20 5.97 7.47
CA ALA C 43 22.08 5.36 8.43
C ALA C 43 21.82 5.78 9.83
N GLU C 44 21.26 6.99 10.02
CA GLU C 44 20.95 7.53 11.31
C GLU C 44 19.73 6.91 11.89
N LEU C 45 18.62 7.05 11.13
CA LEU C 45 17.30 6.62 11.43
C LEU C 45 17.08 5.16 11.29
N ASN C 46 17.91 4.47 10.48
CA ASN C 46 17.80 3.09 10.10
C ASN C 46 16.65 2.94 9.18
N TYR C 47 16.70 3.53 7.96
CA TYR C 47 15.64 3.45 7.01
C TYR C 47 15.34 2.08 6.52
N ILE C 48 14.08 1.64 6.73
CA ILE C 48 13.52 0.45 6.17
C ILE C 48 12.58 0.97 5.14
N PRO C 49 12.81 0.84 3.86
CA PRO C 49 11.73 0.79 2.91
C PRO C 49 10.86 -0.41 3.04
N ASN C 50 9.53 -0.23 2.98
CA ASN C 50 8.61 -1.32 3.04
C ASN C 50 8.29 -1.75 1.65
N ARG C 51 8.32 -3.07 1.37
CA ARG C 51 8.05 -3.62 0.09
C ARG C 51 6.60 -3.57 -0.25
N VAL C 52 5.75 -3.31 0.76
CA VAL C 52 4.35 -3.03 0.66
C VAL C 52 4.08 -1.77 -0.06
N ALA C 53 4.81 -0.70 0.32
CA ALA C 53 4.81 0.60 -0.29
C ALA C 53 5.41 0.60 -1.66
N GLN C 54 6.27 -0.40 -1.92
CA GLN C 54 6.84 -0.59 -3.21
C GLN C 54 5.95 -1.35 -4.13
N GLN C 55 4.92 -2.04 -3.59
CA GLN C 55 3.98 -2.81 -4.34
C GLN C 55 2.66 -2.17 -4.58
N LEU C 56 2.06 -1.48 -3.60
CA LEU C 56 0.76 -0.88 -3.75
C LEU C 56 0.71 0.21 -4.76
N ALA C 57 1.73 1.08 -4.72
CA ALA C 57 1.99 2.07 -5.72
C ALA C 57 2.47 1.38 -6.95
N GLY C 58 3.71 0.88 -6.92
CA GLY C 58 4.47 0.10 -7.85
C GLY C 58 4.00 -0.10 -9.25
N LYS C 59 3.71 0.99 -9.98
CA LYS C 59 3.29 0.88 -11.35
C LYS C 59 4.33 0.42 -12.30
N GLN C 60 3.95 -0.47 -13.24
CA GLN C 60 4.75 -1.09 -14.25
C GLN C 60 6.04 -1.68 -13.79
N SER C 61 5.96 -2.57 -12.79
CA SER C 61 7.10 -3.19 -12.19
C SER C 61 7.29 -4.56 -12.72
N LEU C 62 8.51 -4.83 -13.23
CA LEU C 62 8.89 -6.07 -13.83
C LEU C 62 9.97 -6.72 -12.97
N MET D 1 -4.93 -15.48 -12.94
CA MET D 1 -6.02 -14.52 -12.67
C MET D 1 -5.55 -13.11 -12.61
N LYS D 2 -6.44 -12.12 -12.83
CA LYS D 2 -6.14 -10.73 -12.82
C LYS D 2 -6.73 -10.08 -11.62
N PRO D 3 -6.21 -9.03 -11.06
CA PRO D 3 -6.48 -8.69 -9.70
C PRO D 3 -7.72 -7.86 -9.71
N VAL D 4 -8.57 -7.94 -8.67
CA VAL D 4 -9.82 -7.27 -8.54
C VAL D 4 -9.70 -6.39 -7.33
N THR D 5 -10.61 -5.43 -7.12
CA THR D 5 -10.56 -4.59 -5.96
C THR D 5 -11.87 -4.69 -5.26
N LEU D 6 -11.88 -4.33 -3.96
CA LEU D 6 -13.04 -4.15 -3.15
C LEU D 6 -14.10 -3.30 -3.74
N TYR D 7 -13.72 -2.27 -4.52
CA TYR D 7 -14.58 -1.36 -5.21
C TYR D 7 -15.26 -1.97 -6.39
N ASP D 8 -14.60 -2.91 -7.08
CA ASP D 8 -15.11 -3.56 -8.24
C ASP D 8 -16.18 -4.53 -7.87
N VAL D 9 -15.98 -5.26 -6.75
CA VAL D 9 -16.92 -6.14 -6.14
C VAL D 9 -18.09 -5.38 -5.58
N ALA D 10 -17.79 -4.27 -4.90
CA ALA D 10 -18.78 -3.36 -4.38
C ALA D 10 -19.69 -2.78 -5.41
N GLU D 11 -19.17 -2.22 -6.51
CA GLU D 11 -19.94 -1.72 -7.62
C GLU D 11 -20.77 -2.78 -8.27
N TYR D 12 -20.23 -4.00 -8.45
CA TYR D 12 -20.94 -5.10 -9.01
C TYR D 12 -22.11 -5.54 -8.20
N ALA D 13 -21.94 -5.71 -6.88
CA ALA D 13 -23.00 -6.15 -6.02
C ALA D 13 -23.97 -5.07 -5.68
N GLY D 14 -23.62 -3.80 -5.95
CA GLY D 14 -24.43 -2.65 -5.72
C GLY D 14 -24.36 -2.12 -4.33
N VAL D 15 -23.18 -2.25 -3.69
CA VAL D 15 -22.93 -1.91 -2.33
C VAL D 15 -21.75 -1.00 -2.20
N SER D 16 -21.35 -0.72 -0.93
CA SER D 16 -20.18 0.02 -0.60
C SER D 16 -19.03 -0.89 -0.33
N TYR D 17 -17.82 -0.32 -0.24
CA TYR D 17 -16.60 -1.01 0.03
C TYR D 17 -16.46 -1.39 1.46
N GLN D 18 -17.15 -0.66 2.35
CA GLN D 18 -17.31 -0.97 3.73
C GLN D 18 -18.15 -2.18 3.91
N THR D 19 -19.23 -2.28 3.11
CA THR D 19 -20.13 -3.39 3.04
C THR D 19 -19.42 -4.65 2.64
N VAL D 20 -18.54 -4.55 1.64
CA VAL D 20 -17.65 -5.57 1.20
C VAL D 20 -16.75 -6.14 2.24
N SER D 21 -15.87 -5.36 2.88
CA SER D 21 -14.92 -5.85 3.84
C SER D 21 -15.48 -6.61 4.99
N ARG D 22 -16.71 -6.29 5.45
CA ARG D 22 -17.41 -7.04 6.44
C ARG D 22 -17.72 -8.45 6.05
N VAL D 23 -17.74 -8.79 4.74
CA VAL D 23 -17.99 -10.13 4.31
C VAL D 23 -16.69 -10.85 4.19
N VAL D 24 -15.74 -10.24 3.45
CA VAL D 24 -14.42 -10.68 3.14
C VAL D 24 -13.61 -11.09 4.32
N ASN D 25 -13.52 -10.23 5.35
CA ASN D 25 -12.80 -10.47 6.56
C ASN D 25 -13.66 -10.87 7.72
N GLN D 26 -14.99 -10.88 7.56
CA GLN D 26 -15.95 -11.23 8.56
C GLN D 26 -16.00 -10.33 9.75
N ALA D 27 -16.45 -9.08 9.55
CA ALA D 27 -16.58 -8.10 10.59
C ALA D 27 -17.93 -8.17 11.23
N SER D 28 -18.45 -7.05 11.77
CA SER D 28 -19.75 -7.01 12.35
C SER D 28 -20.62 -5.96 11.74
N HIS D 29 -20.35 -4.69 12.09
CA HIS D 29 -21.21 -3.58 11.80
C HIS D 29 -21.33 -3.11 10.39
N VAL D 30 -22.22 -3.81 9.65
CA VAL D 30 -22.71 -3.43 8.35
C VAL D 30 -24.18 -3.68 8.42
N SER D 31 -24.57 -4.96 8.37
CA SER D 31 -25.90 -5.48 8.40
C SER D 31 -25.66 -6.93 8.15
N ALA D 32 -26.68 -7.77 7.98
CA ALA D 32 -26.52 -9.18 7.74
C ALA D 32 -27.14 -9.68 6.48
N LYS D 33 -28.17 -8.99 5.96
CA LYS D 33 -28.82 -9.35 4.73
C LYS D 33 -27.98 -9.11 3.52
N THR D 34 -27.49 -7.87 3.35
CA THR D 34 -26.61 -7.43 2.32
C THR D 34 -25.41 -8.29 2.08
N ARG D 35 -24.74 -8.81 3.11
CA ARG D 35 -23.71 -9.81 3.06
C ARG D 35 -23.74 -10.81 1.96
N GLU D 36 -24.90 -11.47 1.76
CA GLU D 36 -25.14 -12.48 0.78
C GLU D 36 -25.08 -12.04 -0.65
N LYS D 37 -25.31 -10.74 -0.91
CA LYS D 37 -25.28 -10.12 -2.20
C LYS D 37 -23.88 -9.83 -2.60
N VAL D 38 -23.06 -9.49 -1.59
CA VAL D 38 -21.65 -9.33 -1.77
C VAL D 38 -20.95 -10.62 -2.01
N GLU D 39 -21.33 -11.69 -1.28
CA GLU D 39 -20.80 -13.01 -1.44
C GLU D 39 -20.85 -13.50 -2.85
N ALA D 40 -21.89 -13.08 -3.60
CA ALA D 40 -22.06 -13.35 -4.98
C ALA D 40 -21.11 -12.63 -5.88
N ALA D 41 -20.75 -11.36 -5.57
CA ALA D 41 -19.86 -10.56 -6.35
C ALA D 41 -18.47 -11.08 -6.42
N MET D 42 -17.89 -11.53 -5.29
CA MET D 42 -16.64 -12.21 -5.20
C MET D 42 -16.46 -13.33 -6.17
N ALA D 43 -17.58 -14.02 -6.47
CA ALA D 43 -17.58 -15.20 -7.28
C ALA D 43 -17.56 -14.95 -8.75
N GLU D 44 -18.05 -13.78 -9.19
CA GLU D 44 -18.18 -13.41 -10.57
C GLU D 44 -16.88 -12.97 -11.14
N LEU D 45 -16.34 -11.89 -10.54
CA LEU D 45 -15.14 -11.22 -10.96
C LEU D 45 -13.91 -11.89 -10.50
N ASN D 46 -14.01 -12.80 -9.51
CA ASN D 46 -12.94 -13.55 -8.91
C ASN D 46 -12.13 -12.66 -8.03
N TYR D 47 -12.71 -12.08 -6.97
CA TYR D 47 -12.03 -11.18 -6.10
C TYR D 47 -10.81 -11.72 -5.42
N ILE D 48 -9.69 -11.04 -5.70
CA ILE D 48 -8.42 -11.20 -5.05
C ILE D 48 -8.28 -9.99 -4.20
N PRO D 49 -8.50 -9.98 -2.91
CA PRO D 49 -7.83 -9.04 -2.05
C PRO D 49 -6.35 -9.15 -2.02
N ASN D 50 -5.62 -8.04 -2.20
CA ASN D 50 -4.20 -8.08 -2.14
C ASN D 50 -3.74 -7.80 -0.75
N ARG D 51 -2.79 -8.59 -0.23
CA ARG D 51 -2.28 -8.47 1.10
C ARG D 51 -1.45 -7.25 1.31
N VAL D 52 -1.03 -6.61 0.20
CA VAL D 52 -0.35 -5.35 0.12
C VAL D 52 -1.21 -4.23 0.60
N ALA D 53 -2.46 -4.19 0.10
CA ALA D 53 -3.50 -3.27 0.46
C ALA D 53 -4.00 -3.47 1.85
N GLN D 54 -3.76 -4.69 2.37
CA GLN D 54 -4.10 -5.02 3.72
C GLN D 54 -3.02 -4.61 4.66
N GLN D 55 -1.78 -4.39 4.16
CA GLN D 55 -0.67 -4.00 4.95
C GLN D 55 -0.31 -2.55 4.94
N LEU D 56 -0.43 -1.82 3.82
CA LEU D 56 -0.04 -0.44 3.73
C LEU D 56 -0.91 0.47 4.54
N ALA D 57 -2.23 0.21 4.46
CA ALA D 57 -3.24 0.77 5.31
C ALA D 57 -3.09 0.19 6.68
N GLY D 58 -3.53 -1.07 6.82
CA GLY D 58 -3.45 -1.97 7.93
C GLY D 58 -3.09 -1.48 9.29
N LYS D 59 -3.81 -0.48 9.82
CA LYS D 59 -3.58 0.03 11.14
C LYS D 59 -3.94 -0.91 12.23
N GLN D 60 -3.05 -1.01 13.24
CA GLN D 60 -3.14 -1.83 14.42
C GLN D 60 -3.51 -3.26 14.20
N SER D 61 -2.74 -3.95 13.33
CA SER D 61 -2.94 -5.31 12.96
C SER D 61 -2.08 -6.22 13.76
N LEU D 62 -2.69 -7.11 14.57
CA LEU D 62 -2.01 -8.01 15.44
C LEU D 62 -2.01 -9.43 14.89
N MET C 1 9.51 3.90 13.04
CA MET C 1 10.25 3.40 14.22
C MET C 1 11.13 2.23 13.97
N LYS C 2 10.57 1.06 13.63
CA LYS C 2 11.31 -0.13 13.37
C LYS C 2 11.62 -0.32 11.91
N PRO C 3 10.73 -0.29 10.97
CA PRO C 3 11.03 0.32 9.70
C PRO C 3 11.10 1.80 9.80
N VAL C 4 11.75 2.42 8.80
CA VAL C 4 11.98 3.82 8.66
C VAL C 4 11.32 4.11 7.35
N THR C 5 10.97 5.37 7.04
CA THR C 5 10.31 5.68 5.81
C THR C 5 11.13 6.65 5.03
N LEU C 6 10.91 6.71 3.71
CA LEU C 6 11.45 7.67 2.79
C LEU C 6 11.30 9.09 3.22
N TYR C 7 10.21 9.41 3.95
CA TYR C 7 9.94 10.68 4.52
C TYR C 7 10.83 11.00 5.67
N ASP C 8 11.12 10.02 6.54
CA ASP C 8 11.91 10.19 7.73
C ASP C 8 13.32 10.48 7.38
N VAL C 9 13.85 9.81 6.34
CA VAL C 9 15.11 10.03 5.73
C VAL C 9 15.19 11.37 5.09
N ALA C 10 14.14 11.73 4.34
CA ALA C 10 13.97 12.99 3.67
C ALA C 10 13.99 14.16 4.59
N GLU C 11 13.17 14.15 5.66
CA GLU C 11 13.11 15.16 6.67
C GLU C 11 14.39 15.35 7.41
N TYR C 12 15.14 14.27 7.67
CA TYR C 12 16.42 14.32 8.31
C TYR C 12 17.46 14.99 7.47
N ALA C 13 17.61 14.61 6.18
CA ALA C 13 18.62 15.19 5.36
C ALA C 13 18.28 16.57 4.91
N GLY C 14 16.97 16.91 4.92
CA GLY C 14 16.43 18.18 4.55
C GLY C 14 16.04 18.27 3.11
N VAL C 15 15.54 17.16 2.54
CA VAL C 15 15.18 17.04 1.16
C VAL C 15 13.75 16.67 1.01
N SER C 16 13.36 16.24 -0.21
CA SER C 16 12.06 15.71 -0.51
C SER C 16 12.15 14.22 -0.50
N TYR C 17 10.99 13.54 -0.40
CA TYR C 17 10.86 12.12 -0.39
C TYR C 17 11.23 11.50 -1.69
N GLN C 18 10.96 12.18 -2.82
CA GLN C 18 11.38 11.74 -4.11
C GLN C 18 12.86 11.84 -4.32
N THR C 19 13.50 12.82 -3.66
CA THR C 19 14.91 13.03 -3.69
C THR C 19 15.64 11.84 -3.13
N VAL C 20 15.11 11.30 -2.01
CA VAL C 20 15.51 10.07 -1.42
C VAL C 20 15.40 8.90 -2.34
N SER C 21 14.20 8.57 -2.85
CA SER C 21 13.99 7.46 -3.71
C SER C 21 14.81 7.35 -4.96
N ARG C 22 15.31 8.46 -5.53
CA ARG C 22 16.21 8.42 -6.63
C ARG C 22 17.56 7.93 -6.23
N VAL C 23 17.94 8.06 -4.95
CA VAL C 23 19.22 7.61 -4.47
C VAL C 23 19.15 6.17 -4.13
N VAL C 24 18.10 5.80 -3.36
CA VAL C 24 17.75 4.50 -2.88
C VAL C 24 17.62 3.49 -3.99
N ASN C 25 16.98 3.86 -5.10
CA ASN C 25 16.86 3.03 -6.25
C ASN C 25 18.04 3.08 -7.18
N GLN C 26 19.02 3.97 -6.92
CA GLN C 26 20.19 4.17 -7.71
C GLN C 26 19.92 4.62 -9.11
N ALA C 27 19.16 5.72 -9.26
CA ALA C 27 18.75 6.27 -10.51
C ALA C 27 19.77 7.13 -11.17
N SER C 28 19.43 7.68 -12.35
CA SER C 28 20.30 8.54 -13.10
C SER C 28 20.33 9.94 -12.56
N HIS C 29 19.18 10.64 -12.52
CA HIS C 29 19.10 11.99 -12.06
C HIS C 29 19.10 12.19 -10.59
N VAL C 30 20.30 11.98 -10.02
CA VAL C 30 20.67 12.20 -8.66
C VAL C 30 21.69 13.30 -8.68
N SER C 31 21.57 14.29 -7.78
CA SER C 31 22.52 15.37 -7.67
C SER C 31 23.66 14.94 -6.82
N ALA C 32 24.91 15.18 -7.29
CA ALA C 32 26.10 14.77 -6.61
C ALA C 32 26.30 15.35 -5.26
N LYS C 33 25.85 16.59 -5.03
CA LYS C 33 25.90 17.27 -3.78
C LYS C 33 24.94 16.66 -2.81
N THR C 34 23.67 16.63 -3.24
CA THR C 34 22.54 16.11 -2.53
C THR C 34 22.66 14.67 -2.13
N ARG C 35 23.27 13.82 -2.97
CA ARG C 35 23.50 12.44 -2.69
C ARG C 35 24.14 12.15 -1.38
N GLU C 36 25.23 12.86 -1.03
CA GLU C 36 25.96 12.73 0.20
C GLU C 36 25.22 13.10 1.43
N LYS C 37 24.03 13.73 1.30
CA LYS C 37 23.18 14.09 2.40
C LYS C 37 22.16 13.03 2.60
N VAL C 38 21.59 12.52 1.50
CA VAL C 38 20.64 11.45 1.49
C VAL C 38 21.22 10.15 1.91
N GLU C 39 22.40 9.81 1.35
CA GLU C 39 23.16 8.65 1.68
C GLU C 39 23.49 8.59 3.14
N ALA C 40 23.73 9.76 3.77
CA ALA C 40 23.91 9.92 5.18
C ALA C 40 22.67 9.73 5.96
N ALA C 41 21.48 10.18 5.48
CA ALA C 41 20.26 10.02 6.20
C ALA C 41 19.85 8.60 6.41
N MET C 42 20.00 7.75 5.38
CA MET C 42 19.82 6.32 5.47
C MET C 42 20.70 5.67 6.47
N ALA C 43 21.88 6.27 6.74
CA ALA C 43 22.90 5.71 7.56
C ALA C 43 22.72 6.01 9.02
N GLU C 44 22.16 7.17 9.36
CA GLU C 44 21.89 7.54 10.72
C GLU C 44 20.75 6.77 11.29
N LEU C 45 19.59 6.93 10.63
CA LEU C 45 18.32 6.36 10.98
C LEU C 45 18.20 4.89 10.70
N ASN C 46 19.01 4.38 9.76
CA ASN C 46 19.04 3.02 9.30
C ASN C 46 17.82 2.73 8.49
N TYR C 47 17.69 3.36 7.30
CA TYR C 47 16.54 3.18 6.46
C TYR C 47 16.31 1.81 5.92
N ILE C 48 15.20 1.19 6.34
CA ILE C 48 14.64 -0.01 5.79
C ILE C 48 13.45 0.45 4.99
N PRO C 49 13.42 0.44 3.69
CA PRO C 49 12.17 0.37 2.99
C PRO C 49 11.36 -0.87 3.10
N ASN C 50 10.03 -0.71 2.95
CA ASN C 50 9.08 -1.78 2.94
C ASN C 50 8.79 -2.15 1.52
N ARG C 51 8.61 -3.46 1.23
CA ARG C 51 8.32 -3.92 -0.08
C ARG C 51 6.88 -3.82 -0.42
N VAL C 52 6.00 -3.78 0.60
CA VAL C 52 4.60 -3.49 0.55
C VAL C 52 4.35 -2.16 -0.07
N ALA C 53 5.19 -1.18 0.30
CA ALA C 53 5.25 0.17 -0.17
C ALA C 53 5.65 0.31 -1.59
N GLN C 54 6.37 -0.70 -2.13
CA GLN C 54 6.73 -0.77 -3.52
C GLN C 54 5.69 -1.46 -4.33
N GLN C 55 4.99 -2.44 -3.73
CA GLN C 55 4.07 -3.30 -4.40
C GLN C 55 2.71 -2.76 -4.67
N LEU C 56 2.04 -2.11 -3.71
CA LEU C 56 0.73 -1.55 -3.89
C LEU C 56 0.74 -0.43 -4.88
N ALA C 57 1.73 0.47 -4.68
CA ALA C 57 2.16 1.54 -5.52
C ALA C 57 2.40 1.13 -6.94
N GLY C 58 3.08 -0.01 -7.12
CA GLY C 58 3.25 -0.64 -8.39
C GLY C 58 4.42 -0.15 -9.16
N LYS C 59 5.64 -0.52 -8.71
CA LYS C 59 6.84 -0.30 -9.46
C LYS C 59 6.87 -1.07 -10.72
N GLN C 60 7.25 -0.39 -11.83
CA GLN C 60 7.22 -0.89 -13.17
C GLN C 60 8.28 -1.88 -13.48
N SER C 61 7.92 -3.03 -14.09
CA SER C 61 8.78 -4.10 -14.47
C SER C 61 9.53 -3.86 -15.74
N LEU C 62 8.80 -3.44 -16.80
CA LEU C 62 9.29 -3.17 -18.11
C LEU C 62 10.16 -1.93 -18.26
N MET D 1 -8.23 -7.30 -12.77
CA MET D 1 -8.09 -8.37 -13.78
C MET D 1 -7.77 -9.72 -13.21
N LYS D 2 -6.51 -9.99 -12.85
CA LYS D 2 -6.10 -11.23 -12.25
C LYS D 2 -6.27 -11.25 -10.77
N PRO D 3 -5.79 -10.37 -9.95
CA PRO D 3 -6.52 -9.99 -8.77
C PRO D 3 -7.74 -9.21 -9.11
N VAL D 4 -8.65 -9.07 -8.13
CA VAL D 4 -9.90 -8.38 -8.20
C VAL D 4 -9.77 -7.44 -7.05
N THR D 5 -10.58 -6.38 -6.94
CA THR D 5 -10.45 -5.48 -5.85
C THR D 5 -11.78 -5.38 -5.16
N LEU D 6 -11.77 -4.92 -3.89
CA LEU D 6 -12.95 -4.59 -3.15
C LEU D 6 -13.92 -3.68 -3.83
N TYR D 7 -13.40 -2.78 -4.69
CA TYR D 7 -14.15 -1.88 -5.51
C TYR D 7 -14.87 -2.60 -6.59
N ASP D 8 -14.24 -3.62 -7.22
CA ASP D 8 -14.79 -4.37 -8.31
C ASP D 8 -15.94 -5.23 -7.90
N VAL D 9 -15.86 -5.78 -6.68
CA VAL D 9 -16.89 -6.49 -5.98
C VAL D 9 -18.01 -5.58 -5.65
N ALA D 10 -17.68 -4.40 -5.11
CA ALA D 10 -18.58 -3.34 -4.77
C ALA D 10 -19.39 -2.79 -5.90
N GLU D 11 -18.73 -2.40 -7.00
CA GLU D 11 -19.33 -1.94 -8.22
C GLU D 11 -20.24 -2.95 -8.83
N TYR D 12 -19.88 -4.25 -8.79
CA TYR D 12 -20.72 -5.31 -9.25
C TYR D 12 -21.95 -5.54 -8.44
N ALA D 13 -21.83 -5.62 -7.10
CA ALA D 13 -22.96 -5.85 -6.25
C ALA D 13 -23.84 -4.66 -6.09
N GLY D 14 -23.31 -3.46 -6.36
CA GLY D 14 -24.01 -2.21 -6.28
C GLY D 14 -23.92 -1.59 -4.93
N VAL D 15 -22.82 -1.83 -4.19
CA VAL D 15 -22.58 -1.39 -2.85
C VAL D 15 -21.36 -0.55 -2.77
N SER D 16 -20.98 -0.13 -1.55
CA SER D 16 -19.74 0.52 -1.26
C SER D 16 -18.66 -0.49 -1.04
N TYR D 17 -17.40 -0.05 -1.11
CA TYR D 17 -16.21 -0.82 -0.92
C TYR D 17 -16.03 -1.24 0.50
N GLN D 18 -16.49 -0.40 1.45
CA GLN D 18 -16.51 -0.72 2.84
C GLN D 18 -17.52 -1.77 3.17
N THR D 19 -18.65 -1.76 2.45
CA THR D 19 -19.71 -2.72 2.55
C THR D 19 -19.23 -4.08 2.24
N VAL D 20 -18.42 -4.21 1.17
CA VAL D 20 -17.69 -5.40 0.84
C VAL D 20 -16.79 -5.89 1.92
N SER D 21 -15.78 -5.11 2.36
CA SER D 21 -14.84 -5.51 3.36
C SER D 21 -15.36 -5.97 4.68
N ARG D 22 -16.53 -5.49 5.13
CA ARG D 22 -17.15 -6.01 6.31
C ARG D 22 -17.68 -7.40 6.17
N VAL D 23 -17.93 -7.88 4.93
CA VAL D 23 -18.38 -9.21 4.67
C VAL D 23 -17.22 -10.13 4.59
N VAL D 24 -16.19 -9.70 3.86
CA VAL D 24 -14.95 -10.36 3.60
C VAL D 24 -14.17 -10.67 4.84
N ASN D 25 -14.05 -9.70 5.76
CA ASN D 25 -13.42 -9.88 7.03
C ASN D 25 -14.29 -10.54 8.04
N GLN D 26 -15.55 -10.84 7.70
CA GLN D 26 -16.55 -11.44 8.53
C GLN D 26 -16.81 -10.68 9.78
N ALA D 27 -17.28 -9.42 9.67
CA ALA D 27 -17.53 -8.55 10.77
C ALA D 27 -18.88 -8.69 11.37
N SER D 28 -19.17 -7.83 12.37
CA SER D 28 -20.44 -7.81 13.03
C SER D 28 -21.51 -7.11 12.28
N HIS D 29 -21.36 -5.79 12.02
CA HIS D 29 -22.37 -5.00 11.38
C HIS D 29 -22.39 -5.12 9.89
N VAL D 30 -22.87 -6.30 9.45
CA VAL D 30 -23.15 -6.68 8.11
C VAL D 30 -24.64 -6.82 8.07
N SER D 31 -25.30 -6.36 6.99
CA SER D 31 -26.71 -6.50 6.82
C SER D 31 -26.99 -7.80 6.15
N ALA D 32 -28.03 -8.51 6.61
CA ALA D 32 -28.45 -9.77 6.07
C ALA D 32 -28.96 -9.69 4.67
N LYS D 33 -29.57 -8.57 4.26
CA LYS D 33 -30.06 -8.40 2.92
C LYS D 33 -28.94 -8.21 1.96
N THR D 34 -28.08 -7.23 2.31
CA THR D 34 -26.90 -6.83 1.61
C THR D 34 -25.85 -7.89 1.48
N ARG D 35 -25.62 -8.71 2.51
CA ARG D 35 -24.66 -9.77 2.49
C ARG D 35 -24.75 -10.69 1.33
N GLU D 36 -25.97 -11.17 0.98
CA GLU D 36 -26.27 -12.01 -0.14
C GLU D 36 -26.00 -11.42 -1.47
N LYS D 37 -25.73 -10.11 -1.56
CA LYS D 37 -25.39 -9.44 -2.77
C LYS D 37 -23.91 -9.37 -2.90
N VAL D 38 -23.22 -9.06 -1.79
CA VAL D 38 -21.80 -9.01 -1.73
C VAL D 38 -21.16 -10.35 -1.87
N GLU D 39 -21.66 -11.36 -1.14
CA GLU D 39 -21.21 -12.71 -1.17
C GLU D 39 -21.33 -13.27 -2.55
N ALA D 40 -22.34 -12.81 -3.31
CA ALA D 40 -22.52 -13.12 -4.68
C ALA D 40 -21.56 -12.43 -5.59
N ALA D 41 -21.09 -11.21 -5.27
CA ALA D 41 -20.11 -10.52 -6.05
C ALA D 41 -18.77 -11.16 -6.00
N MET D 42 -18.27 -11.60 -4.84
CA MET D 42 -17.10 -12.39 -4.65
C MET D 42 -17.10 -13.66 -5.45
N ALA D 43 -18.29 -14.20 -5.73
CA ALA D 43 -18.46 -15.44 -6.42
C ALA D 43 -18.39 -15.32 -7.91
N GLU D 44 -18.91 -14.22 -8.48
CA GLU D 44 -18.92 -13.99 -9.89
C GLU D 44 -17.56 -13.73 -10.43
N LEU D 45 -16.95 -12.64 -9.95
CA LEU D 45 -15.68 -12.15 -10.41
C LEU D 45 -14.51 -12.89 -9.86
N ASN D 46 -14.70 -13.62 -8.75
CA ASN D 46 -13.72 -14.37 -8.03
C ASN D 46 -12.77 -13.48 -7.31
N TYR D 47 -13.24 -12.75 -6.29
CA TYR D 47 -12.44 -11.85 -5.50
C TYR D 47 -11.27 -12.44 -4.79
N ILE D 48 -10.07 -11.97 -5.14
CA ILE D 48 -8.84 -12.21 -4.42
C ILE D 48 -8.51 -10.89 -3.82
N PRO D 49 -8.66 -10.60 -2.56
CA PRO D 49 -7.86 -9.58 -1.93
C PRO D 49 -6.39 -9.75 -1.88
N ASN D 50 -5.65 -8.63 -1.99
CA ASN D 50 -4.24 -8.61 -1.85
C ASN D 50 -3.87 -8.37 -0.42
N ARG D 51 -2.77 -8.98 0.07
CA ARG D 51 -2.30 -8.81 1.41
C ARG D 51 -1.50 -7.56 1.55
N VAL D 52 -0.93 -7.06 0.44
CA VAL D 52 -0.26 -5.80 0.29
C VAL D 52 -1.14 -4.66 0.65
N ALA D 53 -2.41 -4.75 0.21
CA ALA D 53 -3.52 -3.88 0.46
C ALA D 53 -3.95 -3.83 1.88
N GLN D 54 -3.71 -4.93 2.62
CA GLN D 54 -3.98 -5.01 4.02
C GLN D 54 -2.82 -4.53 4.84
N GLN D 55 -1.59 -4.69 4.34
CA GLN D 55 -0.39 -4.38 5.07
C GLN D 55 0.05 -2.96 5.12
N LEU D 56 0.00 -2.20 4.01
CA LEU D 56 0.39 -0.82 3.99
C LEU D 56 -0.56 0.01 4.79
N ALA D 57 -1.86 -0.23 4.55
CA ALA D 57 -3.02 0.22 5.26
C ALA D 57 -2.93 0.01 6.73
N GLY D 58 -2.46 -1.18 7.15
CA GLY D 58 -2.16 -1.46 8.52
C GLY D 58 -3.33 -1.91 9.32
N LYS D 59 -3.85 -3.11 9.03
CA LYS D 59 -4.87 -3.74 9.82
C LYS D 59 -4.45 -4.01 11.22
N GLN D 60 -5.26 -3.57 12.19
CA GLN D 60 -4.97 -3.61 13.59
C GLN D 60 -4.90 -4.97 14.19
N SER D 61 -3.81 -5.25 14.93
CA SER D 61 -3.56 -6.52 15.55
C SER D 61 -4.28 -6.73 16.83
N LEU D 62 -4.14 -5.81 17.80
CA LEU D 62 -4.68 -5.86 19.13
C LEU D 62 -6.19 -5.85 19.27
N MET C 1 15.35 0.23 17.48
CA MET C 1 15.38 0.75 16.10
C MET C 1 14.03 1.20 15.66
N LYS C 2 13.94 2.28 14.88
CA LYS C 2 12.68 2.83 14.46
C LYS C 2 12.12 2.18 13.23
N PRO C 3 10.85 2.14 12.98
CA PRO C 3 10.34 2.25 11.65
C PRO C 3 10.53 3.62 11.10
N VAL C 4 11.09 3.71 9.88
CA VAL C 4 11.42 4.93 9.23
C VAL C 4 10.68 4.94 7.94
N THR C 5 10.55 6.11 7.28
CA THR C 5 9.92 6.24 6.00
C THR C 5 10.81 7.08 5.16
N LEU C 6 10.66 7.04 3.82
CA LEU C 6 11.32 7.89 2.88
C LEU C 6 11.20 9.35 3.12
N TYR C 7 10.09 9.79 3.74
CA TYR C 7 9.80 11.12 4.15
C TYR C 7 10.65 11.54 5.31
N ASP C 8 10.92 10.64 6.27
CA ASP C 8 11.70 10.87 7.45
C ASP C 8 13.14 11.08 7.11
N VAL C 9 13.65 10.33 6.12
CA VAL C 9 14.93 10.46 5.51
C VAL C 9 15.03 11.75 4.77
N ALA C 10 14.00 12.08 3.98
CA ALA C 10 13.88 13.31 3.25
C ALA C 10 13.91 14.56 4.05
N GLU C 11 13.09 14.65 5.11
CA GLU C 11 13.05 15.73 6.05
C GLU C 11 14.32 15.90 6.82
N TYR C 12 15.04 14.83 7.16
CA TYR C 12 16.32 14.91 7.77
C TYR C 12 17.39 15.42 6.86
N ALA C 13 17.49 14.89 5.63
CA ALA C 13 18.53 15.24 4.72
C ALA C 13 18.33 16.56 4.06
N GLY C 14 17.09 17.08 4.09
CA GLY C 14 16.73 18.35 3.55
C GLY C 14 16.50 18.30 2.07
N VAL C 15 15.77 17.26 1.63
CA VAL C 15 15.49 16.96 0.25
C VAL C 15 14.06 16.61 0.08
N SER C 16 13.64 16.26 -1.16
CA SER C 16 12.32 15.79 -1.43
C SER C 16 12.21 14.31 -1.24
N TYR C 17 10.99 13.75 -1.18
CA TYR C 17 10.77 12.35 -1.02
C TYR C 17 11.26 11.52 -2.15
N GLN C 18 11.10 11.94 -3.42
CA GLN C 18 11.67 11.23 -4.52
C GLN C 18 13.13 11.47 -4.72
N THR C 19 13.72 12.45 -4.03
CA THR C 19 15.14 12.65 -4.01
C THR C 19 15.80 11.57 -3.22
N VAL C 20 15.14 11.11 -2.14
CA VAL C 20 15.56 9.97 -1.38
C VAL C 20 15.52 8.71 -2.17
N SER C 21 14.37 8.30 -2.72
CA SER C 21 14.22 7.09 -3.46
C SER C 21 15.11 6.92 -4.64
N ARG C 22 15.46 8.03 -5.30
CA ARG C 22 16.43 8.11 -6.35
C ARG C 22 17.78 7.59 -5.99
N VAL C 23 18.16 7.66 -4.70
CA VAL C 23 19.40 7.15 -4.20
C VAL C 23 19.21 5.73 -3.80
N VAL C 24 18.17 5.46 -3.00
CA VAL C 24 17.76 4.18 -2.49
C VAL C 24 17.68 3.09 -3.49
N ASN C 25 16.86 3.24 -4.55
CA ASN C 25 16.69 2.25 -5.55
C ASN C 25 17.57 2.40 -6.74
N GLN C 26 18.36 3.49 -6.82
CA GLN C 26 19.23 3.82 -7.90
C GLN C 26 18.51 4.13 -9.17
N ALA C 27 17.87 5.32 -9.22
CA ALA C 27 17.17 5.80 -10.36
C ALA C 27 18.09 6.49 -11.32
N SER C 28 17.61 7.56 -11.98
CA SER C 28 18.40 8.32 -12.90
C SER C 28 18.53 9.73 -12.45
N HIS C 29 19.47 10.48 -13.07
CA HIS C 29 19.91 11.79 -12.70
C HIS C 29 20.26 11.94 -11.26
N VAL C 30 21.12 11.04 -10.75
CA VAL C 30 21.59 11.07 -9.40
C VAL C 30 22.67 12.08 -9.24
N SER C 31 22.44 13.15 -8.47
CA SER C 31 23.44 14.12 -8.14
C SER C 31 24.37 13.57 -7.12
N ALA C 32 25.69 13.67 -7.34
CA ALA C 32 26.72 13.21 -6.47
C ALA C 32 26.77 13.94 -5.17
N LYS C 33 26.50 15.26 -5.19
CA LYS C 33 26.39 16.10 -4.04
C LYS C 33 25.26 15.69 -3.17
N THR C 34 24.05 15.56 -3.74
CA THR C 34 22.89 15.14 -3.03
C THR C 34 22.87 13.72 -2.56
N ARG C 35 23.39 12.76 -3.34
CA ARG C 35 23.50 11.39 -2.96
C ARG C 35 24.06 11.16 -1.60
N GLU C 36 25.20 11.79 -1.27
CA GLU C 36 25.84 11.69 -0.01
C GLU C 36 25.16 12.36 1.15
N LYS C 37 24.13 13.16 0.89
CA LYS C 37 23.31 13.79 1.88
C LYS C 37 22.21 12.85 2.25
N VAL C 38 21.62 12.16 1.26
CA VAL C 38 20.62 11.16 1.48
C VAL C 38 21.17 9.93 2.10
N GLU C 39 22.34 9.47 1.65
CA GLU C 39 23.03 8.34 2.18
C GLU C 39 23.27 8.45 3.64
N ALA C 40 23.57 9.67 4.11
CA ALA C 40 23.70 9.99 5.49
C ALA C 40 22.41 9.92 6.25
N ALA C 41 21.26 10.25 5.63
CA ALA C 41 20.01 10.17 6.30
C ALA C 41 19.56 8.78 6.60
N MET C 42 19.73 7.84 5.66
CA MET C 42 19.55 6.43 5.82
C MET C 42 20.35 5.81 6.93
N ALA C 43 21.48 6.45 7.29
CA ALA C 43 22.41 5.93 8.24
C ALA C 43 22.04 6.28 9.65
N GLU C 44 21.60 7.54 9.86
CA GLU C 44 21.28 8.05 11.16
C GLU C 44 20.09 7.40 11.78
N LEU C 45 18.97 7.55 11.05
CA LEU C 45 17.67 7.12 11.48
C LEU C 45 17.47 5.66 11.28
N ASN C 46 18.26 5.05 10.38
CA ASN C 46 18.27 3.67 10.00
C ASN C 46 17.07 3.34 9.18
N TYR C 47 16.99 3.90 7.96
CA TYR C 47 15.91 3.69 7.04
C TYR C 47 15.50 2.28 6.77
N ILE C 48 14.18 2.05 6.84
CA ILE C 48 13.49 0.84 6.53
C ILE C 48 12.90 1.07 5.19
N PRO C 49 13.41 0.56 4.10
CA PRO C 49 12.61 0.29 2.94
C PRO C 49 11.57 -0.77 3.14
N ASN C 50 10.28 -0.38 3.11
CA ASN C 50 9.16 -1.25 3.23
C ASN C 50 8.81 -1.77 1.88
N ARG C 51 8.84 -3.09 1.69
CA ARG C 51 8.61 -3.70 0.41
C ARG C 51 7.16 -3.82 0.09
N VAL C 52 6.28 -3.73 1.10
CA VAL C 52 4.85 -3.69 0.98
C VAL C 52 4.40 -2.50 0.23
N ALA C 53 4.96 -1.32 0.58
CA ALA C 53 4.79 -0.05 -0.05
C ALA C 53 5.17 -0.05 -1.49
N GLN C 54 6.36 -0.62 -1.75
CA GLN C 54 6.94 -0.85 -3.04
C GLN C 54 6.15 -1.78 -3.89
N GLN C 55 5.42 -2.74 -3.31
CA GLN C 55 4.60 -3.67 -4.02
C GLN C 55 3.26 -3.12 -4.35
N LEU C 56 2.62 -2.37 -3.42
CA LEU C 56 1.35 -1.75 -3.62
C LEU C 56 1.38 -0.65 -4.63
N ALA C 57 2.43 0.18 -4.56
CA ALA C 57 2.77 1.17 -5.53
C ALA C 57 3.14 0.53 -6.82
N GLY C 58 3.88 -0.59 -6.76
CA GLY C 58 4.03 -1.54 -7.82
C GLY C 58 5.06 -1.36 -8.88
N LYS C 59 5.36 -0.12 -9.29
CA LYS C 59 6.22 0.10 -10.42
C LYS C 59 7.65 0.32 -10.07
N GLN C 60 8.51 0.35 -11.11
CA GLN C 60 9.90 0.63 -11.06
C GLN C 60 10.36 0.65 -12.48
N SER C 61 10.06 1.75 -13.20
CA SER C 61 10.21 1.91 -14.60
C SER C 61 11.61 2.11 -15.06
N LEU C 62 12.38 1.01 -15.14
CA LEU C 62 13.74 0.98 -15.59
C LEU C 62 13.89 0.67 -17.07
N MET D 1 -8.30 -14.78 -15.95
CA MET D 1 -8.83 -14.24 -14.68
C MET D 1 -8.32 -12.86 -14.39
N LYS D 2 -9.18 -11.94 -13.93
CA LYS D 2 -8.79 -10.59 -13.67
C LYS D 2 -8.09 -10.41 -12.36
N PRO D 3 -7.35 -9.35 -12.15
CA PRO D 3 -7.27 -8.70 -10.87
C PRO D 3 -8.53 -7.95 -10.58
N VAL D 4 -9.01 -7.98 -9.33
CA VAL D 4 -10.24 -7.37 -8.93
C VAL D 4 -9.94 -6.58 -7.70
N THR D 5 -10.78 -5.60 -7.30
CA THR D 5 -10.60 -4.86 -6.09
C THR D 5 -11.90 -4.87 -5.35
N LEU D 6 -11.87 -4.52 -4.05
CA LEU D 6 -13.02 -4.29 -3.23
C LEU D 6 -14.03 -3.34 -3.77
N TYR D 7 -13.58 -2.33 -4.53
CA TYR D 7 -14.39 -1.37 -5.21
C TYR D 7 -15.16 -1.97 -6.33
N ASP D 8 -14.56 -2.91 -7.07
CA ASP D 8 -15.19 -3.55 -8.20
C ASP D 8 -16.29 -4.45 -7.75
N VAL D 9 -16.09 -5.19 -6.64
CA VAL D 9 -17.07 -5.98 -5.96
C VAL D 9 -18.19 -5.13 -5.46
N ALA D 10 -17.84 -3.99 -4.83
CA ALA D 10 -18.75 -2.98 -4.37
C ALA D 10 -19.66 -2.41 -5.40
N GLU D 11 -19.09 -1.89 -6.51
CA GLU D 11 -19.80 -1.36 -7.62
C GLU D 11 -20.71 -2.34 -8.27
N TYR D 12 -20.32 -3.63 -8.39
CA TYR D 12 -21.14 -4.66 -8.93
C TYR D 12 -22.30 -4.99 -8.06
N ALA D 13 -22.09 -5.20 -6.74
CA ALA D 13 -23.12 -5.61 -5.85
C ALA D 13 -24.04 -4.48 -5.51
N GLY D 14 -23.58 -3.23 -5.65
CA GLY D 14 -24.35 -2.05 -5.40
C GLY D 14 -24.28 -1.64 -3.96
N VAL D 15 -23.07 -1.73 -3.37
CA VAL D 15 -22.82 -1.47 -1.99
C VAL D 15 -21.65 -0.55 -1.85
N SER D 16 -21.20 -0.29 -0.61
CA SER D 16 -20.01 0.46 -0.35
C SER D 16 -18.81 -0.41 -0.27
N TYR D 17 -17.60 0.16 -0.34
CA TYR D 17 -16.37 -0.57 -0.27
C TYR D 17 -16.13 -1.23 1.05
N GLN D 18 -16.45 -0.59 2.18
CA GLN D 18 -16.38 -1.26 3.45
C GLN D 18 -17.48 -2.24 3.69
N THR D 19 -18.60 -2.15 2.94
CA THR D 19 -19.64 -3.14 2.99
C THR D 19 -19.17 -4.44 2.44
N VAL D 20 -18.30 -4.39 1.42
CA VAL D 20 -17.62 -5.53 0.90
C VAL D 20 -16.70 -6.14 1.91
N SER D 21 -15.69 -5.41 2.42
CA SER D 21 -14.74 -5.93 3.35
C SER D 21 -15.28 -6.51 4.61
N ARG D 22 -16.39 -5.94 5.11
CA ARG D 22 -17.19 -6.47 6.18
C ARG D 22 -17.62 -7.89 6.00
N VAL D 23 -17.81 -8.35 4.75
CA VAL D 23 -18.17 -9.69 4.44
C VAL D 23 -16.93 -10.52 4.29
N VAL D 24 -15.99 -10.02 3.47
CA VAL D 24 -14.72 -10.59 3.13
C VAL D 24 -13.93 -11.09 4.29
N ASN D 25 -13.59 -10.20 5.24
CA ASN D 25 -12.79 -10.54 6.38
C ASN D 25 -13.60 -10.90 7.58
N GLN D 26 -14.93 -10.74 7.52
CA GLN D 26 -15.85 -10.95 8.59
C GLN D 26 -15.69 -9.96 9.71
N ALA D 27 -16.31 -8.78 9.54
CA ALA D 27 -16.35 -7.75 10.53
C ALA D 27 -17.58 -7.86 11.36
N SER D 28 -18.00 -6.74 11.98
CA SER D 28 -19.20 -6.67 12.77
C SER D 28 -20.30 -6.02 12.00
N HIS D 29 -21.54 -6.10 12.54
CA HIS D 29 -22.77 -5.67 11.96
C HIS D 29 -23.01 -6.11 10.55
N VAL D 30 -22.81 -7.41 10.28
CA VAL D 30 -23.06 -8.00 9.01
C VAL D 30 -24.52 -8.19 8.78
N SER D 31 -25.10 -7.55 7.75
CA SER D 31 -26.47 -7.74 7.38
C SER D 31 -26.60 -8.98 6.55
N ALA D 32 -27.53 -9.88 6.90
CA ALA D 32 -27.73 -11.14 6.26
C ALA D 32 -28.16 -11.05 4.83
N LYS D 33 -29.08 -10.12 4.52
CA LYS D 33 -29.52 -9.77 3.21
C LYS D 33 -28.42 -9.24 2.35
N THR D 34 -27.64 -8.27 2.86
CA THR D 34 -26.52 -7.69 2.20
C THR D 34 -25.40 -8.64 1.97
N ARG D 35 -25.05 -9.52 2.93
CA ARG D 35 -24.02 -10.51 2.82
C ARG D 35 -24.05 -11.30 1.57
N GLU D 36 -25.22 -11.86 1.21
CA GLU D 36 -25.44 -12.63 0.01
C GLU D 36 -25.34 -11.87 -1.27
N LYS D 37 -25.36 -10.52 -1.23
CA LYS D 37 -25.24 -9.70 -2.39
C LYS D 37 -23.79 -9.50 -2.69
N VAL D 38 -23.00 -9.27 -1.63
CA VAL D 38 -21.57 -9.14 -1.75
C VAL D 38 -20.92 -10.45 -2.04
N GLU D 39 -21.34 -11.54 -1.37
CA GLU D 39 -20.87 -12.87 -1.61
C GLU D 39 -20.98 -13.27 -3.05
N ALA D 40 -22.05 -12.81 -3.72
CA ALA D 40 -22.23 -12.99 -5.13
C ALA D 40 -21.29 -12.20 -5.97
N ALA D 41 -20.93 -10.96 -5.58
CA ALA D 41 -20.04 -10.13 -6.33
C ALA D 41 -18.66 -10.66 -6.47
N MET D 42 -18.10 -11.18 -5.36
CA MET D 42 -16.88 -11.93 -5.32
C MET D 42 -16.85 -13.07 -6.28
N ALA D 43 -18.01 -13.72 -6.51
CA ALA D 43 -18.10 -14.92 -7.30
C ALA D 43 -18.09 -14.71 -8.77
N GLU D 44 -18.72 -13.63 -9.25
CA GLU D 44 -18.84 -13.30 -10.64
C GLU D 44 -17.55 -12.86 -11.24
N LEU D 45 -16.94 -11.89 -10.54
CA LEU D 45 -15.74 -11.21 -10.90
C LEU D 45 -14.51 -11.99 -10.55
N ASN D 46 -14.61 -12.81 -9.49
CA ASN D 46 -13.56 -13.60 -8.91
C ASN D 46 -12.64 -12.72 -8.13
N TYR D 47 -13.14 -12.09 -7.05
CA TYR D 47 -12.39 -11.19 -6.24
C TYR D 47 -11.09 -11.70 -5.71
N ILE D 48 -10.06 -10.86 -5.85
CA ILE D 48 -8.72 -11.04 -5.37
C ILE D 48 -8.61 -10.24 -4.12
N PRO D 49 -8.65 -10.75 -2.93
CA PRO D 49 -8.01 -10.12 -1.80
C PRO D 49 -6.52 -10.01 -1.90
N ASN D 50 -6.00 -8.78 -1.99
CA ASN D 50 -4.60 -8.50 -2.05
C ASN D 50 -4.07 -8.31 -0.67
N ARG D 51 -3.04 -9.09 -0.27
CA ARG D 51 -2.50 -9.04 1.05
C ARG D 51 -1.55 -7.92 1.27
N VAL D 52 -0.96 -7.37 0.20
CA VAL D 52 -0.14 -6.20 0.19
C VAL D 52 -0.90 -5.01 0.68
N ALA D 53 -2.13 -4.85 0.15
CA ALA D 53 -3.13 -3.90 0.53
C ALA D 53 -3.61 -4.06 1.92
N GLN D 54 -3.58 -5.31 2.43
CA GLN D 54 -3.97 -5.59 3.78
C GLN D 54 -2.88 -5.30 4.75
N GLN D 55 -1.62 -5.27 4.27
CA GLN D 55 -0.46 -5.02 5.08
C GLN D 55 -0.09 -3.58 5.13
N LEU D 56 -0.19 -2.83 4.02
CA LEU D 56 0.15 -1.44 3.98
C LEU D 56 -0.76 -0.57 4.77
N ALA D 57 -2.06 -0.86 4.70
CA ALA D 57 -3.09 -0.31 5.53
C ALA D 57 -2.94 -0.79 6.92
N GLY D 58 -2.62 -2.10 7.06
CA GLY D 58 -2.10 -2.73 8.24
C GLY D 58 -2.99 -3.24 9.31
N LYS D 59 -4.10 -2.52 9.61
CA LYS D 59 -4.90 -2.83 10.76
C LYS D 59 -5.96 -3.84 10.54
N GLN D 60 -6.57 -4.28 11.65
CA GLN D 60 -7.69 -5.16 11.70
C GLN D 60 -8.13 -5.24 13.13
N SER D 61 -8.87 -4.23 13.58
CA SER D 61 -9.25 -4.01 14.95
C SER D 61 -10.27 -4.91 15.53
N LEU D 62 -9.94 -6.20 15.75
CA LEU D 62 -10.80 -7.19 16.33
C LEU D 62 -10.86 -7.19 17.85
N MET C 1 16.36 0.51 14.52
CA MET C 1 15.28 -0.33 15.08
C MET C 1 13.91 0.08 14.65
N LYS C 2 13.40 1.22 15.13
CA LYS C 2 12.06 1.64 14.86
C LYS C 2 11.80 2.20 13.50
N PRO C 3 10.66 2.12 12.90
CA PRO C 3 10.60 2.17 11.46
C PRO C 3 10.70 3.56 10.97
N VAL C 4 11.54 3.84 9.97
CA VAL C 4 11.81 5.15 9.46
C VAL C 4 11.16 5.23 8.12
N THR C 5 10.93 6.43 7.57
CA THR C 5 10.36 6.59 6.27
C THR C 5 11.29 7.39 5.40
N LEU C 6 11.04 7.37 4.08
CA LEU C 6 11.66 8.19 3.08
C LEU C 6 11.63 9.65 3.34
N TYR C 7 10.58 10.15 4.02
CA TYR C 7 10.42 11.50 4.43
C TYR C 7 11.32 11.85 5.57
N ASP C 8 11.52 10.91 6.52
CA ASP C 8 12.29 11.11 7.71
C ASP C 8 13.75 11.18 7.43
N VAL C 9 14.22 10.41 6.44
CA VAL C 9 15.53 10.43 5.87
C VAL C 9 15.74 11.70 5.11
N ALA C 10 14.73 12.11 4.32
CA ALA C 10 14.69 13.34 3.59
C ALA C 10 14.87 14.56 4.42
N GLU C 11 14.07 14.73 5.50
CA GLU C 11 14.13 15.79 6.45
C GLU C 11 15.43 15.90 7.16
N TYR C 12 16.10 14.77 7.47
CA TYR C 12 17.39 14.76 8.07
C TYR C 12 18.48 15.22 7.17
N ALA C 13 18.55 14.76 5.91
CA ALA C 13 19.61 15.17 5.04
C ALA C 13 19.39 16.55 4.52
N GLY C 14 18.12 16.99 4.47
CA GLY C 14 17.71 18.29 4.02
C GLY C 14 17.29 18.32 2.59
N VAL C 15 16.62 17.27 2.11
CA VAL C 15 16.21 17.13 0.75
C VAL C 15 14.75 16.83 0.67
N SER C 16 14.25 16.63 -0.57
CA SER C 16 12.94 16.14 -0.82
C SER C 16 12.91 14.66 -0.73
N TYR C 17 11.72 14.08 -0.46
CA TYR C 17 11.46 12.68 -0.41
C TYR C 17 11.58 12.01 -1.75
N GLN C 18 11.35 12.75 -2.84
CA GLN C 18 11.57 12.27 -4.17
C GLN C 18 13.03 12.16 -4.47
N THR C 19 13.85 13.08 -3.93
CA THR C 19 15.29 13.05 -4.02
C THR C 19 15.84 11.83 -3.37
N VAL C 20 15.31 11.45 -2.20
CA VAL C 20 15.62 10.24 -1.50
C VAL C 20 15.36 8.98 -2.23
N SER C 21 14.14 8.78 -2.78
CA SER C 21 13.74 7.67 -3.58
C SER C 21 14.65 7.32 -4.71
N ARG C 22 15.10 8.35 -5.45
CA ARG C 22 16.06 8.22 -6.50
C ARG C 22 17.40 7.70 -6.10
N VAL C 23 17.72 7.71 -4.79
CA VAL C 23 18.94 7.20 -4.25
C VAL C 23 18.74 5.81 -3.76
N VAL C 24 17.73 5.63 -2.89
CA VAL C 24 17.26 4.46 -2.20
C VAL C 24 17.09 3.27 -3.06
N ASN C 25 16.29 3.35 -4.14
CA ASN C 25 16.07 2.24 -5.02
C ASN C 25 17.07 2.16 -6.13
N GLN C 26 18.09 3.03 -6.10
CA GLN C 26 19.16 3.16 -7.04
C GLN C 26 18.75 3.45 -8.44
N ALA C 27 18.34 4.71 -8.68
CA ALA C 27 17.96 5.19 -9.98
C ALA C 27 19.14 5.73 -10.72
N SER C 28 18.93 6.12 -12.00
CA SER C 28 19.94 6.60 -12.88
C SER C 28 20.44 7.98 -12.57
N HIS C 29 19.53 8.94 -12.37
CA HIS C 29 19.86 10.32 -12.19
C HIS C 29 20.41 10.67 -10.85
N VAL C 30 21.69 10.31 -10.60
CA VAL C 30 22.45 10.60 -9.43
C VAL C 30 23.67 11.37 -9.80
N SER C 31 23.72 12.66 -9.43
CA SER C 31 24.88 13.49 -9.59
C SER C 31 25.81 13.46 -8.42
N ALA C 32 25.52 12.57 -7.45
CA ALA C 32 26.27 12.27 -6.27
C ALA C 32 26.35 13.28 -5.18
N LYS C 33 26.56 14.57 -5.49
CA LYS C 33 26.77 15.68 -4.60
C LYS C 33 25.90 15.67 -3.39
N THR C 34 24.59 15.52 -3.66
CA THR C 34 23.59 15.45 -2.64
C THR C 34 23.39 14.04 -2.18
N ARG C 35 23.43 13.04 -3.07
CA ARG C 35 23.08 11.71 -2.66
C ARG C 35 23.98 11.10 -1.65
N GLU C 36 25.25 11.55 -1.56
CA GLU C 36 26.12 11.21 -0.48
C GLU C 36 25.61 11.57 0.88
N LYS C 37 24.78 12.61 0.99
CA LYS C 37 24.24 13.11 2.22
C LYS C 37 22.99 12.36 2.55
N VAL C 38 22.25 11.97 1.49
CA VAL C 38 21.09 11.13 1.58
C VAL C 38 21.44 9.74 2.00
N GLU C 39 22.53 9.20 1.43
CA GLU C 39 23.05 7.91 1.75
C GLU C 39 23.53 7.86 3.16
N ALA C 40 23.90 9.02 3.73
CA ALA C 40 24.22 9.16 5.12
C ALA C 40 23.01 9.27 5.98
N ALA C 41 21.89 9.86 5.52
CA ALA C 41 20.70 9.96 6.30
C ALA C 41 20.09 8.64 6.66
N MET C 42 19.97 7.74 5.67
CA MET C 42 19.56 6.39 5.87
C MET C 42 20.52 5.59 6.69
N ALA C 43 21.74 6.09 6.94
CA ALA C 43 22.72 5.44 7.74
C ALA C 43 22.64 5.81 9.18
N GLU C 44 22.43 7.11 9.49
CA GLU C 44 22.34 7.61 10.82
C GLU C 44 21.15 7.08 11.54
N LEU C 45 19.99 7.37 10.94
CA LEU C 45 18.67 7.03 11.38
C LEU C 45 18.38 5.57 11.33
N ASN C 46 18.99 4.89 10.35
CA ASN C 46 18.86 3.51 10.02
C ASN C 46 17.52 3.26 9.42
N TYR C 47 17.36 3.75 8.17
CA TYR C 47 16.18 3.66 7.38
C TYR C 47 15.72 2.27 7.09
N ILE C 48 14.39 2.09 7.16
CA ILE C 48 13.69 0.87 6.85
C ILE C 48 13.01 1.18 5.56
N PRO C 49 13.47 0.81 4.41
CA PRO C 49 12.60 0.64 3.29
C PRO C 49 11.55 -0.42 3.42
N ASN C 50 10.27 0.00 3.40
CA ASN C 50 9.12 -0.84 3.52
C ASN C 50 8.76 -1.38 2.17
N ARG C 51 8.70 -2.72 2.00
CA ARG C 51 8.46 -3.33 0.73
C ARG C 51 7.03 -3.35 0.34
N VAL C 52 6.08 -3.17 1.28
CA VAL C 52 4.68 -3.05 1.08
C VAL C 52 4.36 -1.75 0.42
N ALA C 53 5.07 -0.69 0.87
CA ALA C 53 5.07 0.64 0.35
C ALA C 53 5.62 0.74 -1.03
N GLN C 54 6.52 -0.19 -1.40
CA GLN C 54 7.05 -0.26 -2.73
C GLN C 54 6.17 -1.01 -3.66
N GLN C 55 5.32 -1.92 -3.13
CA GLN C 55 4.50 -2.77 -3.94
C GLN C 55 3.20 -2.22 -4.41
N LEU C 56 2.36 -1.63 -3.54
CA LEU C 56 1.07 -1.12 -3.90
C LEU C 56 1.16 0.01 -4.86
N ALA C 57 2.11 0.92 -4.59
CA ALA C 57 2.60 1.99 -5.40
C ALA C 57 2.98 1.56 -6.78
N GLY C 58 3.70 0.43 -6.86
CA GLY C 58 3.96 -0.27 -8.07
C GLY C 58 5.28 -0.04 -8.73
N LYS C 59 6.40 -0.24 -8.00
CA LYS C 59 7.72 -0.10 -8.55
C LYS C 59 8.05 -0.99 -9.71
N GLN C 60 8.41 -0.36 -10.84
CA GLN C 60 8.77 -0.98 -12.07
C GLN C 60 10.24 -1.22 -12.16
N SER C 61 10.66 -2.30 -12.84
CA SER C 61 12.03 -2.68 -13.00
C SER C 61 12.66 -1.86 -14.09
N LEU C 62 13.76 -1.18 -13.74
CA LEU C 62 14.61 -0.37 -14.56
C LEU C 62 14.00 0.91 -15.14
N MET D 1 -9.61 -14.95 -13.11
CA MET D 1 -8.23 -14.70 -13.59
C MET D 1 -7.66 -13.34 -13.37
N LYS D 2 -8.15 -12.31 -14.08
CA LYS D 2 -7.62 -10.98 -14.00
C LYS D 2 -8.07 -10.25 -12.78
N PRO D 3 -7.41 -9.26 -12.28
CA PRO D 3 -7.58 -8.93 -10.89
C PRO D 3 -8.84 -8.16 -10.74
N VAL D 4 -9.48 -8.15 -9.55
CA VAL D 4 -10.72 -7.49 -9.29
C VAL D 4 -10.45 -6.63 -8.11
N THR D 5 -11.36 -5.71 -7.72
CA THR D 5 -11.19 -4.90 -6.56
C THR D 5 -12.44 -5.00 -5.75
N LEU D 6 -12.37 -4.61 -4.46
CA LEU D 6 -13.47 -4.43 -3.57
C LEU D 6 -14.57 -3.57 -4.08
N TYR D 7 -14.24 -2.56 -4.91
CA TYR D 7 -15.15 -1.68 -5.57
C TYR D 7 -15.90 -2.35 -6.67
N ASP D 8 -15.24 -3.28 -7.40
CA ASP D 8 -15.79 -3.97 -8.52
C ASP D 8 -16.74 -5.02 -8.09
N VAL D 9 -16.53 -5.62 -6.92
CA VAL D 9 -17.42 -6.50 -6.23
C VAL D 9 -18.62 -5.76 -5.76
N ALA D 10 -18.37 -4.60 -5.13
CA ALA D 10 -19.37 -3.69 -4.66
C ALA D 10 -20.34 -3.21 -5.69
N GLU D 11 -19.85 -2.69 -6.83
CA GLU D 11 -20.65 -2.25 -7.94
C GLU D 11 -21.51 -3.32 -8.53
N TYR D 12 -21.03 -4.57 -8.58
CA TYR D 12 -21.81 -5.69 -9.02
C TYR D 12 -22.89 -6.08 -8.08
N ALA D 13 -22.63 -6.15 -6.76
CA ALA D 13 -23.62 -6.57 -5.82
C ALA D 13 -24.62 -5.50 -5.50
N GLY D 14 -24.27 -4.23 -5.80
CA GLY D 14 -25.10 -3.08 -5.62
C GLY D 14 -24.96 -2.43 -4.28
N VAL D 15 -23.75 -2.55 -3.68
CA VAL D 15 -23.44 -2.07 -2.38
C VAL D 15 -22.28 -1.12 -2.43
N SER D 16 -21.82 -0.68 -1.25
CA SER D 16 -20.62 0.09 -1.09
C SER D 16 -19.47 -0.81 -0.81
N TYR D 17 -18.25 -0.36 -1.15
CA TYR D 17 -16.99 -0.99 -0.89
C TYR D 17 -16.72 -1.22 0.56
N GLN D 18 -17.22 -0.33 1.44
CA GLN D 18 -17.12 -0.49 2.86
C GLN D 18 -17.96 -1.62 3.35
N THR D 19 -19.13 -1.85 2.71
CA THR D 19 -20.02 -2.94 2.97
C THR D 19 -19.38 -4.23 2.59
N VAL D 20 -18.69 -4.29 1.44
CA VAL D 20 -17.92 -5.40 0.98
C VAL D 20 -16.85 -5.84 1.92
N SER D 21 -15.98 -4.91 2.37
CA SER D 21 -14.93 -5.14 3.30
C SER D 21 -15.35 -5.80 4.56
N ARG D 22 -16.51 -5.41 5.12
CA ARG D 22 -17.10 -6.04 6.27
C ARG D 22 -17.57 -7.44 6.06
N VAL D 23 -17.58 -7.96 4.81
CA VAL D 23 -17.91 -9.32 4.53
C VAL D 23 -16.65 -10.08 4.28
N VAL D 24 -15.82 -9.58 3.35
CA VAL D 24 -14.56 -10.06 2.87
C VAL D 24 -13.62 -10.47 3.94
N ASN D 25 -13.28 -9.60 4.91
CA ASN D 25 -12.39 -9.94 5.97
C ASN D 25 -13.08 -10.50 7.17
N GLN D 26 -14.36 -10.88 7.03
CA GLN D 26 -15.22 -11.43 8.02
C GLN D 26 -15.33 -10.63 9.27
N ALA D 27 -16.10 -9.54 9.21
CA ALA D 27 -16.35 -8.70 10.34
C ALA D 27 -17.48 -9.21 11.16
N SER D 28 -17.80 -8.51 12.28
CA SER D 28 -18.83 -8.92 13.17
C SER D 28 -20.19 -8.50 12.71
N HIS D 29 -20.33 -7.24 12.28
CA HIS D 29 -21.56 -6.67 11.84
C HIS D 29 -22.05 -7.11 10.50
N VAL D 30 -22.50 -8.36 10.41
CA VAL D 30 -23.11 -8.96 9.25
C VAL D 30 -24.51 -9.36 9.54
N SER D 31 -25.50 -8.65 8.97
CA SER D 31 -26.89 -8.96 9.08
C SER D 31 -27.41 -9.90 8.05
N ALA D 32 -26.48 -10.48 7.26
CA ALA D 32 -26.67 -11.49 6.27
C ALA D 32 -27.36 -11.15 4.99
N LYS D 33 -28.52 -10.46 5.06
CA LYS D 33 -29.41 -10.15 3.99
C LYS D 33 -28.75 -9.71 2.74
N THR D 34 -27.88 -8.69 2.91
CA THR D 34 -27.13 -8.14 1.83
C THR D 34 -25.84 -8.86 1.62
N ARG D 35 -25.17 -9.36 2.67
CA ARG D 35 -23.88 -9.96 2.49
C ARG D 35 -23.89 -11.21 1.68
N GLU D 36 -25.00 -11.97 1.69
CA GLU D 36 -25.24 -13.06 0.80
C GLU D 36 -25.11 -12.74 -0.65
N LYS D 37 -25.37 -11.48 -1.05
CA LYS D 37 -25.31 -11.00 -2.39
C LYS D 37 -23.93 -10.52 -2.69
N VAL D 38 -23.24 -9.95 -1.70
CA VAL D 38 -21.86 -9.60 -1.76
C VAL D 38 -20.99 -10.81 -1.94
N GLU D 39 -21.27 -11.88 -1.18
CA GLU D 39 -20.59 -13.14 -1.26
C GLU D 39 -20.73 -13.75 -2.62
N ALA D 40 -21.87 -13.48 -3.29
CA ALA D 40 -22.09 -13.85 -4.65
C ALA D 40 -21.29 -13.01 -5.59
N ALA D 41 -21.09 -11.71 -5.34
CA ALA D 41 -20.34 -10.88 -6.22
C ALA D 41 -18.91 -11.28 -6.38
N MET D 42 -18.21 -11.52 -5.26
CA MET D 42 -16.87 -12.00 -5.23
C MET D 42 -16.73 -13.37 -5.82
N ALA D 43 -17.85 -14.11 -5.98
CA ALA D 43 -17.88 -15.41 -6.57
C ALA D 43 -18.00 -15.37 -8.05
N GLU D 44 -18.89 -14.53 -8.60
CA GLU D 44 -19.12 -14.39 -10.01
C GLU D 44 -17.92 -13.88 -10.74
N LEU D 45 -17.45 -12.70 -10.29
CA LEU D 45 -16.37 -11.95 -10.81
C LEU D 45 -15.03 -12.57 -10.57
N ASN D 46 -14.94 -13.35 -9.49
CA ASN D 46 -13.79 -14.02 -8.96
C ASN D 46 -12.83 -13.02 -8.41
N TYR D 47 -13.24 -12.36 -7.31
CA TYR D 47 -12.50 -11.38 -6.58
C TYR D 47 -11.18 -11.85 -6.07
N ILE D 48 -10.17 -10.97 -6.22
CA ILE D 48 -8.84 -11.15 -5.74
C ILE D 48 -8.74 -10.19 -4.61
N PRO D 49 -8.86 -10.58 -3.37
CA PRO D 49 -8.33 -9.82 -2.28
C PRO D 49 -6.84 -9.68 -2.24
N ASN D 50 -6.33 -8.44 -2.44
CA ASN D 50 -4.95 -8.13 -2.44
C ASN D 50 -4.42 -7.89 -1.07
N ARG D 51 -3.31 -8.56 -0.70
CA ARG D 51 -2.75 -8.56 0.61
C ARG D 51 -1.87 -7.38 0.87
N VAL D 52 -1.26 -6.78 -0.16
CA VAL D 52 -0.49 -5.58 -0.10
C VAL D 52 -1.35 -4.42 0.25
N ALA D 53 -2.56 -4.42 -0.35
CA ALA D 53 -3.65 -3.51 -0.13
C ALA D 53 -4.21 -3.60 1.25
N GLN D 54 -4.07 -4.77 1.91
CA GLN D 54 -4.46 -4.93 3.27
C GLN D 54 -3.39 -4.54 4.24
N GLN D 55 -2.11 -4.60 3.83
CA GLN D 55 -1.01 -4.34 4.72
C GLN D 55 -0.65 -2.92 4.93
N LEU D 56 -0.52 -2.08 3.89
CA LEU D 56 -0.14 -0.71 4.00
C LEU D 56 -1.17 0.09 4.72
N ALA D 57 -2.44 -0.23 4.40
CA ALA D 57 -3.65 0.21 5.01
C ALA D 57 -3.72 -0.10 6.47
N GLY D 58 -3.22 -1.28 6.87
CA GLY D 58 -3.03 -1.67 8.24
C GLY D 58 -4.12 -2.37 8.94
N LYS D 59 -4.63 -3.48 8.39
CA LYS D 59 -5.62 -4.30 9.02
C LYS D 59 -5.27 -4.84 10.37
N GLN D 60 -6.17 -4.62 11.34
CA GLN D 60 -6.01 -5.03 12.70
C GLN D 60 -6.72 -6.32 12.94
N SER D 61 -6.21 -7.18 13.82
CA SER D 61 -6.79 -8.45 14.10
C SER D 61 -7.90 -8.35 15.08
N LEU D 62 -9.14 -8.65 14.64
CA LEU D 62 -10.34 -8.66 15.44
C LEU D 62 -10.80 -7.27 15.85
#